data_7HNB
# 
_entry.id   7HNB 
# 
_audit_conform.dict_name       mmcif_pdbx.dic 
_audit_conform.dict_version    5.399 
_audit_conform.dict_location   http://mmcif.pdb.org/dictionaries/ascii/mmcif_pdbx.dic 
# 
loop_
_database_2.database_id 
_database_2.database_code 
_database_2.pdbx_database_accession 
_database_2.pdbx_DOI 
PDB   7HNB         pdb_00007hnb 10.2210/pdb7hnb/pdb 
WWPDB D_1001407689 ?            ?                   
# 
_pdbx_audit_revision_history.ordinal             1 
_pdbx_audit_revision_history.data_content_type   'Structure model' 
_pdbx_audit_revision_history.major_revision      1 
_pdbx_audit_revision_history.minor_revision      0 
_pdbx_audit_revision_history.revision_date       2024-11-27 
# 
_pdbx_audit_revision_details.ordinal             1 
_pdbx_audit_revision_details.revision_ordinal    1 
_pdbx_audit_revision_details.data_content_type   'Structure model' 
_pdbx_audit_revision_details.provider            repository 
_pdbx_audit_revision_details.type                'Initial release' 
_pdbx_audit_revision_details.description         ? 
_pdbx_audit_revision_details.details             ? 
# 
_pdbx_database_status.entry_id                        7HNB 
_pdbx_database_status.status_code                     REL 
_pdbx_database_status.status_code_sf                  REL 
_pdbx_database_status.status_code_mr                  ? 
_pdbx_database_status.status_code_cs                  ? 
_pdbx_database_status.recvd_initial_deposition_date   2024-11-04 
_pdbx_database_status.status_code_nmr_data            ? 
_pdbx_database_status.deposit_site                    RCSB 
_pdbx_database_status.process_site                    RCSB 
_pdbx_database_status.SG_entry                        ? 
_pdbx_database_status.pdb_format_compatible           Y 
_pdbx_database_status.methods_development_category    ? 
# 
_pdbx_contact_author.id                 1 
_pdbx_contact_author.email              knapp@pharmchem.uni-frankfurt.de 
_pdbx_contact_author.name_first         Stefan 
_pdbx_contact_author.name_last          Knapp 
_pdbx_contact_author.role               'principal investigator/group leader' 
_pdbx_contact_author.identifier_ORCID   0000-0001-5995-6494 
_pdbx_contact_author.name_mi            ? 
# 
loop_
_audit_author.name 
_audit_author.pdbx_ordinal 
'Kim, Y.'                              1 
'Marples, P.'                          2 
'Fearon, D.'                           3 
'von Delft, F.'                        4 
'Knapp, S.'                            5 
'Kraemer, A.'                          6 
'Structural Genomics Consortium (SGC)' 7 
# 
_citation.id                        primary 
_citation.title                     'PanDDA analysis group deposition' 
_citation.journal_abbrev            'To Be Published' 
_citation.journal_volume            ? 
_citation.page_first                ? 
_citation.page_last                 ? 
_citation.year                      ? 
_citation.journal_id_ASTM           ? 
_citation.country                   ? 
_citation.journal_id_ISSN           ? 
_citation.journal_id_CSD            0353 
_citation.book_publisher            ? 
_citation.pdbx_database_id_PubMed   ? 
_citation.pdbx_database_id_DOI      ? 
# 
loop_
_citation_author.citation_id 
_citation_author.name 
_citation_author.identifier_ORCID 
_citation_author.ordinal 
primary 'Kim, Y.'                              ? 1 
primary 'Marples, P.'                          ? 2 
primary 'Fearon, D.'                           ? 3 
primary 'von Delft, F.'                        ? 4 
primary 'Knapp, S.'                            ? 5 
primary 'Kraemer, A.'                          ? 6 
primary 'Structural Genomics Consortium (SGC)' ? 7 
# 
loop_
_entity.id 
_entity.type 
_entity.src_method 
_entity.pdbx_description 
_entity.formula_weight 
_entity.pdbx_number_of_molecules 
_entity.pdbx_ec 
_entity.pdbx_mutation 
_entity.pdbx_fragment 
_entity.details 
1 polymer     man 'E3 ubiquitin-protein ligase TRIM21' 21596.361 1   2.3.2.27 ? ? ? 
2 non-polymer syn N-Benzyl-2-methoxyacetamide          179.216   1   ?        ? ? ? 
3 non-polymer syn 1,2-ETHANEDIOL                       62.068    1   ?        ? ? ? 
4 non-polymer syn 'SULFATE ION'                        96.063    1   ?        ? ? ? 
5 water       nat water                                18.015    140 ?        ? ? ? 
# 
_entity_name_com.entity_id   1 
_entity_name_com.name        
;52 kDa Ro protein,52 kDa ribonucleoprotein autoantigen Ro/SS-A,Ro(SS-A),Sjoegren syndrome type A antigen,SS-A,Tripartite motif-containing protein 21
;
# 
_entity_poly.entity_id                      1 
_entity_poly.type                           'polypeptide(L)' 
_entity_poly.nstd_linkage                   no 
_entity_poly.nstd_monomer                   no 
_entity_poly.pdbx_seq_one_letter_code       
;MHHHHHHMVHITLDRNTANSWLIISKDRRQVRMGDTHQNVSDNKERFSNYPMVLGAQRFSSGKMYWEVDVTQKEAWDLGV
CRDSVQRKGQFSLSPENGFWTIWLWQDSYEAGTSPQTTLHIQVPPCQIGIFVDYEAGVVSFYNITDHGSLIYTFSECVFA
GPLRPFFNVGFNYSGGNAAPLKLCPLKM
;
_entity_poly.pdbx_seq_one_letter_code_can   
;MHHHHHHMVHITLDRNTANSWLIISKDRRQVRMGDTHQNVSDNKERFSNYPMVLGAQRFSSGKMYWEVDVTQKEAWDLGV
CRDSVQRKGQFSLSPENGFWTIWLWQDSYEAGTSPQTTLHIQVPPCQIGIFVDYEAGVVSFYNITDHGSLIYTFSECVFA
GPLRPFFNVGFNYSGGNAAPLKLCPLKM
;
_entity_poly.pdbx_strand_id                 B 
_entity_poly.pdbx_target_identifier         ? 
# 
loop_
_pdbx_entity_nonpoly.entity_id 
_pdbx_entity_nonpoly.name 
_pdbx_entity_nonpoly.comp_id 
2 N-Benzyl-2-methoxyacetamide T9Q 
3 1,2-ETHANEDIOL              EDO 
4 'SULFATE ION'               SO4 
5 water                       HOH 
# 
loop_
_entity_poly_seq.entity_id 
_entity_poly_seq.num 
_entity_poly_seq.mon_id 
_entity_poly_seq.hetero 
1 1   MET n 
1 2   HIS n 
1 3   HIS n 
1 4   HIS n 
1 5   HIS n 
1 6   HIS n 
1 7   HIS n 
1 8   MET n 
1 9   VAL n 
1 10  HIS n 
1 11  ILE n 
1 12  THR n 
1 13  LEU n 
1 14  ASP n 
1 15  ARG n 
1 16  ASN n 
1 17  THR n 
1 18  ALA n 
1 19  ASN n 
1 20  SER n 
1 21  TRP n 
1 22  LEU n 
1 23  ILE n 
1 24  ILE n 
1 25  SER n 
1 26  LYS n 
1 27  ASP n 
1 28  ARG n 
1 29  ARG n 
1 30  GLN n 
1 31  VAL n 
1 32  ARG n 
1 33  MET n 
1 34  GLY n 
1 35  ASP n 
1 36  THR n 
1 37  HIS n 
1 38  GLN n 
1 39  ASN n 
1 40  VAL n 
1 41  SER n 
1 42  ASP n 
1 43  ASN n 
1 44  LYS n 
1 45  GLU n 
1 46  ARG n 
1 47  PHE n 
1 48  SER n 
1 49  ASN n 
1 50  TYR n 
1 51  PRO n 
1 52  MET n 
1 53  VAL n 
1 54  LEU n 
1 55  GLY n 
1 56  ALA n 
1 57  GLN n 
1 58  ARG n 
1 59  PHE n 
1 60  SER n 
1 61  SER n 
1 62  GLY n 
1 63  LYS n 
1 64  MET n 
1 65  TYR n 
1 66  TRP n 
1 67  GLU n 
1 68  VAL n 
1 69  ASP n 
1 70  VAL n 
1 71  THR n 
1 72  GLN n 
1 73  LYS n 
1 74  GLU n 
1 75  ALA n 
1 76  TRP n 
1 77  ASP n 
1 78  LEU n 
1 79  GLY n 
1 80  VAL n 
1 81  CYS n 
1 82  ARG n 
1 83  ASP n 
1 84  SER n 
1 85  VAL n 
1 86  GLN n 
1 87  ARG n 
1 88  LYS n 
1 89  GLY n 
1 90  GLN n 
1 91  PHE n 
1 92  SER n 
1 93  LEU n 
1 94  SER n 
1 95  PRO n 
1 96  GLU n 
1 97  ASN n 
1 98  GLY n 
1 99  PHE n 
1 100 TRP n 
1 101 THR n 
1 102 ILE n 
1 103 TRP n 
1 104 LEU n 
1 105 TRP n 
1 106 GLN n 
1 107 ASP n 
1 108 SER n 
1 109 TYR n 
1 110 GLU n 
1 111 ALA n 
1 112 GLY n 
1 113 THR n 
1 114 SER n 
1 115 PRO n 
1 116 GLN n 
1 117 THR n 
1 118 THR n 
1 119 LEU n 
1 120 HIS n 
1 121 ILE n 
1 122 GLN n 
1 123 VAL n 
1 124 PRO n 
1 125 PRO n 
1 126 CYS n 
1 127 GLN n 
1 128 ILE n 
1 129 GLY n 
1 130 ILE n 
1 131 PHE n 
1 132 VAL n 
1 133 ASP n 
1 134 TYR n 
1 135 GLU n 
1 136 ALA n 
1 137 GLY n 
1 138 VAL n 
1 139 VAL n 
1 140 SER n 
1 141 PHE n 
1 142 TYR n 
1 143 ASN n 
1 144 ILE n 
1 145 THR n 
1 146 ASP n 
1 147 HIS n 
1 148 GLY n 
1 149 SER n 
1 150 LEU n 
1 151 ILE n 
1 152 TYR n 
1 153 THR n 
1 154 PHE n 
1 155 SER n 
1 156 GLU n 
1 157 CYS n 
1 158 VAL n 
1 159 PHE n 
1 160 ALA n 
1 161 GLY n 
1 162 PRO n 
1 163 LEU n 
1 164 ARG n 
1 165 PRO n 
1 166 PHE n 
1 167 PHE n 
1 168 ASN n 
1 169 VAL n 
1 170 GLY n 
1 171 PHE n 
1 172 ASN n 
1 173 TYR n 
1 174 SER n 
1 175 GLY n 
1 176 GLY n 
1 177 ASN n 
1 178 ALA n 
1 179 ALA n 
1 180 PRO n 
1 181 LEU n 
1 182 LYS n 
1 183 LEU n 
1 184 CYS n 
1 185 PRO n 
1 186 LEU n 
1 187 LYS n 
1 188 MET n 
# 
_entity_src_gen.entity_id                          1 
_entity_src_gen.pdbx_src_id                        1 
_entity_src_gen.pdbx_alt_source_flag               sample 
_entity_src_gen.pdbx_seq_type                      'Biological sequence' 
_entity_src_gen.pdbx_beg_seq_num                   1 
_entity_src_gen.pdbx_end_seq_num                   188 
_entity_src_gen.gene_src_common_name               'house mouse' 
_entity_src_gen.gene_src_genus                     ? 
_entity_src_gen.pdbx_gene_src_gene                 'Trim21, Ro52, Ssa1' 
_entity_src_gen.gene_src_species                   ? 
_entity_src_gen.gene_src_strain                    ? 
_entity_src_gen.gene_src_tissue                    ? 
_entity_src_gen.gene_src_tissue_fraction           ? 
_entity_src_gen.gene_src_details                   ? 
_entity_src_gen.pdbx_gene_src_fragment             ? 
_entity_src_gen.pdbx_gene_src_scientific_name      'Mus musculus' 
_entity_src_gen.pdbx_gene_src_ncbi_taxonomy_id     10090 
_entity_src_gen.pdbx_gene_src_variant              ? 
_entity_src_gen.pdbx_gene_src_cell_line            ? 
_entity_src_gen.pdbx_gene_src_atcc                 ? 
_entity_src_gen.pdbx_gene_src_organ                ? 
_entity_src_gen.pdbx_gene_src_organelle            ? 
_entity_src_gen.pdbx_gene_src_cell                 ? 
_entity_src_gen.pdbx_gene_src_cellular_location    ? 
_entity_src_gen.host_org_common_name               ? 
_entity_src_gen.pdbx_host_org_scientific_name      'Escherichia coli' 
_entity_src_gen.pdbx_host_org_ncbi_taxonomy_id     562 
_entity_src_gen.host_org_genus                     ? 
_entity_src_gen.pdbx_host_org_gene                 ? 
_entity_src_gen.pdbx_host_org_organ                ? 
_entity_src_gen.host_org_species                   ? 
_entity_src_gen.pdbx_host_org_tissue               ? 
_entity_src_gen.pdbx_host_org_tissue_fraction      ? 
_entity_src_gen.pdbx_host_org_strain               ? 
_entity_src_gen.pdbx_host_org_variant              ? 
_entity_src_gen.pdbx_host_org_cell_line            ? 
_entity_src_gen.pdbx_host_org_atcc                 ? 
_entity_src_gen.pdbx_host_org_culture_collection   ? 
_entity_src_gen.pdbx_host_org_cell                 ? 
_entity_src_gen.pdbx_host_org_organelle            ? 
_entity_src_gen.pdbx_host_org_cellular_location    ? 
_entity_src_gen.pdbx_host_org_vector_type          ? 
_entity_src_gen.pdbx_host_org_vector               ? 
_entity_src_gen.host_org_details                   ? 
_entity_src_gen.expression_system_id               ? 
_entity_src_gen.plasmid_name                       ? 
_entity_src_gen.plasmid_details                    ? 
_entity_src_gen.pdbx_description                   ? 
# 
loop_
_chem_comp.id 
_chem_comp.type 
_chem_comp.mon_nstd_flag 
_chem_comp.name 
_chem_comp.pdbx_synonyms 
_chem_comp.formula 
_chem_comp.formula_weight 
ALA 'L-peptide linking' y ALANINE                     ?                                         'C3 H7 N O2'     89.093  
ARG 'L-peptide linking' y ARGININE                    ?                                         'C6 H15 N4 O2 1' 175.209 
ASN 'L-peptide linking' y ASPARAGINE                  ?                                         'C4 H8 N2 O3'    132.118 
ASP 'L-peptide linking' y 'ASPARTIC ACID'             ?                                         'C4 H7 N O4'     133.103 
CYS 'L-peptide linking' y CYSTEINE                    ?                                         'C3 H7 N O2 S'   121.158 
EDO non-polymer         . 1,2-ETHANEDIOL              'ETHYLENE GLYCOL'                         'C2 H6 O2'       62.068  
GLN 'L-peptide linking' y GLUTAMINE                   ?                                         'C5 H10 N2 O3'   146.144 
GLU 'L-peptide linking' y 'GLUTAMIC ACID'             ?                                         'C5 H9 N O4'     147.129 
GLY 'peptide linking'   y GLYCINE                     ?                                         'C2 H5 N O2'     75.067  
HIS 'L-peptide linking' y HISTIDINE                   ?                                         'C6 H10 N3 O2 1' 156.162 
HOH non-polymer         . WATER                       ?                                         'H2 O'           18.015  
ILE 'L-peptide linking' y ISOLEUCINE                  ?                                         'C6 H13 N O2'    131.173 
LEU 'L-peptide linking' y LEUCINE                     ?                                         'C6 H13 N O2'    131.173 
LYS 'L-peptide linking' y LYSINE                      ?                                         'C6 H15 N2 O2 1' 147.195 
MET 'L-peptide linking' y METHIONINE                  ?                                         'C5 H11 N O2 S'  149.211 
PHE 'L-peptide linking' y PHENYLALANINE               ?                                         'C9 H11 N O2'    165.189 
PRO 'L-peptide linking' y PROLINE                     ?                                         'C5 H9 N O2'     115.130 
SER 'L-peptide linking' y SERINE                      ?                                         'C3 H7 N O3'     105.093 
SO4 non-polymer         . 'SULFATE ION'               ?                                         'O4 S -2'        96.063  
T9Q non-polymer         . N-Benzyl-2-methoxyacetamide '2-methoxy-~{N}-(phenylmethyl)ethanamide' 'C10 H13 N O2'   179.216 
THR 'L-peptide linking' y THREONINE                   ?                                         'C4 H9 N O3'     119.119 
TRP 'L-peptide linking' y TRYPTOPHAN                  ?                                         'C11 H12 N2 O2'  204.225 
TYR 'L-peptide linking' y TYROSINE                    ?                                         'C9 H11 N O3'    181.189 
VAL 'L-peptide linking' y VALINE                      ?                                         'C5 H11 N O2'    117.146 
# 
loop_
_pdbx_poly_seq_scheme.asym_id 
_pdbx_poly_seq_scheme.entity_id 
_pdbx_poly_seq_scheme.seq_id 
_pdbx_poly_seq_scheme.mon_id 
_pdbx_poly_seq_scheme.ndb_seq_num 
_pdbx_poly_seq_scheme.pdb_seq_num 
_pdbx_poly_seq_scheme.auth_seq_num 
_pdbx_poly_seq_scheme.pdb_mon_id 
_pdbx_poly_seq_scheme.auth_mon_id 
_pdbx_poly_seq_scheme.pdb_strand_id 
_pdbx_poly_seq_scheme.pdb_ins_code 
_pdbx_poly_seq_scheme.hetero 
A 1 1   MET 1   7   ?   ?   ?   B . n 
A 1 2   HIS 2   8   8   HIS HIS B . n 
A 1 3   HIS 3   9   9   HIS HIS B . n 
A 1 4   HIS 4   10  10  HIS HIS B . n 
A 1 5   HIS 5   11  11  HIS HIS B . n 
A 1 6   HIS 6   12  12  HIS HIS B . n 
A 1 7   HIS 7   13  13  HIS HIS B . n 
A 1 8   MET 8   14  14  MET MET B . n 
A 1 9   VAL 9   15  15  VAL VAL B . n 
A 1 10  HIS 10  16  16  HIS HIS B . n 
A 1 11  ILE 11  17  17  ILE ILE B . n 
A 1 12  THR 12  18  18  THR THR B . n 
A 1 13  LEU 13  19  19  LEU LEU B . n 
A 1 14  ASP 14  20  20  ASP ASP B . n 
A 1 15  ARG 15  21  21  ARG ARG B . n 
A 1 16  ASN 16  22  22  ASN ASN B . n 
A 1 17  THR 17  23  23  THR THR B . n 
A 1 18  ALA 18  24  24  ALA ALA B . n 
A 1 19  ASN 19  25  25  ASN ASN B . n 
A 1 20  SER 20  26  26  SER SER B . n 
A 1 21  TRP 21  27  27  TRP TRP B . n 
A 1 22  LEU 22  28  28  LEU LEU B . n 
A 1 23  ILE 23  29  29  ILE ILE B . n 
A 1 24  ILE 24  30  30  ILE ILE B . n 
A 1 25  SER 25  31  31  SER SER B . n 
A 1 26  LYS 26  32  32  LYS LYS B . n 
A 1 27  ASP 27  33  33  ASP ASP B . n 
A 1 28  ARG 28  34  34  ARG ARG B . n 
A 1 29  ARG 29  35  35  ARG ARG B . n 
A 1 30  GLN 30  36  36  GLN GLN B . n 
A 1 31  VAL 31  37  37  VAL VAL B . n 
A 1 32  ARG 32  38  38  ARG ARG B . n 
A 1 33  MET 33  39  39  MET MET B . n 
A 1 34  GLY 34  40  40  GLY GLY B . n 
A 1 35  ASP 35  41  41  ASP ASP B . n 
A 1 36  THR 36  42  42  THR THR B . n 
A 1 37  HIS 37  43  43  HIS HIS B . n 
A 1 38  GLN 38  44  44  GLN GLN B . n 
A 1 39  ASN 39  45  45  ASN ASN B . n 
A 1 40  VAL 40  46  46  VAL VAL B . n 
A 1 41  SER 41  47  47  SER SER B . n 
A 1 42  ASP 42  48  48  ASP ASP B . n 
A 1 43  ASN 43  49  49  ASN ASN B . n 
A 1 44  LYS 44  50  50  LYS LYS B . n 
A 1 45  GLU 45  51  51  GLU GLU B . n 
A 1 46  ARG 46  52  52  ARG ARG B . n 
A 1 47  PHE 47  53  53  PHE PHE B . n 
A 1 48  SER 48  54  54  SER SER B . n 
A 1 49  ASN 49  55  55  ASN ASN B . n 
A 1 50  TYR 50  56  56  TYR TYR B . n 
A 1 51  PRO 51  57  57  PRO PRO B . n 
A 1 52  MET 52  58  58  MET MET B . n 
A 1 53  VAL 53  59  59  VAL VAL B . n 
A 1 54  LEU 54  60  60  LEU LEU B . n 
A 1 55  GLY 55  61  61  GLY GLY B . n 
A 1 56  ALA 56  62  62  ALA ALA B . n 
A 1 57  GLN 57  63  63  GLN GLN B . n 
A 1 58  ARG 58  64  64  ARG ARG B . n 
A 1 59  PHE 59  65  65  PHE PHE B . n 
A 1 60  SER 60  66  66  SER SER B . n 
A 1 61  SER 61  67  67  SER SER B . n 
A 1 62  GLY 62  68  68  GLY GLY B . n 
A 1 63  LYS 63  69  69  LYS LYS B . n 
A 1 64  MET 64  70  70  MET MET B . n 
A 1 65  TYR 65  71  71  TYR TYR B . n 
A 1 66  TRP 66  72  72  TRP TRP B . n 
A 1 67  GLU 67  73  73  GLU GLU B . n 
A 1 68  VAL 68  74  74  VAL VAL B . n 
A 1 69  ASP 69  75  75  ASP ASP B . n 
A 1 70  VAL 70  76  76  VAL VAL B . n 
A 1 71  THR 71  77  77  THR THR B . n 
A 1 72  GLN 72  78  78  GLN GLN B . n 
A 1 73  LYS 73  79  79  LYS LYS B . n 
A 1 74  GLU 74  80  80  GLU GLU B . n 
A 1 75  ALA 75  81  81  ALA ALA B . n 
A 1 76  TRP 76  82  82  TRP TRP B . n 
A 1 77  ASP 77  83  83  ASP ASP B . n 
A 1 78  LEU 78  84  84  LEU LEU B . n 
A 1 79  GLY 79  85  85  GLY GLY B . n 
A 1 80  VAL 80  86  86  VAL VAL B . n 
A 1 81  CYS 81  87  87  CYS CYS B . n 
A 1 82  ARG 82  88  88  ARG ARG B . n 
A 1 83  ASP 83  89  89  ASP ASP B . n 
A 1 84  SER 84  90  90  SER SER B . n 
A 1 85  VAL 85  91  91  VAL VAL B . n 
A 1 86  GLN 86  92  92  GLN GLN B . n 
A 1 87  ARG 87  93  93  ARG ARG B . n 
A 1 88  LYS 88  94  94  LYS LYS B . n 
A 1 89  GLY 89  95  95  GLY GLY B . n 
A 1 90  GLN 90  96  96  GLN GLN B . n 
A 1 91  PHE 91  97  97  PHE PHE B . n 
A 1 92  SER 92  98  98  SER SER B . n 
A 1 93  LEU 93  99  99  LEU LEU B . n 
A 1 94  SER 94  100 100 SER SER B . n 
A 1 95  PRO 95  101 101 PRO PRO B . n 
A 1 96  GLU 96  102 102 GLU GLU B . n 
A 1 97  ASN 97  103 103 ASN ASN B . n 
A 1 98  GLY 98  104 104 GLY GLY B . n 
A 1 99  PHE 99  105 105 PHE PHE B . n 
A 1 100 TRP 100 106 106 TRP TRP B . n 
A 1 101 THR 101 107 107 THR THR B . n 
A 1 102 ILE 102 108 108 ILE ILE B . n 
A 1 103 TRP 103 109 109 TRP TRP B . n 
A 1 104 LEU 104 110 110 LEU LEU B . n 
A 1 105 TRP 105 111 111 TRP TRP B . n 
A 1 106 GLN 106 112 112 GLN GLN B . n 
A 1 107 ASP 107 113 113 ASP ASP B . n 
A 1 108 SER 108 114 114 SER SER B . n 
A 1 109 TYR 109 115 115 TYR TYR B . n 
A 1 110 GLU 110 116 116 GLU GLU B . n 
A 1 111 ALA 111 117 117 ALA ALA B . n 
A 1 112 GLY 112 118 118 GLY GLY B . n 
A 1 113 THR 113 119 119 THR THR B . n 
A 1 114 SER 114 120 120 SER SER B . n 
A 1 115 PRO 115 121 121 PRO PRO B . n 
A 1 116 GLN 116 122 122 GLN GLN B . n 
A 1 117 THR 117 123 123 THR THR B . n 
A 1 118 THR 118 124 124 THR THR B . n 
A 1 119 LEU 119 125 125 LEU LEU B . n 
A 1 120 HIS 120 126 126 HIS HIS B . n 
A 1 121 ILE 121 127 127 ILE ILE B . n 
A 1 122 GLN 122 128 128 GLN GLN B . n 
A 1 123 VAL 123 129 129 VAL VAL B . n 
A 1 124 PRO 124 130 130 PRO PRO B . n 
A 1 125 PRO 125 131 131 PRO PRO B . n 
A 1 126 CYS 126 132 132 CYS CYS B . n 
A 1 127 GLN 127 133 133 GLN GLN B . n 
A 1 128 ILE 128 134 134 ILE ILE B . n 
A 1 129 GLY 129 135 135 GLY GLY B . n 
A 1 130 ILE 130 136 136 ILE ILE B . n 
A 1 131 PHE 131 137 137 PHE PHE B . n 
A 1 132 VAL 132 138 138 VAL VAL B . n 
A 1 133 ASP 133 139 139 ASP ASP B . n 
A 1 134 TYR 134 140 140 TYR TYR B . n 
A 1 135 GLU 135 141 141 GLU GLU B . n 
A 1 136 ALA 136 142 142 ALA ALA B . n 
A 1 137 GLY 137 143 143 GLY GLY B . n 
A 1 138 VAL 138 144 144 VAL VAL B . n 
A 1 139 VAL 139 145 145 VAL VAL B . n 
A 1 140 SER 140 146 146 SER SER B . n 
A 1 141 PHE 141 147 147 PHE PHE B . n 
A 1 142 TYR 142 148 148 TYR TYR B . n 
A 1 143 ASN 143 149 149 ASN ASN B . n 
A 1 144 ILE 144 150 150 ILE ILE B . n 
A 1 145 THR 145 151 151 THR THR B . n 
A 1 146 ASP 146 152 152 ASP ASP B . n 
A 1 147 HIS 147 153 153 HIS HIS B . n 
A 1 148 GLY 148 154 154 GLY GLY B . n 
A 1 149 SER 149 155 155 SER SER B . n 
A 1 150 LEU 150 156 156 LEU LEU B . n 
A 1 151 ILE 151 157 157 ILE ILE B . n 
A 1 152 TYR 152 158 158 TYR TYR B . n 
A 1 153 THR 153 159 159 THR THR B . n 
A 1 154 PHE 154 160 160 PHE PHE B . n 
A 1 155 SER 155 161 161 SER SER B . n 
A 1 156 GLU 156 162 162 GLU GLU B . n 
A 1 157 CYS 157 163 163 CYS CYS B . n 
A 1 158 VAL 158 164 164 VAL VAL B . n 
A 1 159 PHE 159 165 165 PHE PHE B . n 
A 1 160 ALA 160 166 166 ALA ALA B . n 
A 1 161 GLY 161 167 167 GLY GLY B . n 
A 1 162 PRO 162 168 168 PRO PRO B . n 
A 1 163 LEU 163 169 169 LEU LEU B . n 
A 1 164 ARG 164 170 170 ARG ARG B . n 
A 1 165 PRO 165 171 171 PRO PRO B . n 
A 1 166 PHE 166 172 172 PHE PHE B . n 
A 1 167 PHE 167 173 173 PHE PHE B . n 
A 1 168 ASN 168 174 174 ASN ASN B . n 
A 1 169 VAL 169 175 175 VAL VAL B . n 
A 1 170 GLY 170 176 176 GLY GLY B . n 
A 1 171 PHE 171 177 177 PHE PHE B . n 
A 1 172 ASN 172 178 178 ASN ASN B . n 
A 1 173 TYR 173 179 179 TYR TYR B . n 
A 1 174 SER 174 180 180 SER SER B . n 
A 1 175 GLY 175 181 181 GLY GLY B . n 
A 1 176 GLY 176 182 182 GLY GLY B . n 
A 1 177 ASN 177 183 183 ASN ASN B . n 
A 1 178 ALA 178 184 184 ALA ALA B . n 
A 1 179 ALA 179 185 185 ALA ALA B . n 
A 1 180 PRO 180 186 186 PRO PRO B . n 
A 1 181 LEU 181 187 187 LEU LEU B . n 
A 1 182 LYS 182 188 188 LYS LYS B . n 
A 1 183 LEU 183 189 189 LEU LEU B . n 
A 1 184 CYS 184 190 190 CYS CYS B . n 
A 1 185 PRO 185 191 191 PRO PRO B . n 
A 1 186 LEU 186 192 192 LEU LEU B . n 
A 1 187 LYS 187 193 ?   ?   ?   B . n 
A 1 188 MET 188 194 ?   ?   ?   B . n 
# 
_pdbx_entity_instance_feature.ordinal        1 
_pdbx_entity_instance_feature.comp_id        T9Q 
_pdbx_entity_instance_feature.asym_id        ? 
_pdbx_entity_instance_feature.seq_num        ? 
_pdbx_entity_instance_feature.auth_comp_id   T9Q 
_pdbx_entity_instance_feature.auth_asym_id   ? 
_pdbx_entity_instance_feature.auth_seq_num   ? 
_pdbx_entity_instance_feature.feature_type   'SUBJECT OF INVESTIGATION' 
_pdbx_entity_instance_feature.details        ? 
# 
loop_
_pdbx_nonpoly_scheme.asym_id 
_pdbx_nonpoly_scheme.entity_id 
_pdbx_nonpoly_scheme.mon_id 
_pdbx_nonpoly_scheme.ndb_seq_num 
_pdbx_nonpoly_scheme.pdb_seq_num 
_pdbx_nonpoly_scheme.auth_seq_num 
_pdbx_nonpoly_scheme.pdb_mon_id 
_pdbx_nonpoly_scheme.auth_mon_id 
_pdbx_nonpoly_scheme.pdb_strand_id 
_pdbx_nonpoly_scheme.pdb_ins_code 
B 2 T9Q 1   201 302 T9Q LIG B . 
C 3 EDO 1   202 305 EDO EDO B . 
D 4 SO4 1   203 1   SO4 SO4 B . 
E 5 HOH 1   301 11  HOH HOH B . 
E 5 HOH 2   302 29  HOH HOH B . 
E 5 HOH 3   303 26  HOH HOH B . 
E 5 HOH 4   304 2   HOH HOH B . 
E 5 HOH 5   305 85  HOH HOH B . 
E 5 HOH 6   306 107 HOH HOH B . 
E 5 HOH 7   307 40  HOH HOH B . 
E 5 HOH 8   308 99  HOH HOH B . 
E 5 HOH 9   309 1   HOH HOH B . 
E 5 HOH 10  310 9   HOH HOH B . 
E 5 HOH 11  311 16  HOH HOH B . 
E 5 HOH 12  312 33  HOH HOH B . 
E 5 HOH 13  313 10  HOH HOH B . 
E 5 HOH 14  314 281 HOH HOH B . 
E 5 HOH 15  315 63  HOH HOH B . 
E 5 HOH 16  316 214 HOH HOH B . 
E 5 HOH 17  317 5   HOH HOH B . 
E 5 HOH 18  318 39  HOH HOH B . 
E 5 HOH 19  319 51  HOH HOH B . 
E 5 HOH 20  320 21  HOH HOH B . 
E 5 HOH 21  321 90  HOH HOH B . 
E 5 HOH 22  322 34  HOH HOH B . 
E 5 HOH 23  323 95  HOH HOH B . 
E 5 HOH 24  324 89  HOH HOH B . 
E 5 HOH 25  325 36  HOH HOH B . 
E 5 HOH 26  326 102 HOH HOH B . 
E 5 HOH 27  327 62  HOH HOH B . 
E 5 HOH 28  328 15  HOH HOH B . 
E 5 HOH 29  329 27  HOH HOH B . 
E 5 HOH 30  330 18  HOH HOH B . 
E 5 HOH 31  331 11  HOH HOH B . 
E 5 HOH 32  332 267 HOH HOH B . 
E 5 HOH 33  333 27  HOH HOH B . 
E 5 HOH 34  334 19  HOH HOH B . 
E 5 HOH 35  335 70  HOH HOH B . 
E 5 HOH 36  336 22  HOH HOH B . 
E 5 HOH 37  337 86  HOH HOH B . 
E 5 HOH 38  338 211 HOH HOH B . 
E 5 HOH 39  339 32  HOH HOH B . 
E 5 HOH 40  340 58  HOH HOH B . 
E 5 HOH 41  341 43  HOH HOH B . 
E 5 HOH 42  342 26  HOH HOH B . 
E 5 HOH 43  343 72  HOH HOH B . 
E 5 HOH 44  344 20  HOH HOH B . 
E 5 HOH 45  345 2   HOH HOH B . 
E 5 HOH 46  346 16  HOH HOH B . 
E 5 HOH 47  347 3   HOH HOH B . 
E 5 HOH 48  348 4   HOH HOH B . 
E 5 HOH 49  349 81  HOH HOH B . 
E 5 HOH 50  350 80  HOH HOH B . 
E 5 HOH 51  351 137 HOH HOH B . 
E 5 HOH 52  352 55  HOH HOH B . 
E 5 HOH 53  353 50  HOH HOH B . 
E 5 HOH 54  354 68  HOH HOH B . 
E 5 HOH 55  355 31  HOH HOH B . 
E 5 HOH 56  356 29  HOH HOH B . 
E 5 HOH 57  357 93  HOH HOH B . 
E 5 HOH 58  358 71  HOH HOH B . 
E 5 HOH 59  359 7   HOH HOH B . 
E 5 HOH 60  360 10  HOH HOH B . 
E 5 HOH 61  361 47  HOH HOH B . 
E 5 HOH 62  362 6   HOH HOH B . 
E 5 HOH 63  363 59  HOH HOH B . 
E 5 HOH 64  364 157 HOH HOH B . 
E 5 HOH 65  365 64  HOH HOH B . 
E 5 HOH 66  366 100 HOH HOH B . 
E 5 HOH 67  367 76  HOH HOH B . 
E 5 HOH 68  368 14  HOH HOH B . 
E 5 HOH 69  369 4   HOH HOH B . 
E 5 HOH 70  370 61  HOH HOH B . 
E 5 HOH 71  371 1   HOH HOH B . 
E 5 HOH 72  372 32  HOH HOH B . 
E 5 HOH 73  373 28  HOH HOH B . 
E 5 HOH 74  374 8   HOH HOH B . 
E 5 HOH 75  375 172 HOH HOH B . 
E 5 HOH 76  376 184 HOH HOH B . 
E 5 HOH 77  377 49  HOH HOH B . 
E 5 HOH 78  378 5   HOH HOH B . 
E 5 HOH 79  379 42  HOH HOH B . 
E 5 HOH 80  380 126 HOH HOH B . 
E 5 HOH 81  381 303 HOH HOH B . 
E 5 HOH 82  382 12  HOH HOH B . 
E 5 HOH 83  383 17  HOH HOH B . 
E 5 HOH 84  384 13  HOH HOH B . 
E 5 HOH 85  385 263 HOH HOH B . 
E 5 HOH 86  386 33  HOH HOH B . 
E 5 HOH 87  387 48  HOH HOH B . 
E 5 HOH 88  388 46  HOH HOH B . 
E 5 HOH 89  389 3   HOH HOH B . 
E 5 HOH 90  390 45  HOH HOH B . 
E 5 HOH 91  391 23  HOH HOH B . 
E 5 HOH 92  392 24  HOH HOH B . 
E 5 HOH 93  393 60  HOH HOH B . 
E 5 HOH 94  394 97  HOH HOH B . 
E 5 HOH 95  395 20  HOH HOH B . 
E 5 HOH 96  396 54  HOH HOH B . 
E 5 HOH 97  397 57  HOH HOH B . 
E 5 HOH 98  398 8   HOH HOH B . 
E 5 HOH 99  399 7   HOH HOH B . 
E 5 HOH 100 400 103 HOH HOH B . 
E 5 HOH 101 401 112 HOH HOH B . 
E 5 HOH 102 402 56  HOH HOH B . 
E 5 HOH 103 403 25  HOH HOH B . 
E 5 HOH 104 404 156 HOH HOH B . 
E 5 HOH 105 405 69  HOH HOH B . 
E 5 HOH 106 406 22  HOH HOH B . 
E 5 HOH 107 407 120 HOH HOH B . 
E 5 HOH 108 408 38  HOH HOH B . 
E 5 HOH 109 409 125 HOH HOH B . 
E 5 HOH 110 410 140 HOH HOH B . 
E 5 HOH 111 411 257 HOH HOH B . 
E 5 HOH 112 412 41  HOH HOH B . 
E 5 HOH 113 413 30  HOH HOH B . 
E 5 HOH 114 414 15  HOH HOH B . 
E 5 HOH 115 415 304 HOH HOH B . 
E 5 HOH 116 416 53  HOH HOH B . 
E 5 HOH 117 417 197 HOH HOH B . 
E 5 HOH 118 418 44  HOH HOH B . 
E 5 HOH 119 419 73  HOH HOH B . 
E 5 HOH 120 420 154 HOH HOH B . 
E 5 HOH 121 421 18  HOH HOH B . 
E 5 HOH 122 422 133 HOH HOH B . 
E 5 HOH 123 423 19  HOH HOH B . 
E 5 HOH 124 424 30  HOH HOH B . 
E 5 HOH 125 425 266 HOH HOH B . 
E 5 HOH 126 426 115 HOH HOH B . 
E 5 HOH 127 427 114 HOH HOH B . 
E 5 HOH 128 428 205 HOH HOH B . 
E 5 HOH 129 429 21  HOH HOH B . 
E 5 HOH 130 430 13  HOH HOH B . 
E 5 HOH 131 431 82  HOH HOH B . 
E 5 HOH 132 432 23  HOH HOH B . 
E 5 HOH 133 433 104 HOH HOH B . 
E 5 HOH 134 434 166 HOH HOH B . 
E 5 HOH 135 435 127 HOH HOH B . 
E 5 HOH 136 436 98  HOH HOH B . 
E 5 HOH 137 437 14  HOH HOH B . 
E 5 HOH 138 438 270 HOH HOH B . 
E 5 HOH 139 439 131 HOH HOH B . 
E 5 HOH 140 440 259 HOH HOH B . 
# 
loop_
_pdbx_unobs_or_zero_occ_atoms.id 
_pdbx_unobs_or_zero_occ_atoms.PDB_model_num 
_pdbx_unobs_or_zero_occ_atoms.polymer_flag 
_pdbx_unobs_or_zero_occ_atoms.occupancy_flag 
_pdbx_unobs_or_zero_occ_atoms.auth_asym_id 
_pdbx_unobs_or_zero_occ_atoms.auth_comp_id 
_pdbx_unobs_or_zero_occ_atoms.auth_seq_id 
_pdbx_unobs_or_zero_occ_atoms.PDB_ins_code 
_pdbx_unobs_or_zero_occ_atoms.auth_atom_id 
_pdbx_unobs_or_zero_occ_atoms.label_alt_id 
_pdbx_unobs_or_zero_occ_atoms.label_asym_id 
_pdbx_unobs_or_zero_occ_atoms.label_comp_id 
_pdbx_unobs_or_zero_occ_atoms.label_seq_id 
_pdbx_unobs_or_zero_occ_atoms.label_atom_id 
1 1 Y 1 B LEU 192 ? CG  ? A LEU 186 CG  
2 1 Y 1 B LEU 192 ? CD1 ? A LEU 186 CD1 
3 1 Y 1 B LEU 192 ? CD2 ? A LEU 186 CD2 
# 
loop_
_software.pdbx_ordinal 
_software.name 
_software.version 
_software.date 
_software.type 
_software.contact_author 
_software.contact_author_email 
_software.classification 
_software.location 
_software.language 
_software.citation_id 
1 REFMAC      5.8.0267 ?               program 'Garib N. Murshudov' garib@ysbl.york.ac.uk    refinement        
http://www.ccp4.ac.uk/dist/html/refmac5.html        Fortran_77 ? 
2 Aimless     0.7.15   02/11/23        program 'Phil Evans'         ?                        'data scaling'    
http://www.mrc-lmb.cam.ac.uk/harry/pre/aimless.html ?          ? 
3 PDB_EXTRACT 3.23     'SEP. 23, 2016' package PDB                  deposit@deposit.rcsb.org 'data extraction' 
http://sw-tools.pdb.org/apps/PDB_EXTRACT/           C++        ? 
4 XDS         .        ?               program ?                    ?                        'data reduction'  ? ?          ? 
5 REFMAC      .        ?               program ?                    ?                        phasing           ? ?          ? 
# 
_cell.entry_id           7HNB 
_cell.length_a           95.511 
_cell.length_b           95.511 
_cell.length_c           45.901 
_cell.angle_alpha        90.000 
_cell.angle_beta         90.000 
_cell.angle_gamma        90.000 
_cell.Z_PDB              8 
_cell.pdbx_unique_axis   ? 
# 
_symmetry.entry_id                         7HNB 
_symmetry.Int_Tables_number                79 
_symmetry.space_group_name_H-M             'I 4' 
_symmetry.pdbx_full_space_group_name_H-M   ? 
_symmetry.cell_setting                     ? 
# 
_exptl.crystals_number   1 
_exptl.entry_id          7HNB 
_exptl.method            'X-RAY DIFFRACTION' 
# 
_exptl_crystal.id                    1 
_exptl_crystal.pdbx_mosaicity        0.050 
_exptl_crystal.pdbx_mosaicity_esd    ? 
_exptl_crystal.density_Matthews      2.42 
_exptl_crystal.density_diffrn        ? 
_exptl_crystal.density_meas          ? 
_exptl_crystal.density_meas_temp     ? 
_exptl_crystal.density_percent_sol   49.25 
_exptl_crystal.size_max              ? 
_exptl_crystal.size_mid              ? 
_exptl_crystal.size_min              ? 
_exptl_crystal.size_rad              ? 
_exptl_crystal.description           ? 
# 
_exptl_crystal_grow.crystal_id      1 
_exptl_crystal_grow.method          'VAPOR DIFFUSION, SITTING DROP' 
_exptl_crystal_grow.pH              8 
_exptl_crystal_grow.temp            293 
_exptl_crystal_grow.pdbx_details    '4 % PEG 400, 2 M AmmSO4, 0.1 M HEPES pH 8' 
_exptl_crystal_grow.temp_details    ? 
_exptl_crystal_grow.pdbx_pH_range   ? 
# 
_diffrn.id                     1 
_diffrn.ambient_temp           100 
_diffrn.crystal_id             1 
_diffrn.ambient_temp_details   ? 
# 
_diffrn_detector.detector               PIXEL 
_diffrn_detector.type                   'DECTRIS EIGER2 XE 9M' 
_diffrn_detector.pdbx_collection_date   2024-07-04 
_diffrn_detector.diffrn_id              1 
_diffrn_detector.details                ? 
# 
_diffrn_radiation.diffrn_id                        1 
_diffrn_radiation.wavelength_id                    1 
_diffrn_radiation.pdbx_diffrn_protocol             'SINGLE WAVELENGTH' 
_diffrn_radiation.pdbx_monochromatic_or_laue_m_l   ? 
_diffrn_radiation.monochromator                    ? 
_diffrn_radiation.pdbx_scattering_type             x-ray 
# 
_diffrn_radiation_wavelength.id           1 
_diffrn_radiation_wavelength.wavelength   0.92134 
_diffrn_radiation_wavelength.wt           1.0 
# 
_diffrn_source.diffrn_id                   1 
_diffrn_source.source                      SYNCHROTRON 
_diffrn_source.type                        'DIAMOND BEAMLINE I04-1' 
_diffrn_source.pdbx_wavelength_list        0.92134 
_diffrn_source.pdbx_synchrotron_site       Diamond 
_diffrn_source.pdbx_synchrotron_beamline   I04-1 
_diffrn_source.pdbx_wavelength             ? 
# 
_reflns.entry_id                     7HNB 
_reflns.pdbx_diffrn_id               1 
_reflns.pdbx_ordinal                 1 
_reflns.observed_criterion_sigma_I   ? 
_reflns.observed_criterion_sigma_F   ? 
_reflns.d_resolution_low             47.760 
_reflns.d_resolution_high            1.520 
_reflns.number_obs                   32043 
_reflns.number_all                   ? 
_reflns.percent_possible_obs         100.000 
_reflns.pdbx_Rmerge_I_obs            0.175 
_reflns.pdbx_Rsym_value              ? 
_reflns.pdbx_netI_over_sigmaI        8.900 
_reflns.B_iso_Wilson_estimate        ? 
_reflns.pdbx_redundancy              13.500 
_reflns.pdbx_Rrim_I_all              0.182 
_reflns.pdbx_Rpim_I_all              0.049 
_reflns.pdbx_CC_half                 0.998 
_reflns.pdbx_netI_over_av_sigmaI     ? 
_reflns.pdbx_number_measured_all     431204 
_reflns.pdbx_scaling_rejects         101 
_reflns.pdbx_chi_squared             ? 
_reflns.Rmerge_F_all                 ? 
_reflns.Rmerge_F_obs                 ? 
_reflns.observed_criterion_F_max     ? 
_reflns.observed_criterion_F_min     ? 
_reflns.observed_criterion_I_max     ? 
_reflns.observed_criterion_I_min     ? 
_reflns.pdbx_d_res_high_opt          ? 
_reflns.pdbx_d_res_low_opt           ? 
_reflns.details                      ? 
# 
loop_
_reflns_shell.pdbx_diffrn_id 
_reflns_shell.pdbx_ordinal 
_reflns_shell.d_res_high 
_reflns_shell.d_res_low 
_reflns_shell.number_measured_obs 
_reflns_shell.number_measured_all 
_reflns_shell.number_unique_obs 
_reflns_shell.pdbx_rejects 
_reflns_shell.Rmerge_I_obs 
_reflns_shell.meanI_over_sigI_obs 
_reflns_shell.pdbx_Rsym_value 
_reflns_shell.pdbx_chi_squared 
_reflns_shell.pdbx_redundancy 
_reflns_shell.percent_possible_obs 
_reflns_shell.pdbx_netI_over_sigmaI_obs 
_reflns_shell.number_possible 
_reflns_shell.number_unique_all 
_reflns_shell.Rmerge_F_all 
_reflns_shell.Rmerge_F_obs 
_reflns_shell.Rmerge_I_all 
_reflns_shell.meanI_over_sigI_all 
_reflns_shell.percent_possible_all 
_reflns_shell.pdbx_Rrim_I_all 
_reflns_shell.pdbx_Rpim_I_all 
_reflns_shell.pdbx_CC_half 
1 1 1.520 1.600  ? 52050 4617 ? 3.289 ? ? ? 11.300 ? 0.700  ? ? ? ? ? ? 100.000 3.447 1.023 0.407 
1 2 4.800 47.760 ? 13573 1063 ? 0.055 ? ? ? 12.800 ? 34.200 ? ? ? ? ? ? 99.800  0.057 0.016 0.999 
# 
_refine.entry_id                                 7HNB 
_refine.pdbx_refine_id                           'X-RAY DIFFRACTION' 
_refine.ls_d_res_high                            1.5200 
_refine.ls_d_res_low                             47.8000 
_refine.pdbx_ls_sigma_F                          0.000 
_refine.pdbx_data_cutoff_high_absF               ? 
_refine.pdbx_data_cutoff_low_absF                ? 
_refine.ls_percent_reflns_obs                    99.9300 
_refine.ls_number_reflns_obs                     30488 
_refine.ls_number_reflns_all                     ? 
_refine.pdbx_ls_cross_valid_method               THROUGHOUT 
_refine.ls_matrix_type                           ? 
_refine.pdbx_R_Free_selection_details            RANDOM 
_refine.details                                  
'HYDROGENS HAVE BEEN ADDED IN THE RIDING POSITIONS U VALUES      : REFINED INDIVIDUALLY' 
_refine.ls_R_factor_all                          ? 
_refine.ls_R_factor_obs                          0.1822 
_refine.ls_R_factor_R_work                       0.1808 
_refine.ls_wR_factor_R_work                      ? 
_refine.ls_R_factor_R_free                       0.2083 
_refine.ls_wR_factor_R_free                      ? 
_refine.ls_percent_reflns_R_free                 4.8000 
_refine.ls_number_reflns_R_free                  1546 
_refine.ls_number_reflns_R_work                  ? 
_refine.ls_R_factor_R_free_error                 ? 
_refine.B_iso_mean                               20.3260 
_refine.solvent_model_param_bsol                 ? 
_refine.solvent_model_param_ksol                 ? 
_refine.pdbx_isotropic_thermal_model             ? 
_refine.aniso_B[1][1]                            0.3400 
_refine.aniso_B[2][2]                            0.3400 
_refine.aniso_B[3][3]                            -0.6900 
_refine.aniso_B[1][2]                            -0.0000 
_refine.aniso_B[1][3]                            -0.0000 
_refine.aniso_B[2][3]                            -0.0000 
_refine.correlation_coeff_Fo_to_Fc               0.9680 
_refine.correlation_coeff_Fo_to_Fc_free          0.9550 
_refine.overall_SU_R_Cruickshank_DPI             ? 
_refine.pdbx_overall_SU_R_free_Cruickshank_DPI   ? 
_refine.pdbx_overall_SU_R_Blow_DPI               ? 
_refine.pdbx_overall_SU_R_free_Blow_DPI          ? 
_refine.overall_SU_R_free                        ? 
_refine.pdbx_overall_ESU_R                       0.0830 
_refine.pdbx_overall_ESU_R_Free                  0.0820 
_refine.overall_SU_ML                            0.0680 
_refine.overall_SU_B                             2.0210 
_refine.solvent_model_details                    MASK 
_refine.pdbx_solvent_vdw_probe_radii             1.2000 
_refine.pdbx_solvent_ion_probe_radii             0.8000 
_refine.pdbx_solvent_shrinkage_radii             0.8000 
_refine.ls_number_parameters                     ? 
_refine.ls_number_restraints                     ? 
_refine.pdbx_starting_model                      ? 
_refine.pdbx_method_to_determine_struct          'FOURIER SYNTHESIS' 
_refine.pdbx_stereochemistry_target_values       'MAXIMUM LIKELIHOOD' 
_refine.pdbx_stereochem_target_val_spec_case     ? 
_refine.overall_FOM_work_R_set                   ? 
_refine.B_iso_max                                81.450 
_refine.B_iso_min                                12.070 
_refine.pdbx_overall_phase_error                 ? 
_refine.occupancy_max                            ? 
_refine.occupancy_min                            ? 
_refine.pdbx_diffrn_id                           1 
_refine.pdbx_TLS_residual_ADP_flag               ? 
_refine.pdbx_ls_sigma_I                          ? 
_refine.pdbx_data_cutoff_high_rms_absF           ? 
_refine.ls_R_factor_R_free_error_details         ? 
# 
_refine_hist.cycle_id                         final 
_refine_hist.pdbx_refine_id                   'X-RAY DIFFRACTION' 
_refine_hist.d_res_high                       1.5200 
_refine_hist.d_res_low                        47.8000 
_refine_hist.pdbx_number_atoms_ligand         22 
_refine_hist.number_atoms_solvent             140 
_refine_hist.number_atoms_total               1655 
_refine_hist.pdbx_number_residues_total       185 
_refine_hist.pdbx_B_iso_mean_ligand           36.09 
_refine_hist.pdbx_B_iso_mean_solvent          31.71 
_refine_hist.pdbx_number_atoms_protein        1493 
_refine_hist.pdbx_number_atoms_nucleic_acid   0 
# 
loop_
_refine_ls_restr.pdbx_refine_id 
_refine_ls_restr.type 
_refine_ls_restr.number 
_refine_ls_restr.dev_ideal 
_refine_ls_restr.dev_ideal_target 
_refine_ls_restr.weight 
_refine_ls_restr.pdbx_restraint_function 
'X-RAY DIFFRACTION' r_bond_refined_d       2123 0.010  0.013  ? ? 
'X-RAY DIFFRACTION' r_bond_other_d         1686 0.001  0.015  ? ? 
'X-RAY DIFFRACTION' r_angle_refined_deg    2612 1.611  1.640  ? ? 
'X-RAY DIFFRACTION' r_angle_other_deg      3884 1.388  1.580  ? ? 
'X-RAY DIFFRACTION' r_dihedral_angle_1_deg 247  7.068  5.000  ? ? 
'X-RAY DIFFRACTION' r_dihedral_angle_2_deg 118  27.987 20.424 ? ? 
'X-RAY DIFFRACTION' r_dihedral_angle_3_deg 297  12.766 15.000 ? ? 
'X-RAY DIFFRACTION' r_dihedral_angle_4_deg 18   18.408 15.000 ? ? 
'X-RAY DIFFRACTION' r_chiral_restr         223  0.074  0.200  ? ? 
'X-RAY DIFFRACTION' r_gen_planes_refined   2348 0.009  0.020  ? ? 
'X-RAY DIFFRACTION' r_gen_planes_other     540  0.002  0.020  ? ? 
'X-RAY DIFFRACTION' r_mcbond_it            1011 1.499  1.896  ? ? 
'X-RAY DIFFRACTION' r_mcbond_other         1001 1.477  1.875  ? ? 
'X-RAY DIFFRACTION' r_mcangle_it           1183 2.336  2.813  ? ? 
# 
_refine_ls_shell.d_res_high                       1.5190 
_refine_ls_shell.d_res_low                        1.5590 
_refine_ls_shell.pdbx_total_number_of_bins_used   20 
_refine_ls_shell.percent_reflns_obs               99.5400 
_refine_ls_shell.number_reflns_R_work             2255 
_refine_ls_shell.R_factor_all                     ? 
_refine_ls_shell.R_factor_R_work                  0.3290 
_refine_ls_shell.R_factor_R_free                  0.3280 
_refine_ls_shell.percent_reflns_R_free            ? 
_refine_ls_shell.number_reflns_R_free             101 
_refine_ls_shell.R_factor_R_free_error            ? 
_refine_ls_shell.number_reflns_all                2356 
_refine_ls_shell.number_reflns_obs                ? 
_refine_ls_shell.pdbx_refine_id                   'X-RAY DIFFRACTION' 
# 
_struct.entry_id                  7HNB 
_struct.title                     'PanDDA analysis group deposition -- Crystal Structure of TRIM21 in complex with Z31478538' 
_struct.pdbx_model_details        ? 
_struct.pdbx_CASP_flag            ? 
_struct.pdbx_model_type_details   ? 
# 
_struct_keywords.entry_id        7HNB 
_struct_keywords.text            'SGC - Diamond I04-1 fragment screening, PanDDA, XChemExplorer, TRIM21, LIGASE' 
_struct_keywords.pdbx_keywords   LIGASE 
# 
loop_
_struct_asym.id 
_struct_asym.pdbx_blank_PDB_chainid_flag 
_struct_asym.pdbx_modified 
_struct_asym.entity_id 
_struct_asym.details 
A N N 1 ? 
B N N 2 ? 
C N N 3 ? 
D N N 4 ? 
E N N 5 ? 
# 
_struct_ref.id                         1 
_struct_ref.db_name                    UNP 
_struct_ref.db_code                    RO52_MOUSE 
_struct_ref.pdbx_db_accession          Q62191 
_struct_ref.pdbx_db_isoform            ? 
_struct_ref.entity_id                  1 
_struct_ref.pdbx_seq_one_letter_code   
;VHITLDRNTANSWLIISKDRRQVRMGDTHQNVSDNKERFSNYPMVLGAQRFSSGKMYWEVDVTQKEAWDLGVCRDSVQRK
GQFSLSPENGFWTIWLWQDSYEAGTSPQTTLHIQVPPCQIGIFVDYEAGVVSFYNITDHGSLIYTFSECVFAGPLRPFFN
VGFNYSGGNAAPLKLCPLKM
;
_struct_ref.pdbx_align_begin           291 
# 
_struct_ref_seq.align_id                      1 
_struct_ref_seq.ref_id                        1 
_struct_ref_seq.pdbx_PDB_id_code              7HNB 
_struct_ref_seq.pdbx_strand_id                B 
_struct_ref_seq.seq_align_beg                 9 
_struct_ref_seq.pdbx_seq_align_beg_ins_code   ? 
_struct_ref_seq.seq_align_end                 188 
_struct_ref_seq.pdbx_seq_align_end_ins_code   ? 
_struct_ref_seq.pdbx_db_accession             Q62191 
_struct_ref_seq.db_align_beg                  291 
_struct_ref_seq.pdbx_db_align_beg_ins_code    ? 
_struct_ref_seq.db_align_end                  470 
_struct_ref_seq.pdbx_db_align_end_ins_code    ? 
_struct_ref_seq.pdbx_auth_seq_align_beg       15 
_struct_ref_seq.pdbx_auth_seq_align_end       194 
# 
loop_
_struct_ref_seq_dif.align_id 
_struct_ref_seq_dif.pdbx_pdb_id_code 
_struct_ref_seq_dif.mon_id 
_struct_ref_seq_dif.pdbx_pdb_strand_id 
_struct_ref_seq_dif.seq_num 
_struct_ref_seq_dif.pdbx_pdb_ins_code 
_struct_ref_seq_dif.pdbx_seq_db_name 
_struct_ref_seq_dif.pdbx_seq_db_accession_code 
_struct_ref_seq_dif.db_mon_id 
_struct_ref_seq_dif.pdbx_seq_db_seq_num 
_struct_ref_seq_dif.details 
_struct_ref_seq_dif.pdbx_auth_seq_num 
_struct_ref_seq_dif.pdbx_ordinal 
1 7HNB MET B 1 ? UNP Q62191 ? ? 'initiating methionine' 7  1 
1 7HNB HIS B 2 ? UNP Q62191 ? ? 'expression tag'        8  2 
1 7HNB HIS B 3 ? UNP Q62191 ? ? 'expression tag'        9  3 
1 7HNB HIS B 4 ? UNP Q62191 ? ? 'expression tag'        10 4 
1 7HNB HIS B 5 ? UNP Q62191 ? ? 'expression tag'        11 5 
1 7HNB HIS B 6 ? UNP Q62191 ? ? 'expression tag'        12 6 
1 7HNB HIS B 7 ? UNP Q62191 ? ? 'expression tag'        13 7 
1 7HNB MET B 8 ? UNP Q62191 ? ? 'expression tag'        14 8 
# 
_pdbx_struct_assembly.id                   1 
_pdbx_struct_assembly.details              author_defined_assembly 
_pdbx_struct_assembly.method_details       ? 
_pdbx_struct_assembly.oligomeric_details   monomeric 
_pdbx_struct_assembly.oligomeric_count     1 
# 
_pdbx_struct_assembly_gen.assembly_id       1 
_pdbx_struct_assembly_gen.oper_expression   1 
_pdbx_struct_assembly_gen.asym_id_list      A,B,C,D,E 
# 
_pdbx_struct_oper_list.id                   1 
_pdbx_struct_oper_list.type                 'identity operation' 
_pdbx_struct_oper_list.name                 1_555 
_pdbx_struct_oper_list.symmetry_operation   x,y,z 
_pdbx_struct_oper_list.matrix[1][1]         1.0000000000 
_pdbx_struct_oper_list.matrix[1][2]         0.0000000000 
_pdbx_struct_oper_list.matrix[1][3]         0.0000000000 
_pdbx_struct_oper_list.vector[1]            0.0000000000 
_pdbx_struct_oper_list.matrix[2][1]         0.0000000000 
_pdbx_struct_oper_list.matrix[2][2]         1.0000000000 
_pdbx_struct_oper_list.matrix[2][3]         0.0000000000 
_pdbx_struct_oper_list.vector[2]            0.0000000000 
_pdbx_struct_oper_list.matrix[3][1]         0.0000000000 
_pdbx_struct_oper_list.matrix[3][2]         0.0000000000 
_pdbx_struct_oper_list.matrix[3][3]         1.0000000000 
_pdbx_struct_oper_list.vector[3]            0.0000000000 
# 
loop_
_struct_conf.conf_type_id 
_struct_conf.id 
_struct_conf.pdbx_PDB_helix_id 
_struct_conf.beg_label_comp_id 
_struct_conf.beg_label_asym_id 
_struct_conf.beg_label_seq_id 
_struct_conf.pdbx_beg_PDB_ins_code 
_struct_conf.end_label_comp_id 
_struct_conf.end_label_asym_id 
_struct_conf.end_label_seq_id 
_struct_conf.pdbx_end_PDB_ins_code 
_struct_conf.beg_auth_comp_id 
_struct_conf.beg_auth_asym_id 
_struct_conf.beg_auth_seq_id 
_struct_conf.end_auth_comp_id 
_struct_conf.end_auth_asym_id 
_struct_conf.end_auth_seq_id 
_struct_conf.pdbx_PDB_helix_class 
_struct_conf.details 
_struct_conf.pdbx_PDB_helix_length 
HELX_P HELX_P1 AA1 HIS A 4  ? MET A 8  ? HIS B 10  MET B 14  5 ? 5 
HELX_P HELX_P2 AA2 ASP A 14 ? ALA A 18 ? ASP B 20  ALA B 24  5 ? 5 
HELX_P HELX_P3 AA3 SER A 94 ? ASN A 97 ? SER B 100 ASN B 103 5 ? 4 
# 
_struct_conf_type.id          HELX_P 
_struct_conf_type.criteria    ? 
_struct_conf_type.reference   ? 
# 
_struct_mon_prot_cis.pdbx_id                1 
_struct_mon_prot_cis.label_comp_id          SER 
_struct_mon_prot_cis.label_seq_id           114 
_struct_mon_prot_cis.label_asym_id          A 
_struct_mon_prot_cis.label_alt_id           . 
_struct_mon_prot_cis.pdbx_PDB_ins_code      ? 
_struct_mon_prot_cis.auth_comp_id           SER 
_struct_mon_prot_cis.auth_seq_id            120 
_struct_mon_prot_cis.auth_asym_id           B 
_struct_mon_prot_cis.pdbx_label_comp_id_2   PRO 
_struct_mon_prot_cis.pdbx_label_seq_id_2    115 
_struct_mon_prot_cis.pdbx_label_asym_id_2   A 
_struct_mon_prot_cis.pdbx_PDB_ins_code_2    ? 
_struct_mon_prot_cis.pdbx_auth_comp_id_2    PRO 
_struct_mon_prot_cis.pdbx_auth_seq_id_2     121 
_struct_mon_prot_cis.pdbx_auth_asym_id_2    B 
_struct_mon_prot_cis.pdbx_PDB_model_num     1 
_struct_mon_prot_cis.pdbx_omega_angle       -2.98 
# 
loop_
_struct_sheet.id 
_struct_sheet.type 
_struct_sheet.number_strands 
_struct_sheet.details 
AA1 ? 7 ? 
AA2 ? 6 ? 
# 
loop_
_struct_sheet_order.sheet_id 
_struct_sheet_order.range_id_1 
_struct_sheet_order.range_id_2 
_struct_sheet_order.offset 
_struct_sheet_order.sense 
AA1 1 2 ? anti-parallel 
AA1 2 3 ? anti-parallel 
AA1 3 4 ? anti-parallel 
AA1 4 5 ? anti-parallel 
AA1 5 6 ? anti-parallel 
AA1 6 7 ? anti-parallel 
AA2 1 2 ? anti-parallel 
AA2 2 3 ? anti-parallel 
AA2 3 4 ? anti-parallel 
AA2 4 5 ? anti-parallel 
AA2 5 6 ? anti-parallel 
# 
loop_
_struct_sheet_range.sheet_id 
_struct_sheet_range.id 
_struct_sheet_range.beg_label_comp_id 
_struct_sheet_range.beg_label_asym_id 
_struct_sheet_range.beg_label_seq_id 
_struct_sheet_range.pdbx_beg_PDB_ins_code 
_struct_sheet_range.end_label_comp_id 
_struct_sheet_range.end_label_asym_id 
_struct_sheet_range.end_label_seq_id 
_struct_sheet_range.pdbx_end_PDB_ins_code 
_struct_sheet_range.beg_auth_comp_id 
_struct_sheet_range.beg_auth_asym_id 
_struct_sheet_range.beg_auth_seq_id 
_struct_sheet_range.end_auth_comp_id 
_struct_sheet_range.end_auth_asym_id 
_struct_sheet_range.end_auth_seq_id 
AA1 1 LEU A 22  ? ILE A 24  ? LEU B 28  ILE B 30  
AA1 2 GLN A 30  ? MET A 33  ? GLN B 36  MET B 39  
AA1 3 LEU A 181 ? LEU A 183 ? LEU B 187 LEU B 189 
AA1 4 LYS A 63  ? ASP A 69  ? LYS B 69  ASP B 75  
AA1 5 GLN A 127 ? ASP A 133 ? GLN B 133 ASP B 139 
AA1 6 VAL A 138 ? ASN A 143 ? VAL B 144 ASN B 149 
AA1 7 SER A 149 ? PHE A 154 ? SER B 155 PHE B 160 
AA2 1 MET A 52  ? LEU A 54  ? MET B 58  LEU B 60  
AA2 2 LEU A 163 ? ASN A 168 ? LEU B 169 ASN B 174 
AA2 3 TRP A 76  ? ARG A 82  ? TRP B 82  ARG B 88  
AA2 4 PHE A 99  ? TRP A 105 ? PHE B 105 TRP B 111 
AA2 5 SER A 108 ? ALA A 111 ? SER B 114 ALA B 117 
AA2 6 THR A 117 ? THR A 118 ? THR B 123 THR B 124 
# 
loop_
_pdbx_struct_sheet_hbond.sheet_id 
_pdbx_struct_sheet_hbond.range_id_1 
_pdbx_struct_sheet_hbond.range_id_2 
_pdbx_struct_sheet_hbond.range_1_label_atom_id 
_pdbx_struct_sheet_hbond.range_1_label_comp_id 
_pdbx_struct_sheet_hbond.range_1_label_asym_id 
_pdbx_struct_sheet_hbond.range_1_label_seq_id 
_pdbx_struct_sheet_hbond.range_1_PDB_ins_code 
_pdbx_struct_sheet_hbond.range_1_auth_atom_id 
_pdbx_struct_sheet_hbond.range_1_auth_comp_id 
_pdbx_struct_sheet_hbond.range_1_auth_asym_id 
_pdbx_struct_sheet_hbond.range_1_auth_seq_id 
_pdbx_struct_sheet_hbond.range_2_label_atom_id 
_pdbx_struct_sheet_hbond.range_2_label_comp_id 
_pdbx_struct_sheet_hbond.range_2_label_asym_id 
_pdbx_struct_sheet_hbond.range_2_label_seq_id 
_pdbx_struct_sheet_hbond.range_2_PDB_ins_code 
_pdbx_struct_sheet_hbond.range_2_auth_atom_id 
_pdbx_struct_sheet_hbond.range_2_auth_comp_id 
_pdbx_struct_sheet_hbond.range_2_auth_asym_id 
_pdbx_struct_sheet_hbond.range_2_auth_seq_id 
AA1 1 2 N ILE A 23  ? N ILE B 29  O ARG A 32  ? O ARG B 38  
AA1 2 3 N VAL A 31  ? N VAL B 37  O LEU A 181 ? O LEU B 187 
AA1 3 4 O LYS A 182 ? O LYS B 188 N ASP A 69  ? N ASP B 75  
AA1 4 5 N TRP A 66  ? N TRP B 72  O ILE A 130 ? O ILE B 136 
AA1 5 6 N PHE A 131 ? N PHE B 137 O SER A 140 ? O SER B 146 
AA1 6 7 N VAL A 139 ? N VAL B 145 O PHE A 154 ? O PHE B 160 
AA2 1 2 N VAL A 53  ? N VAL B 59  O PHE A 167 ? O PHE B 173 
AA2 2 3 O ARG A 164 ? O ARG B 170 N CYS A 81  ? N CYS B 87  
AA2 3 4 N LEU A 78  ? N LEU B 84  O ILE A 102 ? O ILE B 108 
AA2 4 5 N TRP A 105 ? N TRP B 111 O SER A 108 ? O SER B 114 
AA2 5 6 N ALA A 111 ? N ALA B 117 O THR A 117 ? O THR B 123 
# 
_pdbx_entry_details.entry_id                   7HNB 
_pdbx_entry_details.compound_details           ? 
_pdbx_entry_details.source_details             ? 
_pdbx_entry_details.nonpolymer_details         ? 
_pdbx_entry_details.sequence_details           ? 
_pdbx_entry_details.has_ligand_of_interest     Y 
_pdbx_entry_details.has_protein_modification   N 
# 
_pdbx_validate_rmsd_angle.id                         1 
_pdbx_validate_rmsd_angle.PDB_model_num              1 
_pdbx_validate_rmsd_angle.auth_atom_id_1             CG 
_pdbx_validate_rmsd_angle.auth_asym_id_1             B 
_pdbx_validate_rmsd_angle.auth_comp_id_1             ARG 
_pdbx_validate_rmsd_angle.auth_seq_id_1              64 
_pdbx_validate_rmsd_angle.PDB_ins_code_1             ? 
_pdbx_validate_rmsd_angle.label_alt_id_1             ? 
_pdbx_validate_rmsd_angle.auth_atom_id_2             CD 
_pdbx_validate_rmsd_angle.auth_asym_id_2             B 
_pdbx_validate_rmsd_angle.auth_comp_id_2             ARG 
_pdbx_validate_rmsd_angle.auth_seq_id_2              64 
_pdbx_validate_rmsd_angle.PDB_ins_code_2             ? 
_pdbx_validate_rmsd_angle.label_alt_id_2             ? 
_pdbx_validate_rmsd_angle.auth_atom_id_3             NE 
_pdbx_validate_rmsd_angle.auth_asym_id_3             B 
_pdbx_validate_rmsd_angle.auth_comp_id_3             ARG 
_pdbx_validate_rmsd_angle.auth_seq_id_3              64 
_pdbx_validate_rmsd_angle.PDB_ins_code_3             ? 
_pdbx_validate_rmsd_angle.label_alt_id_3             ? 
_pdbx_validate_rmsd_angle.angle_value                124.76 
_pdbx_validate_rmsd_angle.angle_target_value         111.80 
_pdbx_validate_rmsd_angle.angle_deviation            12.96 
_pdbx_validate_rmsd_angle.angle_standard_deviation   2.10 
_pdbx_validate_rmsd_angle.linker_flag                N 
# 
_pdbx_validate_torsion.id              1 
_pdbx_validate_torsion.PDB_model_num   1 
_pdbx_validate_torsion.auth_comp_id    ASP 
_pdbx_validate_torsion.auth_asym_id    B 
_pdbx_validate_torsion.auth_seq_id     152 
_pdbx_validate_torsion.PDB_ins_code    ? 
_pdbx_validate_torsion.label_alt_id    ? 
_pdbx_validate_torsion.phi             -102.53 
_pdbx_validate_torsion.psi             54.22 
# 
_pdbx_struct_special_symmetry.id              1 
_pdbx_struct_special_symmetry.PDB_model_num   1 
_pdbx_struct_special_symmetry.auth_asym_id    B 
_pdbx_struct_special_symmetry.auth_comp_id    HOH 
_pdbx_struct_special_symmetry.auth_seq_id     427 
_pdbx_struct_special_symmetry.PDB_ins_code    ? 
_pdbx_struct_special_symmetry.label_asym_id   E 
_pdbx_struct_special_symmetry.label_comp_id   HOH 
_pdbx_struct_special_symmetry.label_seq_id    . 
# 
_phasing.method   MR 
# 
loop_
_pdbx_unobs_or_zero_occ_residues.id 
_pdbx_unobs_or_zero_occ_residues.PDB_model_num 
_pdbx_unobs_or_zero_occ_residues.polymer_flag 
_pdbx_unobs_or_zero_occ_residues.occupancy_flag 
_pdbx_unobs_or_zero_occ_residues.auth_asym_id 
_pdbx_unobs_or_zero_occ_residues.auth_comp_id 
_pdbx_unobs_or_zero_occ_residues.auth_seq_id 
_pdbx_unobs_or_zero_occ_residues.PDB_ins_code 
_pdbx_unobs_or_zero_occ_residues.label_asym_id 
_pdbx_unobs_or_zero_occ_residues.label_comp_id 
_pdbx_unobs_or_zero_occ_residues.label_seq_id 
1 1 Y 1 B MET 7   ? A MET 1   
2 1 Y 1 B LYS 193 ? A LYS 187 
3 1 Y 1 B MET 194 ? A MET 188 
# 
loop_
_chem_comp_atom.comp_id 
_chem_comp_atom.atom_id 
_chem_comp_atom.type_symbol 
_chem_comp_atom.pdbx_aromatic_flag 
_chem_comp_atom.pdbx_stereo_config 
_chem_comp_atom.pdbx_ordinal 
ALA N    N N N 1   
ALA CA   C N S 2   
ALA C    C N N 3   
ALA O    O N N 4   
ALA CB   C N N 5   
ALA OXT  O N N 6   
ALA H    H N N 7   
ALA H2   H N N 8   
ALA HA   H N N 9   
ALA HB1  H N N 10  
ALA HB2  H N N 11  
ALA HB3  H N N 12  
ALA HXT  H N N 13  
ARG N    N N N 14  
ARG CA   C N S 15  
ARG C    C N N 16  
ARG O    O N N 17  
ARG CB   C N N 18  
ARG CG   C N N 19  
ARG CD   C N N 20  
ARG NE   N N N 21  
ARG CZ   C N N 22  
ARG NH1  N N N 23  
ARG NH2  N N N 24  
ARG OXT  O N N 25  
ARG H    H N N 26  
ARG H2   H N N 27  
ARG HA   H N N 28  
ARG HB2  H N N 29  
ARG HB3  H N N 30  
ARG HG2  H N N 31  
ARG HG3  H N N 32  
ARG HD2  H N N 33  
ARG HD3  H N N 34  
ARG HE   H N N 35  
ARG HH11 H N N 36  
ARG HH12 H N N 37  
ARG HH21 H N N 38  
ARG HH22 H N N 39  
ARG HXT  H N N 40  
ASN N    N N N 41  
ASN CA   C N S 42  
ASN C    C N N 43  
ASN O    O N N 44  
ASN CB   C N N 45  
ASN CG   C N N 46  
ASN OD1  O N N 47  
ASN ND2  N N N 48  
ASN OXT  O N N 49  
ASN H    H N N 50  
ASN H2   H N N 51  
ASN HA   H N N 52  
ASN HB2  H N N 53  
ASN HB3  H N N 54  
ASN HD21 H N N 55  
ASN HD22 H N N 56  
ASN HXT  H N N 57  
ASP N    N N N 58  
ASP CA   C N S 59  
ASP C    C N N 60  
ASP O    O N N 61  
ASP CB   C N N 62  
ASP CG   C N N 63  
ASP OD1  O N N 64  
ASP OD2  O N N 65  
ASP OXT  O N N 66  
ASP H    H N N 67  
ASP H2   H N N 68  
ASP HA   H N N 69  
ASP HB2  H N N 70  
ASP HB3  H N N 71  
ASP HD2  H N N 72  
ASP HXT  H N N 73  
CYS N    N N N 74  
CYS CA   C N R 75  
CYS C    C N N 76  
CYS O    O N N 77  
CYS CB   C N N 78  
CYS SG   S N N 79  
CYS OXT  O N N 80  
CYS H    H N N 81  
CYS H2   H N N 82  
CYS HA   H N N 83  
CYS HB2  H N N 84  
CYS HB3  H N N 85  
CYS HG   H N N 86  
CYS HXT  H N N 87  
EDO C1   C N N 88  
EDO O1   O N N 89  
EDO C2   C N N 90  
EDO O2   O N N 91  
EDO H11  H N N 92  
EDO H12  H N N 93  
EDO HO1  H N N 94  
EDO H21  H N N 95  
EDO H22  H N N 96  
EDO HO2  H N N 97  
GLN N    N N N 98  
GLN CA   C N S 99  
GLN C    C N N 100 
GLN O    O N N 101 
GLN CB   C N N 102 
GLN CG   C N N 103 
GLN CD   C N N 104 
GLN OE1  O N N 105 
GLN NE2  N N N 106 
GLN OXT  O N N 107 
GLN H    H N N 108 
GLN H2   H N N 109 
GLN HA   H N N 110 
GLN HB2  H N N 111 
GLN HB3  H N N 112 
GLN HG2  H N N 113 
GLN HG3  H N N 114 
GLN HE21 H N N 115 
GLN HE22 H N N 116 
GLN HXT  H N N 117 
GLU N    N N N 118 
GLU CA   C N S 119 
GLU C    C N N 120 
GLU O    O N N 121 
GLU CB   C N N 122 
GLU CG   C N N 123 
GLU CD   C N N 124 
GLU OE1  O N N 125 
GLU OE2  O N N 126 
GLU OXT  O N N 127 
GLU H    H N N 128 
GLU H2   H N N 129 
GLU HA   H N N 130 
GLU HB2  H N N 131 
GLU HB3  H N N 132 
GLU HG2  H N N 133 
GLU HG3  H N N 134 
GLU HE2  H N N 135 
GLU HXT  H N N 136 
GLY N    N N N 137 
GLY CA   C N N 138 
GLY C    C N N 139 
GLY O    O N N 140 
GLY OXT  O N N 141 
GLY H    H N N 142 
GLY H2   H N N 143 
GLY HA2  H N N 144 
GLY HA3  H N N 145 
GLY HXT  H N N 146 
HIS N    N N N 147 
HIS CA   C N S 148 
HIS C    C N N 149 
HIS O    O N N 150 
HIS CB   C N N 151 
HIS CG   C Y N 152 
HIS ND1  N Y N 153 
HIS CD2  C Y N 154 
HIS CE1  C Y N 155 
HIS NE2  N Y N 156 
HIS OXT  O N N 157 
HIS H    H N N 158 
HIS H2   H N N 159 
HIS HA   H N N 160 
HIS HB2  H N N 161 
HIS HB3  H N N 162 
HIS HD1  H N N 163 
HIS HD2  H N N 164 
HIS HE1  H N N 165 
HIS HE2  H N N 166 
HIS HXT  H N N 167 
HOH O    O N N 168 
HOH H1   H N N 169 
HOH H2   H N N 170 
ILE N    N N N 171 
ILE CA   C N S 172 
ILE C    C N N 173 
ILE O    O N N 174 
ILE CB   C N S 175 
ILE CG1  C N N 176 
ILE CG2  C N N 177 
ILE CD1  C N N 178 
ILE OXT  O N N 179 
ILE H    H N N 180 
ILE H2   H N N 181 
ILE HA   H N N 182 
ILE HB   H N N 183 
ILE HG12 H N N 184 
ILE HG13 H N N 185 
ILE HG21 H N N 186 
ILE HG22 H N N 187 
ILE HG23 H N N 188 
ILE HD11 H N N 189 
ILE HD12 H N N 190 
ILE HD13 H N N 191 
ILE HXT  H N N 192 
LEU N    N N N 193 
LEU CA   C N S 194 
LEU C    C N N 195 
LEU O    O N N 196 
LEU CB   C N N 197 
LEU CG   C N N 198 
LEU CD1  C N N 199 
LEU CD2  C N N 200 
LEU OXT  O N N 201 
LEU H    H N N 202 
LEU H2   H N N 203 
LEU HA   H N N 204 
LEU HB2  H N N 205 
LEU HB3  H N N 206 
LEU HG   H N N 207 
LEU HD11 H N N 208 
LEU HD12 H N N 209 
LEU HD13 H N N 210 
LEU HD21 H N N 211 
LEU HD22 H N N 212 
LEU HD23 H N N 213 
LEU HXT  H N N 214 
LYS N    N N N 215 
LYS CA   C N S 216 
LYS C    C N N 217 
LYS O    O N N 218 
LYS CB   C N N 219 
LYS CG   C N N 220 
LYS CD   C N N 221 
LYS CE   C N N 222 
LYS NZ   N N N 223 
LYS OXT  O N N 224 
LYS H    H N N 225 
LYS H2   H N N 226 
LYS HA   H N N 227 
LYS HB2  H N N 228 
LYS HB3  H N N 229 
LYS HG2  H N N 230 
LYS HG3  H N N 231 
LYS HD2  H N N 232 
LYS HD3  H N N 233 
LYS HE2  H N N 234 
LYS HE3  H N N 235 
LYS HZ1  H N N 236 
LYS HZ2  H N N 237 
LYS HZ3  H N N 238 
LYS HXT  H N N 239 
MET N    N N N 240 
MET CA   C N S 241 
MET C    C N N 242 
MET O    O N N 243 
MET CB   C N N 244 
MET CG   C N N 245 
MET SD   S N N 246 
MET CE   C N N 247 
MET OXT  O N N 248 
MET H    H N N 249 
MET H2   H N N 250 
MET HA   H N N 251 
MET HB2  H N N 252 
MET HB3  H N N 253 
MET HG2  H N N 254 
MET HG3  H N N 255 
MET HE1  H N N 256 
MET HE2  H N N 257 
MET HE3  H N N 258 
MET HXT  H N N 259 
PHE N    N N N 260 
PHE CA   C N S 261 
PHE C    C N N 262 
PHE O    O N N 263 
PHE CB   C N N 264 
PHE CG   C Y N 265 
PHE CD1  C Y N 266 
PHE CD2  C Y N 267 
PHE CE1  C Y N 268 
PHE CE2  C Y N 269 
PHE CZ   C Y N 270 
PHE OXT  O N N 271 
PHE H    H N N 272 
PHE H2   H N N 273 
PHE HA   H N N 274 
PHE HB2  H N N 275 
PHE HB3  H N N 276 
PHE HD1  H N N 277 
PHE HD2  H N N 278 
PHE HE1  H N N 279 
PHE HE2  H N N 280 
PHE HZ   H N N 281 
PHE HXT  H N N 282 
PRO N    N N N 283 
PRO CA   C N S 284 
PRO C    C N N 285 
PRO O    O N N 286 
PRO CB   C N N 287 
PRO CG   C N N 288 
PRO CD   C N N 289 
PRO OXT  O N N 290 
PRO H    H N N 291 
PRO HA   H N N 292 
PRO HB2  H N N 293 
PRO HB3  H N N 294 
PRO HG2  H N N 295 
PRO HG3  H N N 296 
PRO HD2  H N N 297 
PRO HD3  H N N 298 
PRO HXT  H N N 299 
SER N    N N N 300 
SER CA   C N S 301 
SER C    C N N 302 
SER O    O N N 303 
SER CB   C N N 304 
SER OG   O N N 305 
SER OXT  O N N 306 
SER H    H N N 307 
SER H2   H N N 308 
SER HA   H N N 309 
SER HB2  H N N 310 
SER HB3  H N N 311 
SER HG   H N N 312 
SER HXT  H N N 313 
SO4 S    S N N 314 
SO4 O1   O N N 315 
SO4 O2   O N N 316 
SO4 O3   O N N 317 
SO4 O4   O N N 318 
T9Q C10  C Y N 319 
T9Q C13  C Y N 320 
T9Q C01  C N N 321 
T9Q C03  C N N 322 
T9Q C04  C N N 323 
T9Q C07  C N N 324 
T9Q C08  C Y N 325 
T9Q C09  C Y N 326 
T9Q C11  C Y N 327 
T9Q C12  C Y N 328 
T9Q N06  N N N 329 
T9Q O02  O N N 330 
T9Q O05  O N N 331 
T9Q H1   H N N 332 
T9Q H2   H N N 333 
T9Q H3   H N N 334 
T9Q H4   H N N 335 
T9Q H5   H N N 336 
T9Q H6   H N N 337 
T9Q H7   H N N 338 
T9Q H8   H N N 339 
T9Q H9   H N N 340 
T9Q H10  H N N 341 
T9Q H11  H N N 342 
T9Q H12  H N N 343 
T9Q H13  H N N 344 
THR N    N N N 345 
THR CA   C N S 346 
THR C    C N N 347 
THR O    O N N 348 
THR CB   C N R 349 
THR OG1  O N N 350 
THR CG2  C N N 351 
THR OXT  O N N 352 
THR H    H N N 353 
THR H2   H N N 354 
THR HA   H N N 355 
THR HB   H N N 356 
THR HG1  H N N 357 
THR HG21 H N N 358 
THR HG22 H N N 359 
THR HG23 H N N 360 
THR HXT  H N N 361 
TRP N    N N N 362 
TRP CA   C N S 363 
TRP C    C N N 364 
TRP O    O N N 365 
TRP CB   C N N 366 
TRP CG   C Y N 367 
TRP CD1  C Y N 368 
TRP CD2  C Y N 369 
TRP NE1  N Y N 370 
TRP CE2  C Y N 371 
TRP CE3  C Y N 372 
TRP CZ2  C Y N 373 
TRP CZ3  C Y N 374 
TRP CH2  C Y N 375 
TRP OXT  O N N 376 
TRP H    H N N 377 
TRP H2   H N N 378 
TRP HA   H N N 379 
TRP HB2  H N N 380 
TRP HB3  H N N 381 
TRP HD1  H N N 382 
TRP HE1  H N N 383 
TRP HE3  H N N 384 
TRP HZ2  H N N 385 
TRP HZ3  H N N 386 
TRP HH2  H N N 387 
TRP HXT  H N N 388 
TYR N    N N N 389 
TYR CA   C N S 390 
TYR C    C N N 391 
TYR O    O N N 392 
TYR CB   C N N 393 
TYR CG   C Y N 394 
TYR CD1  C Y N 395 
TYR CD2  C Y N 396 
TYR CE1  C Y N 397 
TYR CE2  C Y N 398 
TYR CZ   C Y N 399 
TYR OH   O N N 400 
TYR OXT  O N N 401 
TYR H    H N N 402 
TYR H2   H N N 403 
TYR HA   H N N 404 
TYR HB2  H N N 405 
TYR HB3  H N N 406 
TYR HD1  H N N 407 
TYR HD2  H N N 408 
TYR HE1  H N N 409 
TYR HE2  H N N 410 
TYR HH   H N N 411 
TYR HXT  H N N 412 
VAL N    N N N 413 
VAL CA   C N S 414 
VAL C    C N N 415 
VAL O    O N N 416 
VAL CB   C N N 417 
VAL CG1  C N N 418 
VAL CG2  C N N 419 
VAL OXT  O N N 420 
VAL H    H N N 421 
VAL H2   H N N 422 
VAL HA   H N N 423 
VAL HB   H N N 424 
VAL HG11 H N N 425 
VAL HG12 H N N 426 
VAL HG13 H N N 427 
VAL HG21 H N N 428 
VAL HG22 H N N 429 
VAL HG23 H N N 430 
VAL HXT  H N N 431 
# 
loop_
_chem_comp_bond.comp_id 
_chem_comp_bond.atom_id_1 
_chem_comp_bond.atom_id_2 
_chem_comp_bond.value_order 
_chem_comp_bond.pdbx_aromatic_flag 
_chem_comp_bond.pdbx_stereo_config 
_chem_comp_bond.pdbx_ordinal 
ALA N   CA   sing N N 1   
ALA N   H    sing N N 2   
ALA N   H2   sing N N 3   
ALA CA  C    sing N N 4   
ALA CA  CB   sing N N 5   
ALA CA  HA   sing N N 6   
ALA C   O    doub N N 7   
ALA C   OXT  sing N N 8   
ALA CB  HB1  sing N N 9   
ALA CB  HB2  sing N N 10  
ALA CB  HB3  sing N N 11  
ALA OXT HXT  sing N N 12  
ARG N   CA   sing N N 13  
ARG N   H    sing N N 14  
ARG N   H2   sing N N 15  
ARG CA  C    sing N N 16  
ARG CA  CB   sing N N 17  
ARG CA  HA   sing N N 18  
ARG C   O    doub N N 19  
ARG C   OXT  sing N N 20  
ARG CB  CG   sing N N 21  
ARG CB  HB2  sing N N 22  
ARG CB  HB3  sing N N 23  
ARG CG  CD   sing N N 24  
ARG CG  HG2  sing N N 25  
ARG CG  HG3  sing N N 26  
ARG CD  NE   sing N N 27  
ARG CD  HD2  sing N N 28  
ARG CD  HD3  sing N N 29  
ARG NE  CZ   sing N N 30  
ARG NE  HE   sing N N 31  
ARG CZ  NH1  sing N N 32  
ARG CZ  NH2  doub N N 33  
ARG NH1 HH11 sing N N 34  
ARG NH1 HH12 sing N N 35  
ARG NH2 HH21 sing N N 36  
ARG NH2 HH22 sing N N 37  
ARG OXT HXT  sing N N 38  
ASN N   CA   sing N N 39  
ASN N   H    sing N N 40  
ASN N   H2   sing N N 41  
ASN CA  C    sing N N 42  
ASN CA  CB   sing N N 43  
ASN CA  HA   sing N N 44  
ASN C   O    doub N N 45  
ASN C   OXT  sing N N 46  
ASN CB  CG   sing N N 47  
ASN CB  HB2  sing N N 48  
ASN CB  HB3  sing N N 49  
ASN CG  OD1  doub N N 50  
ASN CG  ND2  sing N N 51  
ASN ND2 HD21 sing N N 52  
ASN ND2 HD22 sing N N 53  
ASN OXT HXT  sing N N 54  
ASP N   CA   sing N N 55  
ASP N   H    sing N N 56  
ASP N   H2   sing N N 57  
ASP CA  C    sing N N 58  
ASP CA  CB   sing N N 59  
ASP CA  HA   sing N N 60  
ASP C   O    doub N N 61  
ASP C   OXT  sing N N 62  
ASP CB  CG   sing N N 63  
ASP CB  HB2  sing N N 64  
ASP CB  HB3  sing N N 65  
ASP CG  OD1  doub N N 66  
ASP CG  OD2  sing N N 67  
ASP OD2 HD2  sing N N 68  
ASP OXT HXT  sing N N 69  
CYS N   CA   sing N N 70  
CYS N   H    sing N N 71  
CYS N   H2   sing N N 72  
CYS CA  C    sing N N 73  
CYS CA  CB   sing N N 74  
CYS CA  HA   sing N N 75  
CYS C   O    doub N N 76  
CYS C   OXT  sing N N 77  
CYS CB  SG   sing N N 78  
CYS CB  HB2  sing N N 79  
CYS CB  HB3  sing N N 80  
CYS SG  HG   sing N N 81  
CYS OXT HXT  sing N N 82  
EDO C1  O1   sing N N 83  
EDO C1  C2   sing N N 84  
EDO C1  H11  sing N N 85  
EDO C1  H12  sing N N 86  
EDO O1  HO1  sing N N 87  
EDO C2  O2   sing N N 88  
EDO C2  H21  sing N N 89  
EDO C2  H22  sing N N 90  
EDO O2  HO2  sing N N 91  
GLN N   CA   sing N N 92  
GLN N   H    sing N N 93  
GLN N   H2   sing N N 94  
GLN CA  C    sing N N 95  
GLN CA  CB   sing N N 96  
GLN CA  HA   sing N N 97  
GLN C   O    doub N N 98  
GLN C   OXT  sing N N 99  
GLN CB  CG   sing N N 100 
GLN CB  HB2  sing N N 101 
GLN CB  HB3  sing N N 102 
GLN CG  CD   sing N N 103 
GLN CG  HG2  sing N N 104 
GLN CG  HG3  sing N N 105 
GLN CD  OE1  doub N N 106 
GLN CD  NE2  sing N N 107 
GLN NE2 HE21 sing N N 108 
GLN NE2 HE22 sing N N 109 
GLN OXT HXT  sing N N 110 
GLU N   CA   sing N N 111 
GLU N   H    sing N N 112 
GLU N   H2   sing N N 113 
GLU CA  C    sing N N 114 
GLU CA  CB   sing N N 115 
GLU CA  HA   sing N N 116 
GLU C   O    doub N N 117 
GLU C   OXT  sing N N 118 
GLU CB  CG   sing N N 119 
GLU CB  HB2  sing N N 120 
GLU CB  HB3  sing N N 121 
GLU CG  CD   sing N N 122 
GLU CG  HG2  sing N N 123 
GLU CG  HG3  sing N N 124 
GLU CD  OE1  doub N N 125 
GLU CD  OE2  sing N N 126 
GLU OE2 HE2  sing N N 127 
GLU OXT HXT  sing N N 128 
GLY N   CA   sing N N 129 
GLY N   H    sing N N 130 
GLY N   H2   sing N N 131 
GLY CA  C    sing N N 132 
GLY CA  HA2  sing N N 133 
GLY CA  HA3  sing N N 134 
GLY C   O    doub N N 135 
GLY C   OXT  sing N N 136 
GLY OXT HXT  sing N N 137 
HIS N   CA   sing N N 138 
HIS N   H    sing N N 139 
HIS N   H2   sing N N 140 
HIS CA  C    sing N N 141 
HIS CA  CB   sing N N 142 
HIS CA  HA   sing N N 143 
HIS C   O    doub N N 144 
HIS C   OXT  sing N N 145 
HIS CB  CG   sing N N 146 
HIS CB  HB2  sing N N 147 
HIS CB  HB3  sing N N 148 
HIS CG  ND1  sing Y N 149 
HIS CG  CD2  doub Y N 150 
HIS ND1 CE1  doub Y N 151 
HIS ND1 HD1  sing N N 152 
HIS CD2 NE2  sing Y N 153 
HIS CD2 HD2  sing N N 154 
HIS CE1 NE2  sing Y N 155 
HIS CE1 HE1  sing N N 156 
HIS NE2 HE2  sing N N 157 
HIS OXT HXT  sing N N 158 
HOH O   H1   sing N N 159 
HOH O   H2   sing N N 160 
ILE N   CA   sing N N 161 
ILE N   H    sing N N 162 
ILE N   H2   sing N N 163 
ILE CA  C    sing N N 164 
ILE CA  CB   sing N N 165 
ILE CA  HA   sing N N 166 
ILE C   O    doub N N 167 
ILE C   OXT  sing N N 168 
ILE CB  CG1  sing N N 169 
ILE CB  CG2  sing N N 170 
ILE CB  HB   sing N N 171 
ILE CG1 CD1  sing N N 172 
ILE CG1 HG12 sing N N 173 
ILE CG1 HG13 sing N N 174 
ILE CG2 HG21 sing N N 175 
ILE CG2 HG22 sing N N 176 
ILE CG2 HG23 sing N N 177 
ILE CD1 HD11 sing N N 178 
ILE CD1 HD12 sing N N 179 
ILE CD1 HD13 sing N N 180 
ILE OXT HXT  sing N N 181 
LEU N   CA   sing N N 182 
LEU N   H    sing N N 183 
LEU N   H2   sing N N 184 
LEU CA  C    sing N N 185 
LEU CA  CB   sing N N 186 
LEU CA  HA   sing N N 187 
LEU C   O    doub N N 188 
LEU C   OXT  sing N N 189 
LEU CB  CG   sing N N 190 
LEU CB  HB2  sing N N 191 
LEU CB  HB3  sing N N 192 
LEU CG  CD1  sing N N 193 
LEU CG  CD2  sing N N 194 
LEU CG  HG   sing N N 195 
LEU CD1 HD11 sing N N 196 
LEU CD1 HD12 sing N N 197 
LEU CD1 HD13 sing N N 198 
LEU CD2 HD21 sing N N 199 
LEU CD2 HD22 sing N N 200 
LEU CD2 HD23 sing N N 201 
LEU OXT HXT  sing N N 202 
LYS N   CA   sing N N 203 
LYS N   H    sing N N 204 
LYS N   H2   sing N N 205 
LYS CA  C    sing N N 206 
LYS CA  CB   sing N N 207 
LYS CA  HA   sing N N 208 
LYS C   O    doub N N 209 
LYS C   OXT  sing N N 210 
LYS CB  CG   sing N N 211 
LYS CB  HB2  sing N N 212 
LYS CB  HB3  sing N N 213 
LYS CG  CD   sing N N 214 
LYS CG  HG2  sing N N 215 
LYS CG  HG3  sing N N 216 
LYS CD  CE   sing N N 217 
LYS CD  HD2  sing N N 218 
LYS CD  HD3  sing N N 219 
LYS CE  NZ   sing N N 220 
LYS CE  HE2  sing N N 221 
LYS CE  HE3  sing N N 222 
LYS NZ  HZ1  sing N N 223 
LYS NZ  HZ2  sing N N 224 
LYS NZ  HZ3  sing N N 225 
LYS OXT HXT  sing N N 226 
MET N   CA   sing N N 227 
MET N   H    sing N N 228 
MET N   H2   sing N N 229 
MET CA  C    sing N N 230 
MET CA  CB   sing N N 231 
MET CA  HA   sing N N 232 
MET C   O    doub N N 233 
MET C   OXT  sing N N 234 
MET CB  CG   sing N N 235 
MET CB  HB2  sing N N 236 
MET CB  HB3  sing N N 237 
MET CG  SD   sing N N 238 
MET CG  HG2  sing N N 239 
MET CG  HG3  sing N N 240 
MET SD  CE   sing N N 241 
MET CE  HE1  sing N N 242 
MET CE  HE2  sing N N 243 
MET CE  HE3  sing N N 244 
MET OXT HXT  sing N N 245 
PHE N   CA   sing N N 246 
PHE N   H    sing N N 247 
PHE N   H2   sing N N 248 
PHE CA  C    sing N N 249 
PHE CA  CB   sing N N 250 
PHE CA  HA   sing N N 251 
PHE C   O    doub N N 252 
PHE C   OXT  sing N N 253 
PHE CB  CG   sing N N 254 
PHE CB  HB2  sing N N 255 
PHE CB  HB3  sing N N 256 
PHE CG  CD1  doub Y N 257 
PHE CG  CD2  sing Y N 258 
PHE CD1 CE1  sing Y N 259 
PHE CD1 HD1  sing N N 260 
PHE CD2 CE2  doub Y N 261 
PHE CD2 HD2  sing N N 262 
PHE CE1 CZ   doub Y N 263 
PHE CE1 HE1  sing N N 264 
PHE CE2 CZ   sing Y N 265 
PHE CE2 HE2  sing N N 266 
PHE CZ  HZ   sing N N 267 
PHE OXT HXT  sing N N 268 
PRO N   CA   sing N N 269 
PRO N   CD   sing N N 270 
PRO N   H    sing N N 271 
PRO CA  C    sing N N 272 
PRO CA  CB   sing N N 273 
PRO CA  HA   sing N N 274 
PRO C   O    doub N N 275 
PRO C   OXT  sing N N 276 
PRO CB  CG   sing N N 277 
PRO CB  HB2  sing N N 278 
PRO CB  HB3  sing N N 279 
PRO CG  CD   sing N N 280 
PRO CG  HG2  sing N N 281 
PRO CG  HG3  sing N N 282 
PRO CD  HD2  sing N N 283 
PRO CD  HD3  sing N N 284 
PRO OXT HXT  sing N N 285 
SER N   CA   sing N N 286 
SER N   H    sing N N 287 
SER N   H2   sing N N 288 
SER CA  C    sing N N 289 
SER CA  CB   sing N N 290 
SER CA  HA   sing N N 291 
SER C   O    doub N N 292 
SER C   OXT  sing N N 293 
SER CB  OG   sing N N 294 
SER CB  HB2  sing N N 295 
SER CB  HB3  sing N N 296 
SER OG  HG   sing N N 297 
SER OXT HXT  sing N N 298 
SO4 S   O1   doub N N 299 
SO4 S   O2   doub N N 300 
SO4 S   O3   sing N N 301 
SO4 S   O4   sing N N 302 
T9Q C12 C13  doub Y N 303 
T9Q C12 C11  sing Y N 304 
T9Q C13 C08  sing Y N 305 
T9Q C11 C10  doub Y N 306 
T9Q C08 C07  sing N N 307 
T9Q C08 C09  doub Y N 308 
T9Q C07 N06  sing N N 309 
T9Q N06 C04  sing N N 310 
T9Q O02 C03  sing N N 311 
T9Q O02 C01  sing N N 312 
T9Q O05 C04  doub N N 313 
T9Q C04 C03  sing N N 314 
T9Q C10 C09  sing Y N 315 
T9Q C10 H1   sing N N 316 
T9Q C13 H2   sing N N 317 
T9Q C01 H3   sing N N 318 
T9Q C01 H4   sing N N 319 
T9Q C01 H5   sing N N 320 
T9Q C03 H6   sing N N 321 
T9Q C03 H7   sing N N 322 
T9Q C07 H8   sing N N 323 
T9Q C07 H9   sing N N 324 
T9Q C09 H10  sing N N 325 
T9Q C11 H11  sing N N 326 
T9Q C12 H12  sing N N 327 
T9Q N06 H13  sing N N 328 
THR N   CA   sing N N 329 
THR N   H    sing N N 330 
THR N   H2   sing N N 331 
THR CA  C    sing N N 332 
THR CA  CB   sing N N 333 
THR CA  HA   sing N N 334 
THR C   O    doub N N 335 
THR C   OXT  sing N N 336 
THR CB  OG1  sing N N 337 
THR CB  CG2  sing N N 338 
THR CB  HB   sing N N 339 
THR OG1 HG1  sing N N 340 
THR CG2 HG21 sing N N 341 
THR CG2 HG22 sing N N 342 
THR CG2 HG23 sing N N 343 
THR OXT HXT  sing N N 344 
TRP N   CA   sing N N 345 
TRP N   H    sing N N 346 
TRP N   H2   sing N N 347 
TRP CA  C    sing N N 348 
TRP CA  CB   sing N N 349 
TRP CA  HA   sing N N 350 
TRP C   O    doub N N 351 
TRP C   OXT  sing N N 352 
TRP CB  CG   sing N N 353 
TRP CB  HB2  sing N N 354 
TRP CB  HB3  sing N N 355 
TRP CG  CD1  doub Y N 356 
TRP CG  CD2  sing Y N 357 
TRP CD1 NE1  sing Y N 358 
TRP CD1 HD1  sing N N 359 
TRP CD2 CE2  doub Y N 360 
TRP CD2 CE3  sing Y N 361 
TRP NE1 CE2  sing Y N 362 
TRP NE1 HE1  sing N N 363 
TRP CE2 CZ2  sing Y N 364 
TRP CE3 CZ3  doub Y N 365 
TRP CE3 HE3  sing N N 366 
TRP CZ2 CH2  doub Y N 367 
TRP CZ2 HZ2  sing N N 368 
TRP CZ3 CH2  sing Y N 369 
TRP CZ3 HZ3  sing N N 370 
TRP CH2 HH2  sing N N 371 
TRP OXT HXT  sing N N 372 
TYR N   CA   sing N N 373 
TYR N   H    sing N N 374 
TYR N   H2   sing N N 375 
TYR CA  C    sing N N 376 
TYR CA  CB   sing N N 377 
TYR CA  HA   sing N N 378 
TYR C   O    doub N N 379 
TYR C   OXT  sing N N 380 
TYR CB  CG   sing N N 381 
TYR CB  HB2  sing N N 382 
TYR CB  HB3  sing N N 383 
TYR CG  CD1  doub Y N 384 
TYR CG  CD2  sing Y N 385 
TYR CD1 CE1  sing Y N 386 
TYR CD1 HD1  sing N N 387 
TYR CD2 CE2  doub Y N 388 
TYR CD2 HD2  sing N N 389 
TYR CE1 CZ   doub Y N 390 
TYR CE1 HE1  sing N N 391 
TYR CE2 CZ   sing Y N 392 
TYR CE2 HE2  sing N N 393 
TYR CZ  OH   sing N N 394 
TYR OH  HH   sing N N 395 
TYR OXT HXT  sing N N 396 
VAL N   CA   sing N N 397 
VAL N   H    sing N N 398 
VAL N   H2   sing N N 399 
VAL CA  C    sing N N 400 
VAL CA  CB   sing N N 401 
VAL CA  HA   sing N N 402 
VAL C   O    doub N N 403 
VAL C   OXT  sing N N 404 
VAL CB  CG1  sing N N 405 
VAL CB  CG2  sing N N 406 
VAL CB  HB   sing N N 407 
VAL CG1 HG11 sing N N 408 
VAL CG1 HG12 sing N N 409 
VAL CG1 HG13 sing N N 410 
VAL CG2 HG21 sing N N 411 
VAL CG2 HG22 sing N N 412 
VAL CG2 HG23 sing N N 413 
VAL OXT HXT  sing N N 414 
# 
_pdbx_audit_support.ordinal                1 
_pdbx_audit_support.funding_organization   'European Union (EU)' 
_pdbx_audit_support.grant_number           875510 
_pdbx_audit_support.country                'European Union' 
# 
_pdbx_deposit_group.group_id            G_1002320 
_pdbx_deposit_group.group_description   
;PRYSPRY domain of murine TRIM21 screened against the DSI-poised Fragment Library by X-ray Crystallography at the XChem facility of Diamon Light Source
;
_pdbx_deposit_group.group_title         'PanDDA analysis group deposition' 
_pdbx_deposit_group.group_type          'changed state' 
# 
_pdbx_initial_refinement_model.id               1 
_pdbx_initial_refinement_model.entity_id_list   ? 
_pdbx_initial_refinement_model.type             'experimental model' 
_pdbx_initial_refinement_model.source_name      PDB 
_pdbx_initial_refinement_model.accession_code   2VOK 
_pdbx_initial_refinement_model.details          ? 
# 
_atom_sites.entry_id                    7HNB 
_atom_sites.fract_transf_matrix[1][1]   -0.00104584 
_atom_sites.fract_transf_matrix[1][2]   -0.00997760 
_atom_sites.fract_transf_matrix[1][3]   0.00299575 
_atom_sites.fract_transf_matrix[2][1]   0.00690787 
_atom_sites.fract_transf_matrix[2][2]   -0.00291790 
_atom_sites.fract_transf_matrix[2][3]   -0.00730672 
_atom_sites.fract_transf_matrix[3][1]   0.01622605 
_atom_sites.fract_transf_matrix[3][2]   0.00259407 
_atom_sites.fract_transf_matrix[3][3]   0.01430440 
_atom_sites.fract_transf_vector[1]      -0.298248 
_atom_sites.fract_transf_vector[2]      -0.118007 
_atom_sites.fract_transf_vector[3]      -0.503631 
# 
loop_
_atom_type.symbol 
C 
N 
O 
S 
# 
loop_
_atom_site.group_PDB 
_atom_site.id 
_atom_site.type_symbol 
_atom_site.label_atom_id 
_atom_site.label_alt_id 
_atom_site.label_comp_id 
_atom_site.label_asym_id 
_atom_site.label_entity_id 
_atom_site.label_seq_id 
_atom_site.pdbx_PDB_ins_code 
_atom_site.Cartn_x 
_atom_site.Cartn_y 
_atom_site.Cartn_z 
_atom_site.occupancy 
_atom_site.B_iso_or_equiv 
_atom_site.pdbx_formal_charge 
_atom_site.auth_seq_id 
_atom_site.auth_comp_id 
_atom_site.auth_asym_id 
_atom_site.auth_atom_id 
_atom_site.pdbx_PDB_model_num 
ATOM   1    N N   . HIS A 1 2   ? 7.244   -12.521 14.147  1.00 67.98 ? 8   HIS B N   1 
ATOM   2    C CA  . HIS A 1 2   ? 5.834   -12.961 13.874  1.00 63.40 ? 8   HIS B CA  1 
ATOM   3    C C   . HIS A 1 2   ? 5.838   -14.315 13.149  1.00 62.41 ? 8   HIS B C   1 
ATOM   4    O O   . HIS A 1 2   ? 6.898   -14.708 12.587  1.00 62.42 ? 8   HIS B O   1 
ATOM   5    C CB  . HIS A 1 2   ? 5.065   -11.883 13.081  1.00 57.27 ? 8   HIS B CB  1 
ATOM   6    C CG  . HIS A 1 2   ? 5.492   -11.728 11.653  1.00 52.80 ? 8   HIS B CG  1 
ATOM   7    N ND1 . HIS A 1 2   ? 5.026   -12.553 10.647  1.00 50.73 ? 8   HIS B ND1 1 
ATOM   8    C CD2 . HIS A 1 2   ? 6.314   -10.839 11.050  1.00 50.50 ? 8   HIS B CD2 1 
ATOM   9    C CE1 . HIS A 1 2   ? 5.561   -12.193 9.496   1.00 52.10 ? 8   HIS B CE1 1 
ATOM   10   N NE2 . HIS A 1 2   ? 6.356   -11.146 9.710   1.00 46.96 ? 8   HIS B NE2 1 
ATOM   11   N N   . HIS A 1 3   ? 4.678   -14.972 13.123  1.00 54.14 ? 9   HIS B N   1 
ATOM   12   C CA  . HIS A 1 3   ? 4.454   -16.306 12.510  1.00 58.40 ? 9   HIS B CA  1 
ATOM   13   C C   . HIS A 1 3   ? 3.235   -16.247 11.568  1.00 51.84 ? 9   HIS B C   1 
ATOM   14   O O   . HIS A 1 3   ? 2.453   -17.211 11.575  1.00 52.01 ? 9   HIS B O   1 
ATOM   15   C CB  . HIS A 1 3   ? 4.355   -17.352 13.641  1.00 65.00 ? 9   HIS B CB  1 
ATOM   16   C CG  . HIS A 1 3   ? 5.481   -17.260 14.629  1.00 74.53 ? 9   HIS B CG  1 
ATOM   17   N ND1 . HIS A 1 3   ? 6.696   -17.917 14.445  1.00 74.12 ? 9   HIS B ND1 1 
ATOM   18   C CD2 . HIS A 1 3   ? 5.603   -16.566 15.784  1.00 78.33 ? 9   HIS B CD2 1 
ATOM   19   C CE1 . HIS A 1 3   ? 7.504   -17.641 15.451  1.00 76.07 ? 9   HIS B CE1 1 
ATOM   20   N NE2 . HIS A 1 3   ? 6.854   -16.818 16.290  1.00 81.45 ? 9   HIS B NE2 1 
ATOM   21   N N   . HIS A 1 4   ? 3.109   -15.170 10.763  1.00 41.97 ? 10  HIS B N   1 
ATOM   22   C CA  . HIS A 1 4   ? 1.977   -14.889 9.828   1.00 36.15 ? 10  HIS B CA  1 
ATOM   23   C C   . HIS A 1 4   ? 2.309   -15.351 8.404   1.00 34.06 ? 10  HIS B C   1 
ATOM   24   O O   . HIS A 1 4   ? 1.401   -15.338 7.546   1.00 31.10 ? 10  HIS B O   1 
ATOM   25   C CB  . HIS A 1 4   ? 1.641   -13.383 9.794   1.00 33.71 ? 10  HIS B CB  1 
ATOM   26   C CG  . HIS A 1 4   ? 1.186   -12.821 11.096  1.00 35.04 ? 10  HIS B CG  1 
ATOM   27   N ND1 . HIS A 1 4   ? 0.260   -13.477 11.912  1.00 32.23 ? 10  HIS B ND1 1 
ATOM   28   C CD2 . HIS A 1 4   ? 1.518   -11.677 11.729  1.00 31.70 ? 10  HIS B CD2 1 
ATOM   29   C CE1 . HIS A 1 4   ? 0.043   -12.743 12.986  1.00 38.49 ? 10  HIS B CE1 1 
ATOM   30   N NE2 . HIS A 1 4   ? 0.798   -11.628 12.892  1.00 36.19 ? 10  HIS B NE2 1 
ATOM   31   N N   . HIS A 1 5   ? 3.571   -15.711 8.137   1.00 35.43 ? 11  HIS B N   1 
ATOM   32   C CA  . HIS A 1 5   ? 4.090   -16.066 6.788   1.00 36.85 ? 11  HIS B CA  1 
ATOM   33   C C   . HIS A 1 5   ? 3.187   -17.104 6.100   1.00 36.36 ? 11  HIS B C   1 
ATOM   34   O O   . HIS A 1 5   ? 2.998   -16.995 4.864   1.00 37.07 ? 11  HIS B O   1 
ATOM   35   C CB  . HIS A 1 5   ? 5.568   -16.519 6.863   1.00 42.84 ? 11  HIS B CB  1 
ATOM   36   C CG  . HIS A 1 5   ? 6.460   -15.538 7.551   1.00 51.47 ? 11  HIS B CG  1 
ATOM   37   N ND1 . HIS A 1 5   ? 6.750   -15.620 8.915   1.00 58.72 ? 11  HIS B ND1 1 
ATOM   38   C CD2 . HIS A 1 5   ? 7.108   -14.440 7.093   1.00 58.52 ? 11  HIS B CD2 1 
ATOM   39   C CE1 . HIS A 1 5   ? 7.541   -14.616 9.260   1.00 59.94 ? 11  HIS B CE1 1 
ATOM   40   N NE2 . HIS A 1 5   ? 7.772   -13.870 8.159   1.00 58.15 ? 11  HIS B NE2 1 
ATOM   41   N N   . HIS A 1 6   ? 2.610   -18.052 6.850   1.00 33.51 ? 12  HIS B N   1 
ATOM   42   C CA  . HIS A 1 6   ? 1.766   -19.157 6.312   1.00 34.49 ? 12  HIS B CA  1 
ATOM   43   C C   . HIS A 1 6   ? 0.419   -18.670 5.764   1.00 32.12 ? 12  HIS B C   1 
ATOM   44   O O   . HIS A 1 6   ? -0.254  -19.474 5.116   1.00 34.36 ? 12  HIS B O   1 
ATOM   45   C CB  . HIS A 1 6   ? 1.573   -20.265 7.362   1.00 39.68 ? 12  HIS B CB  1 
ATOM   46   C CG  . HIS A 1 6   ? 0.827   -19.876 8.590   1.00 40.59 ? 12  HIS B CG  1 
ATOM   47   N ND1 . HIS A 1 6   ? -0.450  -20.341 8.854   1.00 49.77 ? 12  HIS B ND1 1 
ATOM   48   C CD2 . HIS A 1 6   ? 1.183   -19.132 9.659   1.00 44.42 ? 12  HIS B CD2 1 
ATOM   49   C CE1 . HIS A 1 6   ? -0.862  -19.874 10.015  1.00 44.60 ? 12  HIS B CE1 1 
ATOM   50   N NE2 . HIS A 1 6   ? 0.120   -19.124 10.529  1.00 48.95 ? 12  HIS B NE2 1 
ATOM   51   N N   . HIS A 1 7   ? -0.005  -17.427 6.035   1.00 27.63 ? 13  HIS B N   1 
ATOM   52   C CA  . HIS A 1 7   ? -1.211  -16.814 5.412   1.00 24.85 ? 13  HIS B CA  1 
ATOM   53   C C   . HIS A 1 7   ? -0.816  -16.072 4.132   1.00 23.46 ? 13  HIS B C   1 
ATOM   54   O O   . HIS A 1 7   ? -1.625  -15.258 3.661   1.00 20.26 ? 13  HIS B O   1 
ATOM   55   C CB  . HIS A 1 7   ? -1.902  -15.859 6.388   1.00 23.37 ? 13  HIS B CB  1 
ATOM   56   C CG  . HIS A 1 7   ? -2.299  -16.521 7.672   1.00 24.36 ? 13  HIS B CG  1 
ATOM   57   N ND1 . HIS A 1 7   ? -3.235  -17.543 7.687   1.00 25.44 ? 13  HIS B ND1 1 
ATOM   58   C CD2 . HIS A 1 7   ? -1.882  -16.326 8.942   1.00 25.11 ? 13  HIS B CD2 1 
ATOM   59   C CE1 . HIS A 1 7   ? -3.395  -17.948 8.929   1.00 24.61 ? 13  HIS B CE1 1 
ATOM   60   N NE2 . HIS A 1 7   ? -2.572  -17.235 9.726   1.00 28.39 ? 13  HIS B NE2 1 
ATOM   61   N N   . MET A 1 8   ? 0.361   -16.353 3.572   1.00 24.57 ? 14  MET B N   1 
ATOM   62   C CA  . MET A 1 8   ? 0.852   -15.661 2.345   1.00 27.47 ? 14  MET B CA  1 
ATOM   63   C C   . MET A 1 8   ? -0.196  -15.765 1.223   1.00 26.09 ? 14  MET B C   1 
ATOM   64   O O   . MET A 1 8   ? -0.732  -16.858 0.963   1.00 28.04 ? 14  MET B O   1 
ATOM   65   C CB  . MET A 1 8   ? 2.187   -16.260 1.881   1.00 33.74 ? 14  MET B CB  1 
ATOM   66   C CG  . MET A 1 8   ? 2.841   -15.586 0.653   1.00 39.71 ? 14  MET B CG  1 
ATOM   67   S SD  . MET A 1 8   ? 3.520   -13.877 0.880   1.00 49.19 ? 14  MET B SD  1 
ATOM   68   C CE  . MET A 1 8   ? 5.122   -14.202 1.615   1.00 41.26 ? 14  MET B CE  1 
ATOM   69   N N   . VAL A 1 9   ? -0.473  -14.657 0.543   1.00 21.55 ? 15  VAL B N   1 
ATOM   70   C CA  . VAL A 1 9   ? -1.357  -14.615 -0.657  1.00 23.01 ? 15  VAL B CA  1 
ATOM   71   C C   . VAL A 1 9   ? -0.562  -13.990 -1.817  1.00 25.26 ? 15  VAL B C   1 
ATOM   72   O O   . VAL A 1 9   ? 0.333   -13.141 -1.559  1.00 24.87 ? 15  VAL B O   1 
ATOM   73   C CB  . VAL A 1 9   ? -2.670  -13.860 -0.376  1.00 24.11 ? 15  VAL B CB  1 
ATOM   74   C CG1 . VAL A 1 9   ? -3.543  -14.667 0.575   1.00 26.88 ? 15  VAL B CG1 1 
ATOM   75   C CG2 . VAL A 1 9   ? -2.429  -12.451 0.146   1.00 24.80 ? 15  VAL B CG2 1 
ATOM   76   N N   . HIS A 1 10  ? -0.873  -14.398 -3.044  1.00 24.34 ? 16  HIS B N   1 
ATOM   77   C CA  . HIS A 1 10  ? -0.158  -13.942 -4.261  1.00 24.76 ? 16  HIS B CA  1 
ATOM   78   C C   . HIS A 1 10  ? -0.904  -12.713 -4.787  1.00 23.19 ? 16  HIS B C   1 
ATOM   79   O O   . HIS A 1 10  ? -2.027  -12.866 -5.286  1.00 25.10 ? 16  HIS B O   1 
ATOM   80   C CB  . HIS A 1 10  ? -0.075  -15.070 -5.273  1.00 26.97 ? 16  HIS B CB  1 
ATOM   81   C CG  . HIS A 1 10  ? 0.682   -14.712 -6.512  1.00 31.32 ? 16  HIS B CG  1 
ATOM   82   N ND1 . HIS A 1 10  ? 2.072   -14.746 -6.583  1.00 34.03 ? 16  HIS B ND1 1 
ATOM   83   C CD2 . HIS A 1 10  ? 0.244   -14.307 -7.728  1.00 32.35 ? 16  HIS B CD2 1 
ATOM   84   C CE1 . HIS A 1 10  ? 2.454   -14.376 -7.796  1.00 33.30 ? 16  HIS B CE1 1 
ATOM   85   N NE2 . HIS A 1 10  ? 1.348   -14.101 -8.520  1.00 36.78 ? 16  HIS B NE2 1 
ATOM   86   N N   . ILE A 1 11  ? -0.384  -11.511 -4.548  1.00 19.42 ? 17  ILE B N   1 
ATOM   87   C CA  . ILE A 1 11  ? -1.064  -10.254 -4.954  1.00 21.38 ? 17  ILE B CA  1 
ATOM   88   C C   . ILE A 1 11  ? -0.585  -9.877  -6.360  1.00 20.17 ? 17  ILE B C   1 
ATOM   89   O O   . ILE A 1 11  ? 0.565   -10.081 -6.664  1.00 18.93 ? 17  ILE B O   1 
ATOM   90   C CB  . ILE A 1 11  ? -0.770  -9.116  -3.958  1.00 20.57 ? 17  ILE B CB  1 
ATOM   91   C CG1 . ILE A 1 11  ? -1.227  -9.459  -2.535  1.00 21.79 ? 17  ILE B CG1 1 
ATOM   92   C CG2 . ILE A 1 11  ? -1.331  -7.796  -4.473  1.00 19.78 ? 17  ILE B CG2 1 
ATOM   93   C CD1 . ILE A 1 11  ? -2.661  -9.939  -2.390  1.00 21.31 ? 17  ILE B CD1 1 
ATOM   94   N N   . THR A 1 12  ? -1.510  -9.423  -7.178  1.00 19.05 ? 18  THR B N   1 
ATOM   95   C CA  . THR A 1 12  ? -1.218  -8.801  -8.500  1.00 20.08 ? 18  THR B CA  1 
ATOM   96   C C   . THR A 1 12  ? -1.876  -7.421  -8.568  1.00 19.36 ? 18  THR B C   1 
ATOM   97   O O   . THR A 1 12  ? -2.867  -7.162  -7.860  1.00 19.78 ? 18  THR B O   1 
ATOM   98   C CB  . THR A 1 12  ? -1.638  -9.748  -9.636  1.00 20.73 ? 18  THR B CB  1 
ATOM   99   O OG1 . THR A 1 12  ? -3.043  -9.925  -9.585  1.00 21.53 ? 18  THR B OG1 1 
ATOM   100  C CG2 . THR A 1 12  ? -0.926  -11.084 -9.617  1.00 24.84 ? 18  THR B CG2 1 
ATOM   101  N N   . LEU A 1 13  ? -1.283  -6.501  -9.325  1.00 16.66 ? 19  LEU B N   1 
ATOM   102  C CA  . LEU A 1 13  ? -1.783  -5.117  -9.468  1.00 17.99 ? 19  LEU B CA  1 
ATOM   103  C C   . LEU A 1 13  ? -2.880  -5.042  -10.537 1.00 17.83 ? 19  LEU B C   1 
ATOM   104  O O   . LEU A 1 13  ? -2.744  -5.707  -11.568 1.00 19.40 ? 19  LEU B O   1 
ATOM   105  C CB  . LEU A 1 13  ? -0.591  -4.212  -9.780  1.00 18.16 ? 19  LEU B CB  1 
ATOM   106  C CG  . LEU A 1 13  ? 0.501   -4.238  -8.709  1.00 19.64 ? 19  LEU B CG  1 
ATOM   107  C CD1 . LEU A 1 13  ? 1.762   -3.489  -9.100  1.00 21.78 ? 19  LEU B CD1 1 
ATOM   108  C CD2 . LEU A 1 13  ? -0.030  -3.711  -7.370  1.00 19.68 ? 19  LEU B CD2 1 
ATOM   109  N N   . ASP A 1 14  ? -3.893  -4.248  -10.289 1.00 16.59 ? 20  ASP B N   1 
ATOM   110  C CA  . ASP A 1 14  ? -5.014  -3.987  -11.223 1.00 18.19 ? 20  ASP B CA  1 
ATOM   111  C C   . ASP A 1 14  ? -4.699  -2.700  -12.029 1.00 19.63 ? 20  ASP B C   1 
ATOM   112  O O   . ASP A 1 14  ? -4.931  -1.617  -11.536 1.00 17.81 ? 20  ASP B O   1 
ATOM   113  C CB  . ASP A 1 14  ? -6.332  -3.876  -10.462 1.00 18.18 ? 20  ASP B CB  1 
ATOM   114  C CG  . ASP A 1 14  ? -7.567  -3.695  -11.333 1.00 23.27 ? 20  ASP B CG  1 
ATOM   115  O OD1 . ASP A 1 14  ? -7.392  -3.387  -12.508 1.00 22.82 ? 20  ASP B OD1 1 
ATOM   116  O OD2 . ASP A 1 14  ? -8.689  -3.808  -10.792 1.00 22.55 ? 20  ASP B OD2 1 
ATOM   117  N N   A ARG A 1 15  ? -4.187  -2.886  -13.253 0.25 19.81 ? 21  ARG B N   1 
ATOM   118  N N   B ARG A 1 15  ? -4.203  -2.868  -13.258 0.25 20.97 ? 21  ARG B N   1 
ATOM   119  C CA  A ARG A 1 15  ? -3.895  -1.837  -14.274 0.25 21.14 ? 21  ARG B CA  1 
ATOM   120  C CA  B ARG A 1 15  ? -3.854  -1.771  -14.206 0.25 23.06 ? 21  ARG B CA  1 
ATOM   121  C C   A ARG A 1 15  ? -5.020  -0.803  -14.350 0.25 20.43 ? 21  ARG B C   1 
ATOM   122  C C   B ARG A 1 15  ? -5.022  -0.790  -14.369 0.25 21.53 ? 21  ARG B C   1 
ATOM   123  O O   A ARG A 1 15  ? -4.720  0.383   -14.530 0.25 19.52 ? 21  ARG B O   1 
ATOM   124  O O   B ARG A 1 15  ? -4.751  0.392   -14.612 0.25 20.39 ? 21  ARG B O   1 
ATOM   125  C CB  A ARG A 1 15  ? -3.751  -2.476  -15.665 0.25 22.41 ? 21  ARG B CB  1 
ATOM   126  C CB  B ARG A 1 15  ? -3.471  -2.350  -15.574 0.25 26.55 ? 21  ARG B CB  1 
ATOM   127  C CG  A ARG A 1 15  ? -2.655  -3.525  -15.752 0.25 23.94 ? 21  ARG B CG  1 
ATOM   128  C CG  B ARG A 1 15  ? -2.139  -3.085  -15.597 0.25 29.58 ? 21  ARG B CG  1 
ATOM   129  C CD  A ARG A 1 15  ? -2.361  -3.987  -17.175 0.25 24.22 ? 21  ARG B CD  1 
ATOM   130  C CD  B ARG A 1 15  ? -2.291  -4.600  -15.558 0.25 33.22 ? 21  ARG B CD  1 
ATOM   131  N NE  A ARG A 1 15  ? -1.147  -4.788  -17.207 0.25 23.59 ? 21  ARG B NE  1 
ATOM   132  N NE  B ARG A 1 15  ? -2.437  -5.220  -16.877 0.25 34.46 ? 21  ARG B NE  1 
ATOM   133  C CZ  A ARG A 1 15  ? 0.066   -4.266  -17.217 0.25 23.02 ? 21  ARG B CZ  1 
ATOM   134  C CZ  B ARG A 1 15  ? -3.540  -5.817  -17.328 0.25 37.69 ? 21  ARG B CZ  1 
ATOM   135  N NH1 A ARG A 1 15  ? 0.200   -2.954  -17.228 0.25 23.23 ? 21  ARG B NH1 1 
ATOM   136  N NH1 B ARG A 1 15  ? -4.623  -5.896  -16.576 0.25 39.20 ? 21  ARG B NH1 1 
ATOM   137  N NH2 A ARG A 1 15  ? 1.132   -5.041  -17.224 0.25 23.85 ? 21  ARG B NH2 1 
ATOM   138  N NH2 B ARG A 1 15  ? -3.552  -6.349  -18.536 0.25 39.76 ? 21  ARG B NH2 1 
ATOM   139  N N   . ASN A 1 16  ? -6.272  -1.253  -14.256 1.00 21.22 ? 22  ASN B N   1 
ATOM   140  C CA  . ASN A 1 16  ? -7.448  -0.398  -14.509 1.00 20.82 ? 22  ASN B CA  1 
ATOM   141  C C   . ASN A 1 16  ? -7.620  0.636   -13.397 1.00 18.88 ? 22  ASN B C   1 
ATOM   142  O O   . ASN A 1 16  ? -8.198  1.686   -13.713 1.00 18.79 ? 22  ASN B O   1 
ATOM   143  C CB  . ASN A 1 16  ? -8.705  -1.238  -14.771 1.00 25.98 ? 22  ASN B CB  1 
ATOM   144  C CG  . ASN A 1 16  ? -8.680  -1.860  -16.156 1.00 32.02 ? 22  ASN B CG  1 
ATOM   145  O OD1 . ASN A 1 16  ? -8.003  -1.375  -17.063 1.00 41.45 ? 22  ASN B OD1 1 
ATOM   146  N ND2 . ASN A 1 16  ? -9.393  -2.960  -16.325 1.00 43.91 ? 22  ASN B ND2 1 
ATOM   147  N N   . THR A 1 17  ? -7.051  0.409   -12.192 1.00 16.46 ? 23  THR B N   1 
ATOM   148  C CA  . THR A 1 17  ? -7.160  1.352   -11.047 1.00 17.73 ? 23  THR B CA  1 
ATOM   149  C C   . THR A 1 17  ? -5.979  2.329   -11.034 1.00 16.52 ? 23  THR B C   1 
ATOM   150  O O   . THR A 1 17  ? -6.003  3.287   -10.270 1.00 16.18 ? 23  THR B O   1 
ATOM   151  C CB  . THR A 1 17  ? -7.243  0.627   -9.696  1.00 16.78 ? 23  THR B CB  1 
ATOM   152  O OG1 . THR A 1 17  ? -5.992  -0.019  -9.466  1.00 16.81 ? 23  THR B OG1 1 
ATOM   153  C CG2 . THR A 1 17  ? -8.420  -0.335  -9.625  1.00 16.52 ? 23  THR B CG2 1 
ATOM   154  N N   . ALA A 1 18  ? -4.956  2.093   -11.846 1.00 15.46 ? 24  ALA B N   1 
ATOM   155  C CA  . ALA A 1 18  ? -3.689  2.843   -11.725 1.00 14.58 ? 24  ALA B CA  1 
ATOM   156  C C   . ALA A 1 18  ? -3.863  4.290   -12.213 1.00 15.96 ? 24  ALA B C   1 
ATOM   157  O O   . ALA A 1 18  ? -4.456  4.526   -13.265 1.00 16.63 ? 24  ALA B O   1 
ATOM   158  C CB  . ALA A 1 18  ? -2.642  2.135   -12.534 1.00 15.52 ? 24  ALA B CB  1 
ATOM   159  N N   . ASN A 1 19  ? -3.233  5.221   -11.536 1.00 16.25 ? 25  ASN B N   1 
ATOM   160  C CA  . ASN A 1 19  ? -2.943  6.551   -12.102 1.00 15.70 ? 25  ASN B CA  1 
ATOM   161  C C   . ASN A 1 19  ? -2.291  6.376   -13.486 1.00 15.97 ? 25  ASN B C   1 
ATOM   162  O O   . ASN A 1 19  ? -1.438  5.481   -13.706 1.00 15.59 ? 25  ASN B O   1 
ATOM   163  C CB  . ASN A 1 19  ? -2.025  7.302   -11.126 1.00 15.83 ? 25  ASN B CB  1 
ATOM   164  C CG  . ASN A 1 19  ? -1.672  8.661   -11.669 1.00 18.80 ? 25  ASN B CG  1 
ATOM   165  O OD1 . ASN A 1 19  ? -0.739  8.766   -12.423 1.00 18.63 ? 25  ASN B OD1 1 
ATOM   166  N ND2 . ASN A 1 19  ? -2.387  9.700   -11.270 1.00 20.95 ? 25  ASN B ND2 1 
ATOM   167  N N   . SER A 1 20  ? -2.625  7.264   -14.407 1.00 16.59 ? 26  SER B N   1 
ATOM   168  C CA  . SER A 1 20  ? -2.273  7.122   -15.841 1.00 17.62 ? 26  SER B CA  1 
ATOM   169  C C   . SER A 1 20  ? -0.770  7.293   -16.091 1.00 17.25 ? 26  SER B C   1 
ATOM   170  O O   . SER A 1 20  ? -0.359  7.048   -17.228 1.00 18.37 ? 26  SER B O   1 
ATOM   171  C CB  . SER A 1 20  ? -3.062  8.108   -16.645 1.00 19.70 ? 26  SER B CB  1 
ATOM   172  O OG  . SER A 1 20  ? -2.674  9.404   -16.220 1.00 21.33 ? 26  SER B OG  1 
ATOM   173  N N   . TRP A 1 21  ? 0.036   7.705   -15.102 1.00 16.15 ? 27  TRP B N   1 
ATOM   174  C CA  . TRP A 1 21  ? 1.502   7.838   -15.213 1.00 17.03 ? 27  TRP B CA  1 
ATOM   175  C C   . TRP A 1 21  ? 2.207   6.598   -14.704 1.00 16.72 ? 27  TRP B C   1 
ATOM   176  O O   . TRP A 1 21  ? 3.424   6.530   -14.859 1.00 17.17 ? 27  TRP B O   1 
ATOM   177  C CB  . TRP A 1 21  ? 1.963   9.074   -14.468 1.00 18.24 ? 27  TRP B CB  1 
ATOM   178  C CG  . TRP A 1 21  ? 1.623   10.344  -15.185 1.00 18.60 ? 27  TRP B CG  1 
ATOM   179  C CD1 . TRP A 1 21  ? 0.422   10.717  -15.723 1.00 19.35 ? 27  TRP B CD1 1 
ATOM   180  C CD2 . TRP A 1 21  ? 2.521   11.436  -15.398 1.00 20.96 ? 27  TRP B CD2 1 
ATOM   181  N NE1 . TRP A 1 21  ? 0.529   11.972  -16.288 1.00 21.84 ? 27  TRP B NE1 1 
ATOM   182  C CE2 . TRP A 1 21  ? 1.800   12.435  -16.088 1.00 20.04 ? 27  TRP B CE2 1 
ATOM   183  C CE3 . TRP A 1 21  ? 3.881   11.625  -15.128 1.00 22.41 ? 27  TRP B CE3 1 
ATOM   184  C CZ2 . TRP A 1 21  ? 2.407   13.631  -16.498 1.00 22.93 ? 27  TRP B CZ2 1 
ATOM   185  C CZ3 . TRP A 1 21  ? 4.475   12.820  -15.508 1.00 22.68 ? 27  TRP B CZ3 1 
ATOM   186  C CH2 . TRP A 1 21  ? 3.730   13.807  -16.150 1.00 24.57 ? 27  TRP B CH2 1 
ATOM   187  N N   . LEU A 1 22  ? 1.477   5.591   -14.184 1.00 16.91 ? 28  LEU B N   1 
ATOM   188  C CA  . LEU A 1 22  ? 2.174   4.410   -13.631 1.00 16.61 ? 28  LEU B CA  1 
ATOM   189  C C   . LEU A 1 22  ? 2.469   3.389   -14.735 1.00 16.69 ? 28  LEU B C   1 
ATOM   190  O O   . LEU A 1 22  ? 1.657   3.214   -15.679 1.00 15.50 ? 28  LEU B O   1 
ATOM   191  C CB  . LEU A 1 22  ? 1.352   3.759   -12.516 1.00 14.32 ? 28  LEU B CB  1 
ATOM   192  C CG  . LEU A 1 22  ? 1.086   4.614   -11.280 1.00 14.87 ? 28  LEU B CG  1 
ATOM   193  C CD1 . LEU A 1 22  ? 0.299   3.845   -10.231 1.00 15.98 ? 28  LEU B CD1 1 
ATOM   194  C CD2 . LEU A 1 22  ? 2.383   5.151   -10.681 1.00 15.86 ? 28  LEU B CD2 1 
ATOM   195  N N   . ILE A 1 23  ? 3.568   2.679   -14.545 1.00 16.14 ? 29  ILE B N   1 
ATOM   196  C CA  . ILE A 1 23  ? 3.973   1.549   -15.418 1.00 16.07 ? 29  ILE B CA  1 
ATOM   197  C C   . ILE A 1 23  ? 3.967   0.302   -14.550 1.00 16.26 ? 29  ILE B C   1 
ATOM   198  O O   . ILE A 1 23  ? 4.814   0.215   -13.625 1.00 15.94 ? 29  ILE B O   1 
ATOM   199  C CB  . ILE A 1 23  ? 5.341   1.761   -16.056 1.00 17.72 ? 29  ILE B CB  1 
ATOM   200  C CG1 . ILE A 1 23  ? 5.411   3.083   -16.847 1.00 17.34 ? 29  ILE B CG1 1 
ATOM   201  C CG2 . ILE A 1 23  ? 5.685   0.548   -16.934 1.00 18.78 ? 29  ILE B CG2 1 
ATOM   202  C CD1 . ILE A 1 23  ? 6.765   3.476   -17.312 1.00 19.36 ? 29  ILE B CD1 1 
ATOM   203  N N   . ILE A 1 24  ? 3.067   -0.602  -14.867 1.00 19.38 ? 30  ILE B N   1 
ATOM   204  C CA  . ILE A 1 24  ? 2.937   -1.919  -14.188 1.00 19.68 ? 30  ILE B CA  1 
ATOM   205  C C   . ILE A 1 24  ? 3.629   -2.966  -15.056 1.00 22.45 ? 30  ILE B C   1 
ATOM   206  O O   . ILE A 1 24  ? 3.348   -3.054  -16.291 1.00 21.64 ? 30  ILE B O   1 
ATOM   207  C CB  . ILE A 1 24  ? 1.469   -2.246  -13.919 1.00 20.82 ? 30  ILE B CB  1 
ATOM   208  C CG1 . ILE A 1 24  ? 0.952   -1.306  -12.843 1.00 23.69 ? 30  ILE B CG1 1 
ATOM   209  C CG2 . ILE A 1 24  ? 1.277   -3.718  -13.517 1.00 19.64 ? 30  ILE B CG2 1 
ATOM   210  C CD1 . ILE A 1 24  ? -0.460  -1.314  -12.700 1.00 27.83 ? 30  ILE B CD1 1 
ATOM   211  N N   . SER A 1 25  ? 4.443   -3.809  -14.443 1.00 20.77 ? 31  SER B N   1 
ATOM   212  C CA  . SER A 1 25  ? 5.220   -4.824  -15.184 1.00 20.48 ? 31  SER B CA  1 
ATOM   213  C C   . SER A 1 25  ? 4.258   -5.865  -15.795 1.00 19.40 ? 31  SER B C   1 
ATOM   214  O O   . SER A 1 25  ? 3.108   -6.001  -15.366 1.00 20.88 ? 31  SER B O   1 
ATOM   215  C CB  . SER A 1 25  ? 6.233   -5.450  -14.285 1.00 21.20 ? 31  SER B CB  1 
ATOM   216  O OG  . SER A 1 25  ? 5.566   -6.081  -13.205 1.00 20.59 ? 31  SER B OG  1 
ATOM   217  N N   . LYS A 1 26  ? 4.756   -6.615  -16.783 1.00 22.85 ? 32  LYS B N   1 
ATOM   218  C CA  . LYS A 1 26  ? 3.963   -7.649  -17.495 1.00 23.24 ? 32  LYS B CA  1 
ATOM   219  C C   . LYS A 1 26  ? 3.390   -8.658  -16.494 1.00 20.66 ? 32  LYS B C   1 
ATOM   220  O O   . LYS A 1 26  ? 2.230   -9.046  -16.681 1.00 22.70 ? 32  LYS B O   1 
ATOM   221  C CB  . LYS A 1 26  ? 4.873   -8.331  -18.524 1.00 26.90 ? 32  LYS B CB  1 
ATOM   222  C CG  . LYS A 1 26  ? 4.238   -9.463  -19.295 1.00 33.40 ? 32  LYS B CG  1 
ATOM   223  C CD  . LYS A 1 26  ? 5.071   -9.860  -20.474 1.00 34.47 ? 32  LYS B CD  1 
ATOM   224  C CE  . LYS A 1 26  ? 6.534   -9.977  -20.103 1.00 38.22 ? 32  LYS B CE  1 
ATOM   225  N NZ  . LYS A 1 26  ? 7.329   -10.459 -21.249 1.00 41.42 ? 32  LYS B NZ  1 
ATOM   226  N N   . ASP A 1 27  ? 4.152   -9.019  -15.464 1.00 22.92 ? 33  ASP B N   1 
ATOM   227  C CA  . ASP A 1 27  ? 3.729   -10.037 -14.456 1.00 21.18 ? 33  ASP B CA  1 
ATOM   228  C C   . ASP A 1 27  ? 2.778   -9.409  -13.419 1.00 21.41 ? 33  ASP B C   1 
ATOM   229  O O   . ASP A 1 27  ? 2.269   -10.161 -12.547 1.00 20.93 ? 33  ASP B O   1 
ATOM   230  C CB  . ASP A 1 27  ? 4.933   -10.731 -13.811 1.00 23.86 ? 33  ASP B CB  1 
ATOM   231  C CG  . ASP A 1 27  ? 5.819   -9.866  -12.929 1.00 23.93 ? 33  ASP B CG  1 
ATOM   232  O OD1 . ASP A 1 27  ? 5.507   -8.640  -12.737 1.00 23.33 ? 33  ASP B OD1 1 
ATOM   233  O OD2 . ASP A 1 27  ? 6.835   -10.420 -12.444 1.00 27.18 ? 33  ASP B OD2 1 
ATOM   234  N N   . ARG A 1 28  ? 2.541   -8.108  -13.491 1.00 19.21 ? 34  ARG B N   1 
ATOM   235  C CA  . ARG A 1 28  ? 1.612   -7.384  -12.585 1.00 19.02 ? 34  ARG B CA  1 
ATOM   236  C C   . ARG A 1 28  ? 2.113   -7.483  -11.134 1.00 17.65 ? 34  ARG B C   1 
ATOM   237  O O   . ARG A 1 28  ? 1.306   -7.276  -10.206 1.00 19.24 ? 34  ARG B O   1 
ATOM   238  C CB  . ARG A 1 28  ? 0.168   -7.845  -12.809 1.00 24.38 ? 34  ARG B CB  1 
ATOM   239  C CG  . ARG A 1 28  ? -0.293  -7.536  -14.232 1.00 28.58 ? 34  ARG B CG  1 
ATOM   240  C CD  . ARG A 1 28  ? -1.728  -7.846  -14.542 1.00 38.31 ? 34  ARG B CD  1 
ATOM   241  N NE  . ARG A 1 28  ? -2.108  -9.181  -14.124 1.00 49.62 ? 34  ARG B NE  1 
ATOM   242  C CZ  . ARG A 1 28  ? -2.849  -9.476  -13.046 1.00 67.65 ? 34  ARG B CZ  1 
ATOM   243  N NH1 . ARG A 1 28  ? -3.323  -8.525  -12.242 1.00 65.99 ? 34  ARG B NH1 1 
ATOM   244  N NH2 . ARG A 1 28  ? -3.128  -10.748 -12.787 1.00 70.21 ? 34  ARG B NH2 1 
ATOM   245  N N   . ARG A 1 29  ? 3.420   -7.599  -10.932 1.00 16.95 ? 35  ARG B N   1 
ATOM   246  C CA  . ARG A 1 29  ? 4.007   -7.663  -9.580  1.00 18.64 ? 35  ARG B CA  1 
ATOM   247  C C   . ARG A 1 29  ? 4.865   -6.442  -9.255  1.00 17.42 ? 35  ARG B C   1 
ATOM   248  O O   . ARG A 1 29  ? 5.326   -6.360  -8.097  1.00 18.29 ? 35  ARG B O   1 
ATOM   249  C CB  . ARG A 1 29  ? 4.821   -8.945  -9.404  1.00 20.76 ? 35  ARG B CB  1 
ATOM   250  C CG  . ARG A 1 29  ? 3.949   -10.181 -9.581  1.00 20.45 ? 35  ARG B CG  1 
ATOM   251  C CD  . ARG A 1 29  ? 3.302   -10.705 -8.325  1.00 23.37 ? 35  ARG B CD  1 
ATOM   252  N NE  . ARG A 1 29  ? 4.288   -11.327 -7.443  1.00 25.62 ? 35  ARG B NE  1 
ATOM   253  C CZ  . ARG A 1 29  ? 4.038   -11.667 -6.182  1.00 24.90 ? 35  ARG B CZ  1 
ATOM   254  N NH1 . ARG A 1 29  ? 2.835   -11.430 -5.694  1.00 24.49 ? 35  ARG B NH1 1 
ATOM   255  N NH2 . ARG A 1 29  ? 4.982   -12.233 -5.437  1.00 24.71 ? 35  ARG B NH2 1 
ATOM   256  N N   . GLN A 1 30  ? 5.127   -5.539  -10.193 1.00 17.03 ? 36  GLN B N   1 
ATOM   257  C CA  . GLN A 1 30  ? 5.936   -4.323  -9.938  1.00 17.48 ? 36  GLN B CA  1 
ATOM   258  C C   . GLN A 1 30  ? 5.262   -3.105  -10.546 1.00 16.88 ? 36  GLN B C   1 
ATOM   259  O O   . GLN A 1 30  ? 4.513   -3.242  -11.574 1.00 16.23 ? 36  GLN B O   1 
ATOM   260  C CB  . GLN A 1 30  ? 7.339   -4.371  -10.556 1.00 20.35 ? 36  GLN B CB  1 
ATOM   261  C CG  . GLN A 1 30  ? 8.041   -5.672  -10.283 1.00 22.64 ? 36  GLN B CG  1 
ATOM   262  C CD  . GLN A 1 30  ? 9.481   -5.601  -10.728 1.00 25.60 ? 36  GLN B CD  1 
ATOM   263  O OE1 . GLN A 1 30  ? 10.054  -4.531  -10.943 1.00 26.78 ? 36  GLN B OE1 1 
ATOM   264  N NE2 . GLN A 1 30  ? 10.077  -6.757  -10.819 1.00 27.67 ? 36  GLN B NE2 1 
ATOM   265  N N   . VAL A 1 31  ? 5.460   -1.972  -9.889  1.00 16.12 ? 37  VAL B N   1 
ATOM   266  C CA  . VAL A 1 31  ? 4.891   -0.691  -10.389 1.00 16.27 ? 37  VAL B CA  1 
ATOM   267  C C   . VAL A 1 31  ? 5.914   0.411   -10.139 1.00 16.35 ? 37  VAL B C   1 
ATOM   268  O O   . VAL A 1 31  ? 6.545   0.434   -9.090  1.00 16.18 ? 37  VAL B O   1 
ATOM   269  C CB  . VAL A 1 31  ? 3.515   -0.376  -9.783  1.00 14.90 ? 37  VAL B CB  1 
ATOM   270  C CG1 . VAL A 1 31  ? 3.504   -0.368  -8.246  1.00 14.93 ? 37  VAL B CG1 1 
ATOM   271  C CG2 . VAL A 1 31  ? 2.982   0.936   -10.329 1.00 16.87 ? 37  VAL B CG2 1 
ATOM   272  N N   . ARG A 1 32  ? 6.039   1.326   -11.099 0.34 17.01 ? 38  ARG B N   1 
ATOM   273  C CA  . ARG A 1 32  ? 6.901   2.530   -11.007 0.34 17.75 ? 38  ARG B CA  1 
ATOM   274  C C   . ARG A 1 32  ? 6.204   3.688   -11.728 0.34 18.40 ? 38  ARG B C   1 
ATOM   275  O O   . ARG A 1 32  ? 5.379   3.421   -12.632 0.34 17.58 ? 38  ARG B O   1 
ATOM   276  C CB  . ARG A 1 32  ? 8.280   2.253   -11.611 0.34 18.12 ? 38  ARG B CB  1 
ATOM   277  C CG  . ARG A 1 32  ? 8.244   1.929   -13.097 0.34 18.66 ? 38  ARG B CG  1 
ATOM   278  C CD  . ARG A 1 32  ? 9.472   1.166   -13.555 0.34 19.09 ? 38  ARG B CD  1 
ATOM   279  N NE  . ARG A 1 32  ? 9.418   0.885   -14.985 0.34 19.87 ? 38  ARG B NE  1 
ATOM   280  C CZ  . ARG A 1 32  ? 9.830   1.717   -15.936 0.34 19.76 ? 38  ARG B CZ  1 
ATOM   281  N NH1 . ARG A 1 32  ? 10.315  2.909   -15.618 0.34 19.77 ? 38  ARG B NH1 1 
ATOM   282  N NH2 . ARG A 1 32  ? 9.747   1.357   -17.206 0.34 19.22 ? 38  ARG B NH2 1 
ATOM   283  N N   . MET A 1 33  ? 6.516   4.921   -11.338 0.34 19.54 ? 39  MET B N   1 
ATOM   284  C CA  . MET A 1 33  ? 5.966   6.136   -11.997 0.34 20.79 ? 39  MET B CA  1 
ATOM   285  C C   . MET A 1 33  ? 6.803   6.429   -13.241 0.34 21.09 ? 39  MET B C   1 
ATOM   286  O O   . MET A 1 33  ? 8.028   6.634   -13.100 0.34 21.22 ? 39  MET B O   1 
ATOM   287  C CB  . MET A 1 33  ? 5.994   7.361   -11.082 0.34 21.40 ? 39  MET B CB  1 
ATOM   288  C CG  . MET A 1 33  ? 5.227   8.549   -11.666 0.34 22.45 ? 39  MET B CG  1 
ATOM   289  S SD  . MET A 1 33  ? 5.975   10.140  -11.255 0.34 23.84 ? 39  MET B SD  1 
ATOM   290  C CE  . MET A 1 33  ? 5.667   10.167  -9.493  0.34 22.42 ? 39  MET B CE  1 
ATOM   291  N N   . GLY A 1 34  ? 6.151   6.432   -14.406 0.34 22.13 ? 40  GLY B N   1 
ATOM   292  C CA  . GLY A 1 34  ? 6.743   6.838   -15.692 0.34 22.81 ? 40  GLY B CA  1 
ATOM   293  C C   . GLY A 1 34  ? 6.972   8.339   -15.744 0.34 23.09 ? 40  GLY B C   1 
ATOM   294  O O   . GLY A 1 34  ? 6.380   9.062   -14.921 0.34 22.88 ? 40  GLY B O   1 
ATOM   295  N N   . ASP A 1 35  ? 7.777   8.787   -16.707 1.00 24.76 ? 41  ASP B N   1 
ATOM   296  C CA  . ASP A 1 35  ? 8.207   10.220  -16.829 1.00 29.14 ? 41  ASP B CA  1 
ATOM   297  C C   . ASP A 1 35  ? 7.095   11.021  -17.549 1.00 30.61 ? 41  ASP B C   1 
ATOM   298  O O   . ASP A 1 35  ? 7.210   12.289  -17.615 1.00 31.02 ? 41  ASP B O   1 
ATOM   299  C CB  . ASP A 1 35  ? 9.652   10.307  -17.361 1.00 39.86 ? 41  ASP B CB  1 
ATOM   300  C CG  . ASP A 1 35  ? 10.719  10.115  -16.268 1.00 53.83 ? 41  ASP B CG  1 
ATOM   301  O OD1 . ASP A 1 35  ? 10.369  10.247  -15.064 1.00 64.04 ? 41  ASP B OD1 1 
ATOM   302  O OD2 . ASP A 1 35  ? 11.910  9.847   -16.602 1.00 59.00 ? 41  ASP B OD2 1 
ATOM   303  N N   . THR A 1 36  ? 5.985   10.377  -17.925 1.00 25.13 ? 42  THR B N   1 
ATOM   304  C CA  . THR A 1 36  ? 4.881   11.011  -18.706 1.00 23.48 ? 42  THR B CA  1 
ATOM   305  C C   . THR A 1 36  ? 3.574   10.212  -18.575 1.00 21.38 ? 42  THR B C   1 
ATOM   306  O O   . THR A 1 36  ? 3.584   9.050   -18.043 1.00 19.90 ? 42  THR B O   1 
ATOM   307  C CB  . THR A 1 36  ? 5.410   11.129  -20.141 1.00 23.58 ? 42  THR B CB  1 
ATOM   308  O OG1 . THR A 1 36  ? 4.541   11.934  -20.912 1.00 24.57 ? 42  THR B OG1 1 
ATOM   309  C CG2 . THR A 1 36  ? 5.488   9.781   -20.798 1.00 25.67 ? 42  THR B CG2 1 
ATOM   310  N N   . HIS A 1 37  ? 2.464   10.719  -19.124 1.00 21.53 ? 43  HIS B N   1 
ATOM   311  C CA  . HIS A 1 37  ? 1.204   9.942   -19.315 1.00 20.85 ? 43  HIS B CA  1 
ATOM   312  C C   . HIS A 1 37  ? 1.530   8.646   -20.057 1.00 20.54 ? 43  HIS B C   1 
ATOM   313  O O   . HIS A 1 37  ? 2.196   8.742   -21.115 1.00 20.86 ? 43  HIS B O   1 
ATOM   314  C CB  . HIS A 1 37  ? 0.171   10.835  -20.019 1.00 21.28 ? 43  HIS B CB  1 
ATOM   315  C CG  . HIS A 1 37  ? -1.212  10.293  -20.125 1.00 19.98 ? 43  HIS B CG  1 
ATOM   316  N ND1 . HIS A 1 37  ? -1.535  9.212   -20.909 1.00 18.90 ? 43  HIS B ND1 1 
ATOM   317  C CD2 . HIS A 1 37  ? -2.363  10.722  -19.558 1.00 20.78 ? 43  HIS B CD2 1 
ATOM   318  C CE1 . HIS A 1 37  ? -2.824  9.016   -20.853 1.00 18.92 ? 43  HIS B CE1 1 
ATOM   319  N NE2 . HIS A 1 37  ? -3.372  9.933   -20.024 1.00 18.83 ? 43  HIS B NE2 1 
ATOM   320  N N   . GLN A 1 38  ? 1.013   7.482   -19.586 1.00 18.90 ? 44  GLN B N   1 
ATOM   321  C CA  . GLN A 1 38  ? 1.344   6.161   -20.167 1.00 17.94 ? 44  GLN B CA  1 
ATOM   322  C C   . GLN A 1 38  ? 0.354   5.716   -21.266 1.00 19.89 ? 44  GLN B C   1 
ATOM   323  O O   . GLN A 1 38  ? 0.356   4.539   -21.624 1.00 20.40 ? 44  GLN B O   1 
ATOM   324  C CB  . GLN A 1 38  ? 1.507   5.130   -19.049 1.00 18.41 ? 44  GLN B CB  1 
ATOM   325  C CG  . GLN A 1 38  ? 2.707   5.435   -18.171 1.00 17.34 ? 44  GLN B CG  1 
ATOM   326  C CD  . GLN A 1 38  ? 4.005   5.557   -18.931 1.00 19.91 ? 44  GLN B CD  1 
ATOM   327  O OE1 . GLN A 1 38  ? 4.737   6.559   -18.849 1.00 20.76 ? 44  GLN B OE1 1 
ATOM   328  N NE2 . GLN A 1 38  ? 4.289   4.562   -19.748 1.00 18.02 ? 44  GLN B NE2 1 
ATOM   329  N N   . ASN A 1 39  ? -0.367  6.647   -21.887 1.00 18.87 ? 45  ASN B N   1 
ATOM   330  C CA  . ASN A 1 39  ? -1.125  6.402   -23.155 1.00 18.37 ? 45  ASN B CA  1 
ATOM   331  C C   . ASN A 1 39  ? -2.291  5.435   -22.932 1.00 20.50 ? 45  ASN B C   1 
ATOM   332  O O   . ASN A 1 39  ? -2.656  4.695   -23.870 1.00 20.99 ? 45  ASN B O   1 
ATOM   333  C CB  . ASN A 1 39  ? -0.164  5.990   -24.290 1.00 19.10 ? 45  ASN B CB  1 
ATOM   334  C CG  . ASN A 1 39  ? -0.766  6.284   -25.662 1.00 20.10 ? 45  ASN B CG  1 
ATOM   335  O OD1 . ASN A 1 39  ? -1.561  7.203   -25.790 1.00 19.24 ? 45  ASN B OD1 1 
ATOM   336  N ND2 . ASN A 1 39  ? -0.406  5.514   -26.691 1.00 19.82 ? 45  ASN B ND2 1 
ATOM   337  N N   . VAL A 1 40  ? -2.938  5.513   -21.755 1.00 22.27 ? 46  VAL B N   1 
ATOM   338  C CA  . VAL A 1 40  ? -4.139  4.705   -21.393 1.00 23.24 ? 46  VAL B CA  1 
ATOM   339  C C   . VAL A 1 40  ? -5.372  5.619   -21.434 1.00 22.76 ? 46  VAL B C   1 
ATOM   340  O O   . VAL A 1 40  ? -5.226  6.826   -21.254 1.00 21.41 ? 46  VAL B O   1 
ATOM   341  C CB  . VAL A 1 40  ? -3.964  4.033   -20.020 1.00 24.21 ? 46  VAL B CB  1 
ATOM   342  C CG1 . VAL A 1 40  ? -2.880  2.961   -20.045 1.00 26.87 ? 46  VAL B CG1 1 
ATOM   343  C CG2 . VAL A 1 40  ? -3.673  5.035   -18.901 1.00 26.17 ? 46  VAL B CG2 1 
ATOM   344  N N   . SER A 1 41  ? -6.560  5.078   -21.670 1.00 23.01 ? 47  SER B N   1 
ATOM   345  C CA  . SER A 1 41  ? -7.813  5.868   -21.543 1.00 23.32 ? 47  SER B CA  1 
ATOM   346  C C   . SER A 1 41  ? -8.133  6.145   -20.076 1.00 23.48 ? 47  SER B C   1 
ATOM   347  O O   . SER A 1 41  ? -7.751  5.365   -19.233 1.00 22.10 ? 47  SER B O   1 
ATOM   348  C CB  . SER A 1 41  ? -8.982  5.209   -22.231 1.00 24.33 ? 47  SER B CB  1 
ATOM   349  O OG  . SER A 1 41  ? -9.271  3.954   -21.635 1.00 25.66 ? 47  SER B OG  1 
ATOM   350  N N   . ASP A 1 42  ? -8.889  7.208   -19.809 1.00 23.93 ? 48  ASP B N   1 
ATOM   351  C CA  . ASP A 1 42  ? -9.379  7.543   -18.461 1.00 24.08 ? 48  ASP B CA  1 
ATOM   352  C C   . ASP A 1 42  ? -10.549 6.623   -18.154 1.00 23.65 ? 48  ASP B C   1 
ATOM   353  O O   . ASP A 1 42  ? -11.209 6.113   -19.097 1.00 22.85 ? 48  ASP B O   1 
ATOM   354  C CB  . ASP A 1 42  ? -9.737  9.018   -18.315 1.00 25.50 ? 48  ASP B CB  1 
ATOM   355  C CG  . ASP A 1 42  ? -9.638  9.494   -16.869 1.00 31.21 ? 48  ASP B CG  1 
ATOM   356  O OD1 . ASP A 1 42  ? -9.132  8.723   -15.992 1.00 23.06 ? 48  ASP B OD1 1 
ATOM   357  O OD2 . ASP A 1 42  ? -9.984  10.648  -16.627 1.00 39.67 ? 48  ASP B OD2 1 
ATOM   358  N N   . ASN A 1 43  ? -10.772 6.376   -16.868 1.00 22.18 ? 49  ASN B N   1 
ATOM   359  C CA  . ASN A 1 43  ? -11.932 5.610   -16.367 1.00 23.27 ? 49  ASN B CA  1 
ATOM   360  C C   . ASN A 1 43  ? -12.194 6.060   -14.925 1.00 23.46 ? 49  ASN B C   1 
ATOM   361  O O   . ASN A 1 43  ? -11.332 6.752   -14.319 1.00 23.40 ? 49  ASN B O   1 
ATOM   362  C CB  . ASN A 1 43  ? -11.771 4.116   -16.570 1.00 21.80 ? 49  ASN B CB  1 
ATOM   363  C CG  . ASN A 1 43  ? -10.728 3.507   -15.656 1.00 22.54 ? 49  ASN B CG  1 
ATOM   364  O OD1 . ASN A 1 43  ? -10.821 3.672   -14.452 1.00 23.95 ? 49  ASN B OD1 1 
ATOM   365  N ND2 . ASN A 1 43  ? -9.719  2.880   -16.194 1.00 20.78 ? 49  ASN B ND2 1 
ATOM   366  N N   . LYS A 1 44  ? -13.348 5.717   -14.387 1.00 22.64 ? 50  LYS B N   1 
ATOM   367  C CA  . LYS A 1 44  ? -13.771 6.218   -13.058 1.00 25.34 ? 50  LYS B CA  1 
ATOM   368  C C   . LYS A 1 44  ? -12.972 5.502   -11.948 1.00 23.03 ? 50  LYS B C   1 
ATOM   369  O O   . LYS A 1 44  ? -13.012 6.005   -10.819 1.00 23.50 ? 50  LYS B O   1 
ATOM   370  C CB  . LYS A 1 44  ? -15.275 5.972   -12.888 1.00 32.11 ? 50  LYS B CB  1 
ATOM   371  C CG  . LYS A 1 44  ? -15.638 4.502   -12.787 1.00 37.80 ? 50  LYS B CG  1 
ATOM   372  C CD  . LYS A 1 44  ? -17.121 4.244   -12.689 1.00 49.41 ? 50  LYS B CD  1 
ATOM   373  C CE  . LYS A 1 44  ? -17.427 2.840   -12.228 1.00 53.43 ? 50  LYS B CE  1 
ATOM   374  N NZ  . LYS A 1 44  ? -18.877 2.568   -12.361 1.00 57.23 ? 50  LYS B NZ  1 
ATOM   375  N N   . GLU A 1 45  ? -12.285 4.397   -12.246 1.00 22.42 ? 51  GLU B N   1 
ATOM   376  C CA  . GLU A 1 45  ? -11.491 3.653   -11.221 1.00 23.29 ? 51  GLU B CA  1 
ATOM   377  C C   . GLU A 1 45  ? -10.136 4.330   -10.964 1.00 21.63 ? 51  GLU B C   1 
ATOM   378  O O   . GLU A 1 45  ? -9.552  4.103   -9.878  1.00 20.01 ? 51  GLU B O   1 
ATOM   379  C CB  . GLU A 1 45  ? -11.242 2.215   -11.642 1.00 27.90 ? 51  GLU B CB  1 
ATOM   380  C CG  . GLU A 1 45  ? -12.502 1.380   -11.815 1.00 33.68 ? 51  GLU B CG  1 
ATOM   381  C CD  . GLU A 1 45  ? -12.137 -0.016  -12.287 1.00 42.27 ? 51  GLU B CD  1 
ATOM   382  O OE1 . GLU A 1 45  ? -12.390 -0.315  -13.476 1.00 58.10 ? 51  GLU B OE1 1 
ATOM   383  O OE2 . GLU A 1 45  ? -11.543 -0.785  -11.502 1.00 46.36 ? 51  GLU B OE2 1 
ATOM   384  N N   . ARG A 1 46  ? -9.573  5.059   -11.933 1.00 18.92 ? 52  ARG B N   1 
ATOM   385  C CA  . ARG A 1 46  ? -8.155  5.506   -11.812 1.00 19.19 ? 52  ARG B CA  1 
ATOM   386  C C   . ARG A 1 46  ? -7.992  6.552   -10.718 1.00 18.56 ? 52  ARG B C   1 
ATOM   387  O O   . ARG A 1 46  ? -8.758  7.544   -10.672 1.00 18.68 ? 52  ARG B O   1 
ATOM   388  C CB  . ARG A 1 46  ? -7.608  6.110   -13.106 1.00 19.20 ? 52  ARG B CB  1 
ATOM   389  C CG  . ARG A 1 46  ? -7.575  5.145   -14.278 1.00 19.71 ? 52  ARG B CG  1 
ATOM   390  C CD  . ARG A 1 46  ? -6.645  5.674   -15.386 1.00 18.29 ? 52  ARG B CD  1 
ATOM   391  N NE  . ARG A 1 46  ? -6.709  4.779   -16.516 1.00 18.03 ? 52  ARG B NE  1 
ATOM   392  C CZ  . ARG A 1 46  ? -6.179  3.556   -16.547 1.00 19.75 ? 52  ARG B CZ  1 
ATOM   393  N NH1 . ARG A 1 46  ? -5.395  3.078   -15.570 1.00 18.42 ? 52  ARG B NH1 1 
ATOM   394  N NH2 . ARG A 1 46  ? -6.392  2.811   -17.609 1.00 21.97 ? 52  ARG B NH2 1 
ATOM   395  N N   . PHE A 1 47  ? -6.974  6.402   -9.871  1.00 17.10 ? 53  PHE B N   1 
ATOM   396  C CA  . PHE A 1 47  ? -6.614  7.485   -8.931  1.00 16.49 ? 53  PHE B CA  1 
ATOM   397  C C   . PHE A 1 47  ? -6.090  8.682   -9.745  1.00 18.23 ? 53  PHE B C   1 
ATOM   398  O O   . PHE A 1 47  ? -5.088  8.513   -10.439 1.00 18.49 ? 53  PHE B O   1 
ATOM   399  C CB  . PHE A 1 47  ? -5.602  7.032   -7.884  1.00 15.80 ? 53  PHE B CB  1 
ATOM   400  C CG  . PHE A 1 47  ? -6.190  6.101   -6.855  1.00 16.07 ? 53  PHE B CG  1 
ATOM   401  C CD1 . PHE A 1 47  ? -6.899  6.607   -5.765  1.00 15.53 ? 53  PHE B CD1 1 
ATOM   402  C CD2 . PHE A 1 47  ? -6.005  4.731   -6.953  1.00 17.48 ? 53  PHE B CD2 1 
ATOM   403  C CE1 . PHE A 1 47  ? -7.438  5.745   -4.813  1.00 16.84 ? 53  PHE B CE1 1 
ATOM   404  C CE2 . PHE A 1 47  ? -6.504  3.890   -5.963  1.00 17.31 ? 53  PHE B CE2 1 
ATOM   405  C CZ  . PHE A 1 47  ? -7.282  4.396   -4.949  1.00 16.08 ? 53  PHE B CZ  1 
ATOM   406  N N   . SER A 1 48  ? -6.724  9.845   -9.635  1.00 18.91 ? 54  SER B N   1 
ATOM   407  C CA  . SER A 1 48  ? -6.368  11.030  -10.474 1.00 20.35 ? 54  SER B CA  1 
ATOM   408  C C   . SER A 1 48  ? -5.201  11.841  -9.897  1.00 19.73 ? 54  SER B C   1 
ATOM   409  O O   . SER A 1 48  ? -4.342  12.294  -10.705 1.00 23.60 ? 54  SER B O   1 
ATOM   410  C CB  . SER A 1 48  ? -7.598  11.885  -10.748 1.00 20.99 ? 54  SER B CB  1 
ATOM   411  O OG  . SER A 1 48  ? -8.108  12.419  -9.553  1.00 21.92 ? 54  SER B OG  1 
ATOM   412  N N   . ASN A 1 49  ? -5.145  12.117  -8.606  1.00 18.68 ? 55  ASN B N   1 
ATOM   413  C CA  . ASN A 1 49  ? -4.270  13.174  -8.044  1.00 18.99 ? 55  ASN B CA  1 
ATOM   414  C C   . ASN A 1 49  ? -2.928  12.608  -7.584  1.00 18.63 ? 55  ASN B C   1 
ATOM   415  O O   . ASN A 1 49  ? -1.995  13.391  -7.282  1.00 21.15 ? 55  ASN B O   1 
ATOM   416  C CB  . ASN A 1 49  ? -4.956  13.948  -6.934  1.00 19.50 ? 55  ASN B CB  1 
ATOM   417  C CG  . ASN A 1 49  ? -6.078  14.853  -7.425  1.00 23.51 ? 55  ASN B CG  1 
ATOM   418  O OD1 . ASN A 1 49  ? -6.914  14.467  -8.236  1.00 24.52 ? 55  ASN B OD1 1 
ATOM   419  N ND2 . ASN A 1 49  ? -6.132  16.041  -6.844  1.00 26.70 ? 55  ASN B ND2 1 
ATOM   420  N N   . TYR A 1 50  ? -2.846  11.285  -7.419  1.00 17.37 ? 56  TYR B N   1 
ATOM   421  C CA  . TYR A 1 50  ? -1.678  10.659  -6.766  1.00 16.03 ? 56  TYR B CA  1 
ATOM   422  C C   . TYR A 1 50  ? -1.280  9.404   -7.527  1.00 16.89 ? 56  TYR B C   1 
ATOM   423  O O   . TYR A 1 50  ? -2.131  8.730   -8.133  1.00 16.50 ? 56  TYR B O   1 
ATOM   424  C CB  . TYR A 1 50  ? -2.029  10.283  -5.331  1.00 15.95 ? 56  TYR B CB  1 
ATOM   425  C CG  . TYR A 1 50  ? -2.729  11.339  -4.518  1.00 17.04 ? 56  TYR B CG  1 
ATOM   426  C CD1 . TYR A 1 50  ? -2.044  12.455  -4.058  1.00 19.89 ? 56  TYR B CD1 1 
ATOM   427  C CD2 . TYR A 1 50  ? -4.078  11.265  -4.251  1.00 17.96 ? 56  TYR B CD2 1 
ATOM   428  C CE1 . TYR A 1 50  ? -2.678  13.448  -3.311  1.00 22.62 ? 56  TYR B CE1 1 
ATOM   429  C CE2 . TYR A 1 50  ? -4.742  12.261  -3.553  1.00 19.39 ? 56  TYR B CE2 1 
ATOM   430  C CZ  . TYR A 1 50  ? -4.036  13.361  -3.085  1.00 20.97 ? 56  TYR B CZ  1 
ATOM   431  O OH  . TYR A 1 50  ? -4.695  14.305  -2.334  1.00 21.08 ? 56  TYR B OH  1 
ATOM   432  N N   . PRO A 1 51  ? -0.007  8.984   -7.420  1.00 15.17 ? 57  PRO B N   1 
ATOM   433  C CA  . PRO A 1 51  ? 0.516   7.825   -8.149  1.00 14.80 ? 57  PRO B CA  1 
ATOM   434  C C   . PRO A 1 51  ? 0.190   6.492   -7.439  1.00 14.27 ? 57  PRO B C   1 
ATOM   435  O O   . PRO A 1 51  ? 1.104   5.744   -7.067  1.00 16.33 ? 57  PRO B O   1 
ATOM   436  C CB  . PRO A 1 51  ? 2.041   8.036   -8.189  1.00 16.85 ? 57  PRO B CB  1 
ATOM   437  C CG  . PRO A 1 51  ? 2.304   9.359   -7.493  1.00 17.73 ? 57  PRO B CG  1 
ATOM   438  C CD  . PRO A 1 51  ? 1.054   9.733   -6.755  1.00 15.46 ? 57  PRO B CD  1 
ATOM   439  N N   . MET A 1 52  ? -1.116  6.245   -7.297  1.00 14.63 ? 58  MET B N   1 
ATOM   440  C CA  . MET A 1 52  ? -1.709  5.101   -6.563  1.00 13.21 ? 58  MET B CA  1 
ATOM   441  C C   . MET A 1 52  ? -2.255  4.024   -7.503  1.00 13.78 ? 58  MET B C   1 
ATOM   442  O O   . MET A 1 52  ? -2.690  4.294   -8.687  1.00 15.04 ? 58  MET B O   1 
ATOM   443  C CB  . MET A 1 52  ? -2.833  5.626   -5.656  1.00 13.94 ? 58  MET B CB  1 
ATOM   444  C CG  . MET A 1 52  ? -2.327  6.460   -4.531  1.00 13.33 ? 58  MET B CG  1 
ATOM   445  S SD  . MET A 1 52  ? -3.684  7.390   -3.743  1.00 15.69 ? 58  MET B SD  1 
ATOM   446  C CE  . MET A 1 52  ? -2.841  8.297   -2.460  1.00 16.89 ? 58  MET B CE  1 
ATOM   447  N N   . VAL A 1 53  ? -2.318  2.790   -6.976  1.00 14.22 ? 59  VAL B N   1 
ATOM   448  C CA  . VAL A 1 53  ? -2.895  1.632   -7.708  1.00 14.52 ? 59  VAL B CA  1 
ATOM   449  C C   . VAL A 1 53  ? -3.364  0.609   -6.660  1.00 15.45 ? 59  VAL B C   1 
ATOM   450  O O   . VAL A 1 53  ? -2.779  0.602   -5.519  1.00 14.96 ? 59  VAL B O   1 
ATOM   451  C CB  . VAL A 1 53  ? -1.879  1.030   -8.701  1.00 14.44 ? 59  VAL B CB  1 
ATOM   452  C CG1 . VAL A 1 53  ? -0.647  0.514   -8.004  1.00 14.92 ? 59  VAL B CG1 1 
ATOM   453  C CG2 . VAL A 1 53  ? -2.484  -0.074  -9.554  1.00 15.15 ? 59  VAL B CG2 1 
ATOM   454  N N   . LEU A 1 54  ? -4.385  -0.167  -6.978  1.00 14.64 ? 60  LEU B N   1 
ATOM   455  C CA  . LEU A 1 54  ? -4.880  -1.256  -6.089  1.00 15.12 ? 60  LEU B CA  1 
ATOM   456  C C   . LEU A 1 54  ? -4.437  -2.622  -6.572  1.00 16.74 ? 60  LEU B C   1 
ATOM   457  O O   . LEU A 1 54  ? -4.237  -2.853  -7.814  1.00 16.33 ? 60  LEU B O   1 
ATOM   458  C CB  . LEU A 1 54  ? -6.405  -1.236  -6.010  1.00 15.57 ? 60  LEU B CB  1 
ATOM   459  C CG  . LEU A 1 54  ? -7.031  0.079   -5.598  1.00 16.13 ? 60  LEU B CG  1 
ATOM   460  C CD1 . LEU A 1 54  ? -8.523  -0.011  -5.395  1.00 17.78 ? 60  LEU B CD1 1 
ATOM   461  C CD2 . LEU A 1 54  ? -6.366  0.665   -4.352  1.00 16.46 ? 60  LEU B CD2 1 
ATOM   462  N N   . GLY A 1 55  ? -4.346  -3.555  -5.636  1.00 15.82 ? 61  GLY B N   1 
ATOM   463  C CA  . GLY A 1 55  ? -4.276  -4.987  -5.985  1.00 15.69 ? 61  GLY B CA  1 
ATOM   464  C C   . GLY A 1 55  ? -5.616  -5.435  -6.569  1.00 15.16 ? 61  GLY B C   1 
ATOM   465  O O   . GLY A 1 55  ? -6.637  -4.870  -6.226  1.00 16.12 ? 61  GLY B O   1 
ATOM   466  N N   . ALA A 1 56  ? -5.593  -6.462  -7.384  1.00 16.26 ? 62  ALA B N   1 
ATOM   467  C CA  . ALA A 1 56  ? -6.793  -7.064  -8.015  1.00 18.35 ? 62  ALA B CA  1 
ATOM   468  C C   . ALA A 1 56  ? -7.612  -7.835  -6.973  1.00 18.39 ? 62  ALA B C   1 
ATOM   469  O O   . ALA A 1 56  ? -8.851  -7.908  -7.101  1.00 22.12 ? 62  ALA B O   1 
ATOM   470  C CB  . ALA A 1 56  ? -6.292  -7.956  -9.111  1.00 18.97 ? 62  ALA B CB  1 
ATOM   471  N N   . GLN A 1 57  ? -6.954  -8.405  -5.971  1.00 18.63 ? 63  GLN B N   1 
ATOM   472  C CA  . GLN A 1 57  ? -7.614  -9.317  -5.010  1.00 18.09 ? 63  GLN B CA  1 
ATOM   473  C C   . GLN A 1 57  ? -8.530  -8.492  -4.097  1.00 20.45 ? 63  GLN B C   1 
ATOM   474  O O   . GLN A 1 57  ? -8.165  -7.359  -3.741  1.00 18.06 ? 63  GLN B O   1 
ATOM   475  C CB  . GLN A 1 57  ? -6.558  -10.107 -4.217  1.00 19.78 ? 63  GLN B CB  1 
ATOM   476  C CG  . GLN A 1 57  ? -5.781  -11.155 -5.010  1.00 23.71 ? 63  GLN B CG  1 
ATOM   477  C CD  . GLN A 1 57  ? -4.815  -10.553 -6.012  1.00 23.01 ? 63  GLN B CD  1 
ATOM   478  O OE1 . GLN A 1 57  ? -4.191  -9.530  -5.781  1.00 19.68 ? 63  GLN B OE1 1 
ATOM   479  N NE2 . GLN A 1 57  ? -4.647  -11.200 -7.144  1.00 23.90 ? 63  GLN B NE2 1 
ATOM   480  N N   . ARG A 1 58  ? -9.706  -9.035  -3.761  1.00 18.12 ? 64  ARG B N   1 
ATOM   481  C CA  . ARG A 1 58  ? -10.660 -8.470  -2.782  1.00 18.90 ? 64  ARG B CA  1 
ATOM   482  C C   . ARG A 1 58  ? -10.752 -9.450  -1.618  1.00 19.06 ? 64  ARG B C   1 
ATOM   483  O O   . ARG A 1 58  ? -10.844 -10.673 -1.874  1.00 20.57 ? 64  ARG B O   1 
ATOM   484  C CB  . ARG A 1 58  ? -12.090 -8.341  -3.331  1.00 24.02 ? 64  ARG B CB  1 
ATOM   485  C CG  . ARG A 1 58  ? -12.349 -7.152  -4.258  1.00 31.35 ? 64  ARG B CG  1 
ATOM   486  C CD  . ARG A 1 58  ? -11.274 -6.991  -5.316  1.00 34.86 ? 64  ARG B CD  1 
ATOM   487  N NE  . ARG A 1 58  ? -11.497 -6.442  -6.656  1.00 39.35 ? 64  ARG B NE  1 
ATOM   488  C CZ  . ARG A 1 58  ? -12.545 -5.771  -7.117  1.00 39.58 ? 64  ARG B CZ  1 
ATOM   489  N NH1 . ARG A 1 58  ? -12.517 -5.354  -8.369  1.00 42.10 ? 64  ARG B NH1 1 
ATOM   490  N NH2 . ARG A 1 58  ? -13.588 -5.481  -6.365  1.00 41.53 ? 64  ARG B NH2 1 
ATOM   491  N N   . PHE A 1 59  ? -10.658 -8.950  -0.391  1.00 18.01 ? 65  PHE B N   1 
ATOM   492  C CA  . PHE A 1 59  ? -10.700 -9.785  0.834   1.00 17.69 ? 65  PHE B CA  1 
ATOM   493  C C   . PHE A 1 59  ? -11.907 -9.361  1.665   1.00 17.13 ? 65  PHE B C   1 
ATOM   494  O O   . PHE A 1 59  ? -12.028 -8.190  1.943   1.00 15.95 ? 65  PHE B O   1 
ATOM   495  C CB  . PHE A 1 59  ? -9.385  -9.590  1.613   1.00 19.70 ? 65  PHE B CB  1 
ATOM   496  C CG  . PHE A 1 59  ? -8.163  -9.988  0.825   1.00 21.37 ? 65  PHE B CG  1 
ATOM   497  C CD1 . PHE A 1 59  ? -8.086  -11.228 0.205   1.00 23.83 ? 65  PHE B CD1 1 
ATOM   498  C CD2 . PHE A 1 59  ? -7.122  -9.104  0.665   1.00 26.99 ? 65  PHE B CD2 1 
ATOM   499  C CE1 . PHE A 1 59  ? -6.975  -11.600 -0.542  1.00 25.82 ? 65  PHE B CE1 1 
ATOM   500  C CE2 . PHE A 1 59  ? -6.003  -9.488  -0.064  1.00 22.45 ? 65  PHE B CE2 1 
ATOM   501  C CZ  . PHE A 1 59  ? -5.941  -10.716 -0.665  1.00 23.71 ? 65  PHE B CZ  1 
ATOM   502  N N   A SER A 1 60  ? -12.754 -10.310 2.083   0.25 16.92 ? 66  SER B N   1 
ATOM   503  N N   B SER A 1 60  ? -12.768 -10.312 2.060   0.25 17.16 ? 66  SER B N   1 
ATOM   504  C CA  A SER A 1 60  ? -13.940 -10.030 2.935   0.25 17.30 ? 66  SER B CA  1 
ATOM   505  C CA  B SER A 1 60  ? -13.964 -10.066 2.915   0.25 17.82 ? 66  SER B CA  1 
ATOM   506  C C   A SER A 1 60  ? -13.947 -10.947 4.172   0.25 17.39 ? 66  SER B C   1 
ATOM   507  C C   B SER A 1 60  ? -14.006 -11.044 4.097   0.25 18.59 ? 66  SER B C   1 
ATOM   508  O O   A SER A 1 60  ? -14.829 -10.782 5.033   0.25 17.45 ? 66  SER B O   1 
ATOM   509  O O   B SER A 1 60  ? -15.074 -11.156 4.733   0.25 18.95 ? 66  SER B O   1 
ATOM   510  C CB  A SER A 1 60  ? -15.205 -10.134 2.107   0.25 17.68 ? 66  SER B CB  1 
ATOM   511  C CB  B SER A 1 60  ? -15.230 -10.178 2.108   0.25 17.78 ? 66  SER B CB  1 
ATOM   512  O OG  A SER A 1 60  ? -15.321 -8.998  1.241   0.25 18.22 ? 66  SER B OG  1 
ATOM   513  O OG  B SER A 1 60  ? -15.317 -11.449 1.498   0.25 17.67 ? 66  SER B OG  1 
ATOM   514  N N   A SER A 1 61  ? -12.972 -11.852 4.272   0.25 17.10 ? 67  SER B N   1 
ATOM   515  N N   B SER A 1 61  ? -12.907 -11.747 4.356   0.25 18.88 ? 67  SER B N   1 
ATOM   516  C CA  A SER A 1 61  ? -12.833 -12.802 5.403   0.25 17.50 ? 67  SER B CA  1 
ATOM   517  C CA  B SER A 1 61  ? -12.825 -12.786 5.409   0.25 19.68 ? 67  SER B CA  1 
ATOM   518  C C   A SER A 1 61  ? -11.375 -13.239 5.548   0.25 18.58 ? 67  SER B C   1 
ATOM   519  C C   B SER A 1 61  ? -11.397 -13.318 5.512   0.25 19.90 ? 67  SER B C   1 
ATOM   520  O O   A SER A 1 61  ? -10.589 -12.967 4.628   0.25 18.19 ? 67  SER B O   1 
ATOM   521  O O   B SER A 1 61  ? -10.664 -13.228 4.513   0.25 19.09 ? 67  SER B O   1 
ATOM   522  C CB  A SER A 1 61  ? -13.734 -13.995 5.196   0.25 17.56 ? 67  SER B CB  1 
ATOM   523  C CB  B SER A 1 61  ? -13.792 -13.900 5.104   0.25 20.86 ? 67  SER B CB  1 
ATOM   524  O OG  A SER A 1 61  ? -13.189 -14.872 4.227   0.25 15.78 ? 67  SER B OG  1 
ATOM   525  O OG  B SER A 1 61  ? -13.882 -14.786 6.206   0.25 21.56 ? 67  SER B OG  1 
ATOM   526  N N   . GLY A 1 62  ? -11.048 -13.898 6.666   1.00 20.14 ? 68  GLY B N   1 
ATOM   527  C CA  . GLY A 1 62  ? -9.794  -14.647 6.800   1.00 21.64 ? 68  GLY B CA  1 
ATOM   528  C C   . GLY A 1 62  ? -8.595  -13.794 7.141   1.00 20.26 ? 68  GLY B C   1 
ATOM   529  O O   . GLY A 1 62  ? -8.737  -12.606 7.497   1.00 18.00 ? 68  GLY B O   1 
ATOM   530  N N   . LYS A 1 63  ? -7.448  -14.444 7.030   1.00 19.13 ? 69  LYS B N   1 
ATOM   531  C CA  . LYS A 1 63  ? -6.145  -13.887 7.389   1.00 17.75 ? 69  LYS B CA  1 
ATOM   532  C C   . LYS A 1 63  ? -5.311  -13.900 6.113   1.00 17.30 ? 69  LYS B C   1 
ATOM   533  O O   . LYS A 1 63  ? -5.253  -14.926 5.440   1.00 19.39 ? 69  LYS B O   1 
ATOM   534  C CB  . LYS A 1 63  ? -5.530  -14.697 8.528   1.00 19.15 ? 69  LYS B CB  1 
ATOM   535  C CG  . LYS A 1 63  ? -6.249  -14.597 9.865   1.00 20.81 ? 69  LYS B CG  1 
ATOM   536  C CD  . LYS A 1 63  ? -5.656  -15.568 10.912  1.00 24.35 ? 69  LYS B CD  1 
ATOM   537  C CE  . LYS A 1 63  ? -6.358  -15.486 12.247  1.00 27.08 ? 69  LYS B CE  1 
ATOM   538  N NZ  . LYS A 1 63  ? -5.634  -16.294 13.240  1.00 30.68 ? 69  LYS B NZ  1 
ATOM   539  N N   . MET A 1 64  ? -4.654  -12.778 5.823   1.00 17.73 ? 70  MET B N   1 
ATOM   540  C CA  . MET A 1 64  ? -3.879  -12.558 4.585   1.00 17.02 ? 70  MET B CA  1 
ATOM   541  C C   . MET A 1 64  ? -2.547  -11.889 4.929   1.00 15.92 ? 70  MET B C   1 
ATOM   542  O O   . MET A 1 64  ? -2.518  -11.053 5.809   1.00 17.60 ? 70  MET B O   1 
ATOM   543  C CB  . MET A 1 64  ? -4.620  -11.613 3.652   1.00 17.21 ? 70  MET B CB  1 
ATOM   544  C CG  . MET A 1 64  ? -5.822  -12.181 2.939   1.00 19.27 ? 70  MET B CG  1 
ATOM   545  S SD  . MET A 1 64  ? -7.321  -12.507 3.921   1.00 21.41 ? 70  MET B SD  1 
ATOM   546  C CE  . MET A 1 64  ? -7.676  -10.955 4.710   1.00 19.64 ? 70  MET B CE  1 
ATOM   547  N N   . TYR A 1 65  ? -1.492  -12.268 4.232   1.00 15.61 ? 71  TYR B N   1 
ATOM   548  C CA  . TYR A 1 65  ? -0.135  -11.719 4.451   1.00 16.60 ? 71  TYR B CA  1 
ATOM   549  C C   . TYR A 1 65  ? 0.534   -11.545 3.099   1.00 16.52 ? 71  TYR B C   1 
ATOM   550  O O   . TYR A 1 65  ? 0.432   -12.461 2.212   1.00 17.98 ? 71  TYR B O   1 
ATOM   551  C CB  . TYR A 1 65  ? 0.704   -12.668 5.310   1.00 19.14 ? 71  TYR B CB  1 
ATOM   552  C CG  . TYR A 1 65  ? 2.104   -12.176 5.579   1.00 17.51 ? 71  TYR B CG  1 
ATOM   553  C CD1 . TYR A 1 65  ? 2.330   -11.183 6.518   1.00 17.23 ? 71  TYR B CD1 1 
ATOM   554  C CD2 . TYR A 1 65  ? 3.178   -12.663 4.849   1.00 18.44 ? 71  TYR B CD2 1 
ATOM   555  C CE1 . TYR A 1 65  ? 3.606   -10.682 6.760   1.00 18.49 ? 71  TYR B CE1 1 
ATOM   556  C CE2 . TYR A 1 65  ? 4.463   -12.201 5.098   1.00 18.65 ? 71  TYR B CE2 1 
ATOM   557  C CZ  . TYR A 1 65  ? 4.672   -11.203 6.021   1.00 17.51 ? 71  TYR B CZ  1 
ATOM   558  O OH  . TYR A 1 65  ? 5.950   -10.795 6.212   1.00 20.47 ? 71  TYR B OH  1 
ATOM   559  N N   . TRP A 1 66  ? 1.177   -10.406 2.874   1.00 15.86 ? 72  TRP B N   1 
ATOM   560  C CA  . TRP A 1 66  ? 2.052   -10.243 1.686   1.00 15.70 ? 72  TRP B CA  1 
ATOM   561  C C   . TRP A 1 66  ? 3.240   -9.324  2.028   1.00 16.54 ? 72  TRP B C   1 
ATOM   562  O O   . TRP A 1 66  ? 3.213   -8.668  3.087   1.00 16.20 ? 72  TRP B O   1 
ATOM   563  C CB  . TRP A 1 66  ? 1.271   -9.723  0.449   1.00 15.40 ? 72  TRP B CB  1 
ATOM   564  C CG  . TRP A 1 66  ? 0.623   -8.377  0.580   1.00 15.00 ? 72  TRP B CG  1 
ATOM   565  C CD1 . TRP A 1 66  ? 1.095   -7.157  0.120   1.00 15.39 ? 72  TRP B CD1 1 
ATOM   566  C CD2 . TRP A 1 66  ? -0.670  -8.090  1.138   1.00 17.28 ? 72  TRP B CD2 1 
ATOM   567  N NE1 . TRP A 1 66  ? 0.155   -6.174  0.342   1.00 16.64 ? 72  TRP B NE1 1 
ATOM   568  C CE2 . TRP A 1 66  ? -0.897  -6.704  1.018   1.00 16.29 ? 72  TRP B CE2 1 
ATOM   569  C CE3 . TRP A 1 66  ? -1.637  -8.878  1.767   1.00 19.17 ? 72  TRP B CE3 1 
ATOM   570  C CZ2 . TRP A 1 66  ? -2.068  -6.102  1.473   1.00 18.11 ? 72  TRP B CZ2 1 
ATOM   571  C CZ3 . TRP A 1 66  ? -2.777  -8.278  2.245   1.00 21.18 ? 72  TRP B CZ3 1 
ATOM   572  C CH2 . TRP A 1 66  ? -2.991  -6.916  2.084   1.00 19.13 ? 72  TRP B CH2 1 
ATOM   573  N N   . GLU A 1 67  ? 4.245   -9.257  1.137   1.00 16.61 ? 73  GLU B N   1 
ATOM   574  C CA  . GLU A 1 67  ? 5.470   -8.445  1.372   1.00 16.17 ? 73  GLU B CA  1 
ATOM   575  C C   . GLU A 1 67  ? 5.695   -7.542  0.181   1.00 16.57 ? 73  GLU B C   1 
ATOM   576  O O   . GLU A 1 67  ? 5.414   -7.967  -0.948  1.00 15.40 ? 73  GLU B O   1 
ATOM   577  C CB  . GLU A 1 67  ? 6.667   -9.348  1.639   1.00 18.14 ? 73  GLU B CB  1 
ATOM   578  C CG  . GLU A 1 67  ? 6.494   -10.077 2.981   1.00 20.05 ? 73  GLU B CG  1 
ATOM   579  C CD  . GLU A 1 67  ? 7.644   -10.992 3.346   1.00 24.76 ? 73  GLU B CD  1 
ATOM   580  O OE1 . GLU A 1 67  ? 8.498   -11.194 2.437   1.00 27.09 ? 73  GLU B OE1 1 
ATOM   581  O OE2 . GLU A 1 67  ? 7.703   -11.483 4.536   1.00 23.14 ? 73  GLU B OE2 1 
ATOM   582  N N   . VAL A 1 68  ? 6.225   -6.355  0.445   1.00 16.25 ? 74  VAL B N   1 
ATOM   583  C CA  . VAL A 1 68  ? 6.501   -5.359  -0.614  1.00 16.16 ? 74  VAL B CA  1 
ATOM   584  C C   . VAL A 1 68  ? 7.932   -4.839  -0.453  1.00 15.57 ? 74  VAL B C   1 
ATOM   585  O O   . VAL A 1 68  ? 8.313   -4.455  0.667   1.00 16.01 ? 74  VAL B O   1 
ATOM   586  C CB  . VAL A 1 68  ? 5.537   -4.173  -0.540  1.00 16.31 ? 74  VAL B CB  1 
ATOM   587  C CG1 . VAL A 1 68  ? 5.780   -3.215  -1.695  1.00 17.18 ? 74  VAL B CG1 1 
ATOM   588  C CG2 . VAL A 1 68  ? 4.090   -4.628  -0.418  1.00 17.01 ? 74  VAL B CG2 1 
ATOM   589  N N   . ASP A 1 69  ? 8.671   -4.772  -1.561  1.00 15.79 ? 75  ASP B N   1 
ATOM   590  C CA  . ASP A 1 69  ? 10.064  -4.267  -1.610  1.00 16.72 ? 75  ASP B CA  1 
ATOM   591  C C   . ASP A 1 69  ? 9.995   -2.773  -1.870  1.00 15.56 ? 75  ASP B C   1 
ATOM   592  O O   . ASP A 1 69  ? 9.262   -2.375  -2.841  1.00 17.51 ? 75  ASP B O   1 
ATOM   593  C CB  . ASP A 1 69  ? 10.896  -4.992  -2.688  1.00 18.79 ? 75  ASP B CB  1 
ATOM   594  C CG  . ASP A 1 69  ? 12.385  -4.706  -2.544  1.00 20.66 ? 75  ASP B CG  1 
ATOM   595  O OD1 . ASP A 1 69  ? 12.795  -3.551  -2.649  1.00 21.04 ? 75  ASP B OD1 1 
ATOM   596  O OD2 . ASP A 1 69  ? 13.085  -5.619  -2.201  1.00 28.53 ? 75  ASP B OD2 1 
ATOM   597  N N   . VAL A 1 70  ? 10.609  -1.968  -0.998  1.00 16.09 ? 76  VAL B N   1 
ATOM   598  C CA  . VAL A 1 70  ? 10.668  -0.477  -1.062  1.00 15.45 ? 76  VAL B CA  1 
ATOM   599  C C   . VAL A 1 70  ? 12.119  0.028   -1.199  1.00 16.49 ? 76  VAL B C   1 
ATOM   600  O O   . VAL A 1 70  ? 12.361  1.219   -0.976  1.00 16.97 ? 76  VAL B O   1 
ATOM   601  C CB  . VAL A 1 70  ? 9.951   0.138   0.175   1.00 16.15 ? 76  VAL B CB  1 
ATOM   602  C CG1 . VAL A 1 70  ? 8.487   -0.331  0.217   1.00 16.50 ? 76  VAL B CG1 1 
ATOM   603  C CG2 . VAL A 1 70  ? 10.647  -0.175  1.493   1.00 16.74 ? 76  VAL B CG2 1 
ATOM   604  N N   . THR A 1 71  ? 13.061  -0.841  -1.583  1.00 16.79 ? 77  THR B N   1 
ATOM   605  C CA  . THR A 1 71  ? 14.490  -0.497  -1.653  1.00 18.63 ? 77  THR B CA  1 
ATOM   606  C C   . THR A 1 71  ? 14.690  0.821   -2.435  1.00 19.09 ? 77  THR B C   1 
ATOM   607  O O   . THR A 1 71  ? 14.120  0.985   -3.540  1.00 19.12 ? 77  THR B O   1 
ATOM   608  C CB  . THR A 1 71  ? 15.290  -1.627  -2.301  1.00 18.36 ? 77  THR B CB  1 
ATOM   609  O OG1 . THR A 1 71  ? 15.168  -2.838  -1.552  1.00 22.17 ? 77  THR B OG1 1 
ATOM   610  C CG2 . THR A 1 71  ? 16.737  -1.208  -2.384  1.00 20.47 ? 77  THR B CG2 1 
ATOM   611  N N   . GLN A 1 72  ? 15.476  1.715   -1.828  1.00 23.10 ? 78  GLN B N   1 
ATOM   612  C CA  . GLN A 1 72  ? 16.012  3.012   -2.338  1.00 26.91 ? 78  GLN B CA  1 
ATOM   613  C C   . GLN A 1 72  ? 14.898  4.018   -2.655  1.00 28.12 ? 78  GLN B C   1 
ATOM   614  O O   . GLN A 1 72  ? 15.215  5.090   -3.211  1.00 32.23 ? 78  GLN B O   1 
ATOM   615  C CB  . GLN A 1 72  ? 17.002  2.794   -3.489  1.00 34.83 ? 78  GLN B CB  1 
ATOM   616  C CG  . GLN A 1 72  ? 16.422  2.176   -4.759  1.00 41.24 ? 78  GLN B CG  1 
ATOM   617  C CD  . GLN A 1 72  ? 16.919  2.765   -6.067  1.00 47.64 ? 78  GLN B CD  1 
ATOM   618  O OE1 . GLN A 1 72  ? 17.069  2.060   -7.074  1.00 50.56 ? 78  GLN B OE1 1 
ATOM   619  N NE2 . GLN A 1 72  ? 17.088  4.083   -6.092  1.00 52.00 ? 78  GLN B NE2 1 
ATOM   620  N N   . LYS A 1 73  ? 13.656  3.785   -2.247  1.00 18.97 ? 79  LYS B N   1 
ATOM   621  C CA  . LYS A 1 73  ? 12.625  4.848   -2.349  1.00 18.51 ? 79  LYS B CA  1 
ATOM   622  C C   . LYS A 1 73  ? 12.693  5.881   -1.203  1.00 17.34 ? 79  LYS B C   1 
ATOM   623  O O   . LYS A 1 73  ? 13.027  5.533   -0.033  1.00 18.51 ? 79  LYS B O   1 
ATOM   624  C CB  . LYS A 1 73  ? 11.261  4.160   -2.422  1.00 18.50 ? 79  LYS B CB  1 
ATOM   625  C CG  . LYS A 1 73  ? 11.091  3.304   -3.683  1.00 18.71 ? 79  LYS B CG  1 
ATOM   626  C CD  . LYS A 1 73  ? 9.652   2.895   -3.982  1.00 19.95 ? 79  LYS B CD  1 
ATOM   627  C CE  . LYS A 1 73  ? 8.701   4.050   -4.227  1.00 19.64 ? 79  LYS B CE  1 
ATOM   628  N NZ  . LYS A 1 73  ? 9.132   4.896   -5.374  1.00 17.72 ? 79  LYS B NZ  1 
ATOM   629  N N   . GLU A 1 74  ? 12.432  7.125   -1.565  1.00 16.54 ? 80  GLU B N   1 
ATOM   630  C CA  . GLU A 1 74  ? 12.328  8.288   -0.658  1.00 16.29 ? 80  GLU B CA  1 
ATOM   631  C C   . GLU A 1 74  ? 10.907  8.440   -0.122  1.00 16.36 ? 80  GLU B C   1 
ATOM   632  O O   . GLU A 1 74  ? 10.736  9.114   0.897   1.00 16.55 ? 80  GLU B O   1 
ATOM   633  C CB  . GLU A 1 74  ? 12.726  9.580   -1.386  1.00 17.81 ? 80  GLU B CB  1 
ATOM   634  C CG  . GLU A 1 74  ? 14.186  9.622   -1.736  1.00 20.08 ? 80  GLU B CG  1 
ATOM   635  C CD  . GLU A 1 74  ? 14.483  10.892  -2.543  1.00 19.88 ? 80  GLU B CD  1 
ATOM   636  O OE1 . GLU A 1 74  ? 15.660  11.161  -2.719  1.00 21.73 ? 80  GLU B OE1 1 
ATOM   637  O OE2 . GLU A 1 74  ? 13.493  11.616  -2.970  1.00 23.57 ? 80  GLU B OE2 1 
ATOM   638  N N   . ALA A 1 75  ? 9.888   7.971   -0.845  1.00 15.67 ? 81  ALA B N   1 
ATOM   639  C CA  . ALA A 1 75  ? 8.487   8.272   -0.469  1.00 15.23 ? 81  ALA B CA  1 
ATOM   640  C C   . ALA A 1 75  ? 7.591   7.158   -0.999  1.00 16.46 ? 81  ALA B C   1 
ATOM   641  O O   . ALA A 1 75  ? 7.818   6.676   -2.137  1.00 15.62 ? 81  ALA B O   1 
ATOM   642  C CB  . ALA A 1 75  ? 8.042   9.605   -1.021  1.00 16.26 ? 81  ALA B CB  1 
ATOM   643  N N   . TRP A 1 76  ? 6.631   6.740   -0.200  1.00 15.63 ? 82  TRP B N   1 
ATOM   644  C CA  . TRP A 1 76  ? 5.648   5.686   -0.610  1.00 15.46 ? 82  TRP B CA  1 
ATOM   645  C C   . TRP A 1 76  ? 4.581   5.581   0.452   1.00 15.73 ? 82  TRP B C   1 
ATOM   646  O O   . TRP A 1 76  ? 4.839   6.026   1.583   1.00 14.81 ? 82  TRP B O   1 
ATOM   647  C CB  . TRP A 1 76  ? 6.294   4.311   -0.836  1.00 16.40 ? 82  TRP B CB  1 
ATOM   648  C CG  . TRP A 1 76  ? 7.210   3.846   0.256   1.00 15.27 ? 82  TRP B CG  1 
ATOM   649  C CD1 . TRP A 1 76  ? 8.559   3.931   0.253   1.00 16.80 ? 82  TRP B CD1 1 
ATOM   650  C CD2 . TRP A 1 76  ? 6.868   3.259   1.530   1.00 15.53 ? 82  TRP B CD2 1 
ATOM   651  N NE1 . TRP A 1 76  ? 9.101   3.428   1.409   1.00 17.31 ? 82  TRP B NE1 1 
ATOM   652  C CE2 . TRP A 1 76  ? 8.071   3.051   2.237   1.00 17.06 ? 82  TRP B CE2 1 
ATOM   653  C CE3 . TRP A 1 76  ? 5.649   2.930   2.147   1.00 16.94 ? 82  TRP B CE3 1 
ATOM   654  C CZ2 . TRP A 1 76  ? 8.118   2.436   3.483   1.00 15.56 ? 82  TRP B CZ2 1 
ATOM   655  C CZ3 . TRP A 1 76  ? 5.691   2.333   3.388   1.00 15.16 ? 82  TRP B CZ3 1 
ATOM   656  C CH2 . TRP A 1 76  ? 6.909   2.130   4.063   1.00 17.73 ? 82  TRP B CH2 1 
ATOM   657  N N   . ASP A 1 77  ? 3.432   5.023   0.071   1.00 14.07 ? 83  ASP B N   1 
ATOM   658  C CA  . ASP A 1 77  ? 2.349   4.647   1.023   1.00 16.02 ? 83  ASP B CA  1 
ATOM   659  C C   . ASP A 1 77  ? 2.045   3.163   0.762   1.00 14.05 ? 83  ASP B C   1 
ATOM   660  O O   . ASP A 1 77  ? 1.984   2.756   -0.440  1.00 14.49 ? 83  ASP B O   1 
ATOM   661  C CB  . ASP A 1 77  ? 1.069   5.481   0.908   1.00 16.97 ? 83  ASP B CB  1 
ATOM   662  C CG  . ASP A 1 77  ? 1.196   6.985   0.705   1.00 20.54 ? 83  ASP B CG  1 
ATOM   663  O OD1 . ASP A 1 77  ? 2.056   7.561   1.297   1.00 22.10 ? 83  ASP B OD1 1 
ATOM   664  O OD2 . ASP A 1 77  ? 0.362   7.539   -0.011  1.00 19.88 ? 83  ASP B OD2 1 
ATOM   665  N N   . LEU A 1 78  ? 1.780   2.384   1.801   1.00 13.54 ? 84  LEU B N   1 
ATOM   666  C CA  . LEU A 1 78  ? 1.385   0.956   1.667   1.00 13.39 ? 84  LEU B CA  1 
ATOM   667  C C   . LEU A 1 78  ? 0.309   0.611   2.687   1.00 13.37 ? 84  LEU B C   1 
ATOM   668  O O   . LEU A 1 78  ? 0.360   1.084   3.830   1.00 12.07 ? 84  LEU B O   1 
ATOM   669  C CB  . LEU A 1 78  ? 2.572   0.034   1.909   1.00 13.91 ? 84  LEU B CB  1 
ATOM   670  C CG  . LEU A 1 78  ? 3.658   0.008   0.834   1.00 15.03 ? 84  LEU B CG  1 
ATOM   671  C CD1 . LEU A 1 78  ? 4.817   -0.826  1.359   1.00 16.51 ? 84  LEU B CD1 1 
ATOM   672  C CD2 . LEU A 1 78  ? 3.086   -0.537  -0.449  1.00 16.48 ? 84  LEU B CD2 1 
ATOM   673  N N   . GLY A 1 79  ? -0.585  -0.276  2.284   1.00 12.34 ? 85  GLY B N   1 
ATOM   674  C CA  . GLY A 1 79  ? -1.450  -0.979  3.234   1.00 13.31 ? 85  GLY B CA  1 
ATOM   675  C C   . GLY A 1 79  ? -2.644  -1.591  2.516   1.00 12.82 ? 85  GLY B C   1 
ATOM   676  O O   . GLY A 1 79  ? -2.462  -2.276  1.541   1.00 12.81 ? 85  GLY B O   1 
ATOM   677  N N   A VAL A 1 80  ? -3.846  -1.364  3.058   0.25 12.92 ? 86  VAL B N   1 
ATOM   678  N N   B VAL A 1 80  ? -3.848  -1.277  2.984   0.25 13.34 ? 86  VAL B N   1 
ATOM   679  C CA  A VAL A 1 80  ? -5.140  -1.821  2.469   0.25 13.00 ? 86  VAL B CA  1 
ATOM   680  C CA  B VAL A 1 80  ? -5.105  -1.860  2.442   0.25 13.63 ? 86  VAL B CA  1 
ATOM   681  C C   A VAL A 1 80  ? -6.121  -0.654  2.428   0.25 13.10 ? 86  VAL B C   1 
ATOM   682  C C   B VAL A 1 80  ? -6.208  -0.801  2.559   0.25 13.39 ? 86  VAL B C   1 
ATOM   683  O O   A VAL A 1 80  ? -5.934  0.357   3.124   0.25 13.64 ? 86  VAL B O   1 
ATOM   684  O O   B VAL A 1 80  ? -6.157  0.013   3.493   0.25 13.71 ? 86  VAL B O   1 
ATOM   685  C CB  A VAL A 1 80  ? -5.771  -2.987  3.254   0.25 13.17 ? 86  VAL B CB  1 
ATOM   686  C CB  B VAL A 1 80  ? -5.430  -3.165  3.196   0.25 14.32 ? 86  VAL B CB  1 
ATOM   687  C CG1 A VAL A 1 80  ? -4.978  -4.267  3.095   0.25 13.02 ? 86  VAL B CG1 1 
ATOM   688  C CG1 B VAL A 1 80  ? -5.853  -2.887  4.629   0.25 14.76 ? 86  VAL B CG1 1 
ATOM   689  C CG2 A VAL A 1 80  ? -5.950  -2.636  4.723   0.25 13.43 ? 86  VAL B CG2 1 
ATOM   690  C CG2 B VAL A 1 80  ? -6.470  -4.010  2.488   0.25 15.16 ? 86  VAL B CG2 1 
ATOM   691  N N   . CYS A 1 81  ? -7.174  -0.808  1.640   1.00 12.90 ? 87  CYS B N   1 
ATOM   692  C CA  . CYS A 1 81  ? -8.254  0.155   1.650   1.00 13.81 ? 87  CYS B CA  1 
ATOM   693  C C   . CYS A 1 81  ? -9.556  -0.542  1.248   1.00 14.09 ? 87  CYS B C   1 
ATOM   694  O O   . CYS A 1 81  ? -9.545  -1.637  0.679   1.00 14.56 ? 87  CYS B O   1 
ATOM   695  C CB  . CYS A 1 81  ? -7.935  1.325   0.718   1.00 15.09 ? 87  CYS B CB  1 
ATOM   696  S SG  . CYS A 1 81  ? -7.885  0.860   -1.043  1.00 16.70 ? 87  CYS B SG  1 
ATOM   697  N N   A ARG A 1 82  ? -10.667 0.097   1.583   0.25 14.90 ? 88  ARG B N   1 
ATOM   698  N N   B ARG A 1 82  ? -10.669 0.103   1.569   0.25 13.78 ? 88  ARG B N   1 
ATOM   699  C CA  A ARG A 1 82  ? -12.008 -0.333  1.134   0.25 16.10 ? 88  ARG B CA  1 
ATOM   700  C CA  B ARG A 1 82  ? -12.018 -0.351  1.166   0.25 14.15 ? 88  ARG B CA  1 
ATOM   701  C C   A ARG A 1 82  ? -12.049 -0.314  -0.394  0.25 15.83 ? 88  ARG B C   1 
ATOM   702  C C   B ARG A 1 82  ? -12.125 -0.265  -0.364  0.25 14.76 ? 88  ARG B C   1 
ATOM   703  O O   A ARG A 1 82  ? -11.423 0.574   -1.004  0.25 15.54 ? 88  ARG B O   1 
ATOM   704  O O   B ARG A 1 82  ? -11.615 0.721   -0.950  0.25 14.43 ? 88  ARG B O   1 
ATOM   705  C CB  A ARG A 1 82  ? -13.080 0.600   1.693   0.25 17.44 ? 88  ARG B CB  1 
ATOM   706  C CB  B ARG A 1 82  ? -13.083 0.497   1.869   0.25 13.88 ? 88  ARG B CB  1 
ATOM   707  C CG  A ARG A 1 82  ? -13.376 0.364   3.161   0.25 18.80 ? 88  ARG B CG  1 
ATOM   708  C CG  B ARG A 1 82  ? -14.474 -0.119  1.847   0.25 13.58 ? 88  ARG B CG  1 
ATOM   709  C CD  A ARG A 1 82  ? -14.409 1.357   3.641   0.25 20.12 ? 88  ARG B CD  1 
ATOM   710  C CD  B ARG A 1 82  ? -15.515 0.770   2.482   0.25 13.45 ? 88  ARG B CD  1 
ATOM   711  N NE  A ARG A 1 82  ? -14.373 1.509   5.085   0.25 19.87 ? 88  ARG B NE  1 
ATOM   712  N NE  B ARG A 1 82  ? -15.191 1.038   3.866   0.25 13.36 ? 88  ARG B NE  1 
ATOM   713  C CZ  A ARG A 1 82  ? -14.678 2.630   5.707   0.25 20.36 ? 88  ARG B CZ  1 
ATOM   714  C CZ  B ARG A 1 82  ? -15.007 2.254   4.386   0.25 12.57 ? 88  ARG B CZ  1 
ATOM   715  N NH1 A ARG A 1 82  ? -15.004 3.700   5.004   0.25 19.59 ? 88  ARG B NH1 1 
ATOM   716  N NH1 B ARG A 1 82  ? -15.157 3.333   3.648   0.25 13.36 ? 88  ARG B NH1 1 
ATOM   717  N NH2 A ARG A 1 82  ? -14.643 2.680   7.026   0.25 22.54 ? 88  ARG B NH2 1 
ATOM   718  N NH2 B ARG A 1 82  ? -14.677 2.382   5.657   0.25 12.40 ? 88  ARG B NH2 1 
ATOM   719  N N   . ASP A 1 83  ? -12.802 -1.233  -0.989  1.00 16.19 ? 89  ASP B N   1 
ATOM   720  C CA  . ASP A 1 83  ? -12.965 -1.239  -2.473  1.00 18.05 ? 89  ASP B CA  1 
ATOM   721  C C   . ASP A 1 83  ? -13.614 0.071   -2.928  1.00 19.37 ? 89  ASP B C   1 
ATOM   722  O O   . ASP A 1 83  ? -13.338 0.465   -4.063  1.00 22.29 ? 89  ASP B O   1 
ATOM   723  C CB  . ASP A 1 83  ? -13.723 -2.479  -2.909  1.00 19.10 ? 89  ASP B CB  1 
ATOM   724  C CG  . ASP A 1 83  ? -15.143 -2.589  -2.396  1.00 22.10 ? 89  ASP B CG  1 
ATOM   725  O OD1 . ASP A 1 83  ? -15.547 -1.810  -1.479  1.00 22.21 ? 89  ASP B OD1 1 
ATOM   726  O OD2 . ASP A 1 83  ? -15.864 -3.473  -2.944  1.00 24.38 ? 89  ASP B OD2 1 
ATOM   727  N N   . SER A 1 84  ? -14.406 0.761   -2.087  1.00 17.23 ? 90  SER B N   1 
ATOM   728  C CA  . SER A 1 84  ? -15.199 1.952   -2.462  1.00 19.47 ? 90  SER B CA  1 
ATOM   729  C C   . SER A 1 84  ? -14.510 3.285   -2.146  1.00 16.42 ? 90  SER B C   1 
ATOM   730  O O   . SER A 1 84  ? -15.193 4.305   -2.165  1.00 17.55 ? 90  SER B O   1 
ATOM   731  C CB  . SER A 1 84  ? -16.559 1.864   -1.805  1.00 19.63 ? 90  SER B CB  1 
ATOM   732  O OG  . SER A 1 84  ? -16.437 1.707   -0.417  1.00 21.61 ? 90  SER B OG  1 
ATOM   733  N N   . VAL A 1 85  ? -13.204 3.313   -1.863  1.00 16.53 ? 91  VAL B N   1 
ATOM   734  C CA  . VAL A 1 85  ? -12.519 4.598   -1.564  1.00 17.30 ? 91  VAL B CA  1 
ATOM   735  C C   . VAL A 1 85  ? -12.671 5.535   -2.771  1.00 16.41 ? 91  VAL B C   1 
ATOM   736  O O   . VAL A 1 85  ? -12.697 5.068   -3.941  1.00 16.95 ? 91  VAL B O   1 
ATOM   737  C CB  . VAL A 1 85  ? -11.038 4.465   -1.139  1.00 15.54 ? 91  VAL B CB  1 
ATOM   738  C CG1 . VAL A 1 85  ? -10.911 3.760   0.196   1.00 16.20 ? 91  VAL B CG1 1 
ATOM   739  C CG2 . VAL A 1 85  ? -10.154 3.775   -2.167  1.00 14.58 ? 91  VAL B CG2 1 
ATOM   740  N N   . GLN A 1 86  ? -12.749 6.814   -2.451  1.00 17.94 ? 92  GLN B N   1 
ATOM   741  C CA  . GLN A 1 86  ? -12.700 7.946   -3.433  1.00 19.61 ? 92  GLN B CA  1 
ATOM   742  C C   . GLN A 1 86  ? -11.472 7.760   -4.340  1.00 18.46 ? 92  GLN B C   1 
ATOM   743  O O   . GLN A 1 86  ? -10.400 7.443   -3.830  1.00 18.18 ? 92  GLN B O   1 
ATOM   744  C CB  . GLN A 1 86  ? -12.686 9.252   -2.630  1.00 22.64 ? 92  GLN B CB  1 
ATOM   745  C CG  . GLN A 1 86  ? -12.457 10.547  -3.402  1.00 25.76 ? 92  GLN B CG  1 
ATOM   746  C CD  . GLN A 1 86  ? -12.273 11.752  -2.490  1.00 27.85 ? 92  GLN B CD  1 
ATOM   747  O OE1 . GLN A 1 86  ? -12.539 11.707  -1.280  1.00 30.40 ? 92  GLN B OE1 1 
ATOM   748  N NE2 . GLN A 1 86  ? -11.820 12.882  -3.046  1.00 28.20 ? 92  GLN B NE2 1 
ATOM   749  N N   . ARG A 1 87  ? -11.621 8.023   -5.638  1.00 17.21 ? 93  ARG B N   1 
ATOM   750  C CA  . ARG A 1 87  ? -10.539 7.877   -6.650  1.00 17.21 ? 93  ARG B CA  1 
ATOM   751  C C   . ARG A 1 87  ? -10.110 9.264   -7.143  1.00 19.64 ? 93  ARG B C   1 
ATOM   752  O O   . ARG A 1 87  ? -8.939  9.380   -7.497  1.00 18.59 ? 93  ARG B O   1 
ATOM   753  C CB  . ARG A 1 87  ? -10.926 6.989   -7.836  1.00 16.95 ? 93  ARG B CB  1 
ATOM   754  C CG  . ARG A 1 87  ? -11.433 5.598   -7.469  1.00 15.98 ? 93  ARG B CG  1 
ATOM   755  C CD  . ARG A 1 87  ? -10.532 4.834   -6.514  1.00 17.02 ? 93  ARG B CD  1 
ATOM   756  N NE  . ARG A 1 87  ? -11.215 3.615   -6.061  1.00 19.01 ? 93  ARG B NE  1 
ATOM   757  C CZ  . ARG A 1 87  ? -11.271 2.457   -6.698  1.00 19.23 ? 93  ARG B CZ  1 
ATOM   758  N NH1 . ARG A 1 87  ? -10.673 2.277   -7.860  1.00 21.14 ? 93  ARG B NH1 1 
ATOM   759  N NH2 . ARG A 1 87  ? -11.977 1.477   -6.175  1.00 20.56 ? 93  ARG B NH2 1 
ATOM   760  N N   . LYS A 1 88  ? -11.014 10.250  -7.183  1.00 18.02 ? 94  LYS B N   1 
ATOM   761  C CA  . LYS A 1 88  ? -10.764 11.556  -7.856  1.00 18.30 ? 94  LYS B CA  1 
ATOM   762  C C   . LYS A 1 88  ? -10.618 12.671  -6.842  1.00 20.36 ? 94  LYS B C   1 
ATOM   763  O O   . LYS A 1 88  ? -11.333 12.636  -5.826  1.00 23.24 ? 94  LYS B O   1 
ATOM   764  C CB  . LYS A 1 88  ? -11.921 11.891  -8.804  1.00 20.17 ? 94  LYS B CB  1 
ATOM   765  C CG  . LYS A 1 88  ? -12.310 10.779  -9.753  1.00 21.82 ? 94  LYS B CG  1 
ATOM   766  C CD  . LYS A 1 88  ? -11.146 10.276  -10.603 1.00 21.39 ? 94  LYS B CD  1 
ATOM   767  C CE  . LYS A 1 88  ? -11.640 9.343   -11.679 1.00 20.40 ? 94  LYS B CE  1 
ATOM   768  N NZ  . LYS A 1 88  ? -10.532 8.768   -12.482 1.00 21.96 ? 94  LYS B NZ  1 
ATOM   769  N N   . GLY A 1 89  ? -9.768  13.643  -7.130  1.00 20.80 ? 95  GLY B N   1 
ATOM   770  C CA  . GLY A 1 89  ? -9.598  14.798  -6.246  1.00 22.44 ? 95  GLY B CA  1 
ATOM   771  C C   . GLY A 1 89  ? -8.663  14.522  -5.099  1.00 21.95 ? 95  GLY B C   1 
ATOM   772  O O   . GLY A 1 89  ? -7.968  13.460  -5.108  1.00 21.84 ? 95  GLY B O   1 
ATOM   773  N N   . GLN A 1 90  ? -8.605  15.475  -4.175  1.00 21.41 ? 96  GLN B N   1 
ATOM   774  C CA  . GLN A 1 90  ? -7.709  15.421  -3.004  1.00 25.83 ? 96  GLN B CA  1 
ATOM   775  C C   . GLN A 1 90  ? -8.424  14.725  -1.857  1.00 22.64 ? 96  GLN B C   1 
ATOM   776  O O   . GLN A 1 90  ? -9.674  14.797  -1.781  1.00 22.29 ? 96  GLN B O   1 
ATOM   777  C CB  . GLN A 1 90  ? -7.276  16.829  -2.603  1.00 29.54 ? 96  GLN B CB  1 
ATOM   778  C CG  . GLN A 1 90  ? -6.391  17.463  -3.654  1.00 38.49 ? 96  GLN B CG  1 
ATOM   779  C CD  . GLN A 1 90  ? -6.448  18.958  -3.545  1.00 47.73 ? 96  GLN B CD  1 
ATOM   780  O OE1 . GLN A 1 90  ? -5.596  19.563  -2.900  1.00 57.28 ? 96  GLN B OE1 1 
ATOM   781  N NE2 . GLN A 1 90  ? -7.475  19.549  -4.149  1.00 51.90 ? 96  GLN B NE2 1 
ATOM   782  N N   . PHE A 1 91  ? -7.678  13.957  -1.079  1.00 19.74 ? 97  PHE B N   1 
ATOM   783  C CA  . PHE A 1 91  ? -8.180  13.264  0.138   1.00 20.80 ? 97  PHE B CA  1 
ATOM   784  C C   . PHE A 1 91  ? -6.997  12.860  1.003   1.00 20.32 ? 97  PHE B C   1 
ATOM   785  O O   . PHE A 1 91  ? -5.872  12.735  0.506   1.00 19.75 ? 97  PHE B O   1 
ATOM   786  C CB  . PHE A 1 91  ? -8.982  12.021  -0.229  1.00 19.38 ? 97  PHE B CB  1 
ATOM   787  C CG  . PHE A 1 91  ? -8.248  11.042  -1.108  1.00 19.34 ? 97  PHE B CG  1 
ATOM   788  C CD1 . PHE A 1 91  ? -7.449  10.069  -0.542  1.00 21.20 ? 97  PHE B CD1 1 
ATOM   789  C CD2 . PHE A 1 91  ? -8.424  11.039  -2.481  1.00 20.09 ? 97  PHE B CD2 1 
ATOM   790  C CE1 . PHE A 1 91  ? -6.804  9.142   -1.347  1.00 20.14 ? 97  PHE B CE1 1 
ATOM   791  C CE2 . PHE A 1 91  ? -7.815  10.092  -3.276  1.00 22.05 ? 97  PHE B CE2 1 
ATOM   792  C CZ  . PHE A 1 91  ? -7.012  9.146   -2.703  1.00 20.20 ? 97  PHE B CZ  1 
ATOM   793  N N   A SER A 1 92  ? -7.238  12.649  2.295   0.25 21.27 ? 98  SER B N   1 
ATOM   794  N N   B SER A 1 92  ? -7.266  12.640  2.290   0.25 20.23 ? 98  SER B N   1 
ATOM   795  C CA  A SER A 1 92  ? -6.215  12.166  3.253   0.25 21.74 ? 98  SER B CA  1 
ATOM   796  C CA  B SER A 1 92  ? -6.281  12.160  3.290   0.25 20.02 ? 98  SER B CA  1 
ATOM   797  C C   A SER A 1 92  ? -6.355  10.653  3.436   0.25 20.37 ? 98  SER B C   1 
ATOM   798  C C   B SER A 1 92  ? -6.367  10.634  3.411   0.25 19.45 ? 98  SER B C   1 
ATOM   799  O O   A SER A 1 92  ? -7.490  10.140  3.357   0.25 19.96 ? 98  SER B O   1 
ATOM   800  O O   B SER A 1 92  ? -7.479  10.085  3.235   0.25 19.16 ? 98  SER B O   1 
ATOM   801  C CB  A SER A 1 92  ? -6.337  12.881  4.561   0.25 24.00 ? 98  SER B CB  1 
ATOM   802  C CB  B SER A 1 92  ? -6.502  12.837  4.619   0.25 20.78 ? 98  SER B CB  1 
ATOM   803  O OG  A SER A 1 92  ? -7.701  13.119  4.840   0.25 26.79 ? 98  SER B OG  1 
ATOM   804  O OG  B SER A 1 92  ? -6.167  14.217  4.531   0.25 20.99 ? 98  SER B OG  1 
ATOM   805  N N   . LEU A 1 93  ? -5.231  9.974   3.655   1.00 18.20 ? 99  LEU B N   1 
ATOM   806  C CA  . LEU A 1 93  ? -5.218  8.537   3.989   1.00 19.05 ? 99  LEU B CA  1 
ATOM   807  C C   . LEU A 1 93  ? -5.562  8.401   5.481   1.00 19.55 ? 99  LEU B C   1 
ATOM   808  O O   . LEU A 1 93  ? -4.739  8.690   6.341   1.00 20.60 ? 99  LEU B O   1 
ATOM   809  C CB  . LEU A 1 93  ? -3.853  7.931   3.643   1.00 19.23 ? 99  LEU B CB  1 
ATOM   810  C CG  . LEU A 1 93  ? -3.434  7.927   2.178   1.00 20.99 ? 99  LEU B CG  1 
ATOM   811  C CD1 . LEU A 1 93  ? -2.041  7.315   2.030   1.00 22.55 ? 99  LEU B CD1 1 
ATOM   812  C CD2 . LEU A 1 93  ? -4.416  7.175   1.289   1.00 21.04 ? 99  LEU B CD2 1 
ATOM   813  N N   . SER A 1 94  ? -6.777  7.975   5.812   1.00 18.72 ? 100 SER B N   1 
ATOM   814  C CA  . SER A 1 94  ? -7.250  7.806   7.201   1.00 18.58 ? 100 SER B CA  1 
ATOM   815  C C   . SER A 1 94  ? -8.259  6.675   7.217   1.00 16.01 ? 100 SER B C   1 
ATOM   816  O O   . SER A 1 94  ? -8.910  6.425   6.192   1.00 16.29 ? 100 SER B O   1 
ATOM   817  C CB  . SER A 1 94  ? -7.905  9.069   7.748   1.00 18.52 ? 100 SER B CB  1 
ATOM   818  O OG  . SER A 1 94  ? -9.108  9.335   7.030   1.00 21.66 ? 100 SER B OG  1 
ATOM   819  N N   . PRO A 1 95  ? -8.456  6.022   8.362   1.00 15.55 ? 101 PRO B N   1 
ATOM   820  C CA  . PRO A 1 95  ? -9.510  5.016   8.475   1.00 16.30 ? 101 PRO B CA  1 
ATOM   821  C C   . PRO A 1 95  ? -10.899 5.610   8.195   1.00 16.46 ? 101 PRO B C   1 
ATOM   822  O O   . PRO A 1 95  ? -11.750 4.932   7.556   1.00 16.19 ? 101 PRO B O   1 
ATOM   823  C CB  . PRO A 1 95  ? -9.356  4.491   9.904   1.00 17.61 ? 101 PRO B CB  1 
ATOM   824  C CG  . PRO A 1 95  ? -7.881  4.710   10.193  1.00 17.06 ? 101 PRO B CG  1 
ATOM   825  C CD  . PRO A 1 95  ? -7.579  6.051   9.544   1.00 16.35 ? 101 PRO B CD  1 
ATOM   826  N N   . GLU A 1 96  ? -11.118 6.876   8.565   1.00 18.05 ? 102 GLU B N   1 
ATOM   827  C CA  . GLU A 1 96  ? -12.426 7.542   8.265   1.00 22.96 ? 102 GLU B CA  1 
ATOM   828  C C   . GLU A 1 96  ? -12.683 7.539   6.750   1.00 21.57 ? 102 GLU B C   1 
ATOM   829  O O   . GLU A 1 96  ? -13.890 7.409   6.332   1.00 20.78 ? 102 GLU B O   1 
ATOM   830  C CB  . GLU A 1 96  ? -12.455 8.971   8.819   1.00 27.67 ? 102 GLU B CB  1 
ATOM   831  C CG  . GLU A 1 96  ? -12.121 9.014   10.295  1.00 38.26 ? 102 GLU B CG  1 
ATOM   832  C CD  . GLU A 1 96  ? -10.682 9.401   10.625  1.00 45.01 ? 102 GLU B CD  1 
ATOM   833  O OE1 . GLU A 1 96  ? -9.807  8.469   10.815  1.00 31.54 ? 102 GLU B OE1 1 
ATOM   834  O OE2 . GLU A 1 96  ? -10.448 10.650  10.729  1.00 52.09 ? 102 GLU B OE2 1 
ATOM   835  N N   . ASN A 1 97  ? -11.637 7.682   5.914   1.00 19.53 ? 103 ASN B N   1 
ATOM   836  C CA  . ASN A 1 97  ? -11.782 7.648   4.430   1.00 17.90 ? 103 ASN B CA  1 
ATOM   837  C C   . ASN A 1 97  ? -11.636 6.223   3.861   1.00 16.90 ? 103 ASN B C   1 
ATOM   838  O O   . ASN A 1 97  ? -11.673 6.084   2.630   1.00 18.32 ? 103 ASN B O   1 
ATOM   839  C CB  . ASN A 1 97  ? -10.814 8.625   3.747   1.00 18.88 ? 103 ASN B CB  1 
ATOM   840  C CG  . ASN A 1 97  ? -11.136 10.081  3.995   1.00 21.53 ? 103 ASN B CG  1 
ATOM   841  O OD1 . ASN A 1 97  ? -12.291 10.424  4.311   1.00 22.32 ? 103 ASN B OD1 1 
ATOM   842  N ND2 . ASN A 1 97  ? -10.122 10.939  3.898   1.00 22.90 ? 103 ASN B ND2 1 
ATOM   843  N N   . GLY A 1 98  ? -11.471 5.185   4.688   1.00 15.19 ? 104 GLY B N   1 
ATOM   844  C CA  . GLY A 1 98  ? -11.402 3.802   4.203   1.00 15.51 ? 104 GLY B CA  1 
ATOM   845  C C   . GLY A 1 98  ? -9.975  3.337   3.907   1.00 15.79 ? 104 GLY B C   1 
ATOM   846  O O   . GLY A 1 98  ? -9.839  2.390   3.137   1.00 15.62 ? 104 GLY B O   1 
ATOM   847  N N   . PHE A 1 99  ? -8.940  3.912   4.560   1.00 15.93 ? 105 PHE B N   1 
ATOM   848  C CA  . PHE A 1 99  ? -7.529  3.476   4.343   1.00 14.00 ? 105 PHE B CA  1 
ATOM   849  C C   . PHE A 1 99  ? -6.861  3.086   5.666   1.00 14.20 ? 105 PHE B C   1 
ATOM   850  O O   . PHE A 1 99  ? -7.010  3.846   6.646   1.00 15.32 ? 105 PHE B O   1 
ATOM   851  C CB  . PHE A 1 99  ? -6.681  4.603   3.718   1.00 14.26 ? 105 PHE B CB  1 
ATOM   852  C CG  . PHE A 1 99  ? -7.161  5.097   2.369   1.00 14.20 ? 105 PHE B CG  1 
ATOM   853  C CD1 . PHE A 1 99  ? -8.093  6.109   2.301   1.00 15.31 ? 105 PHE B CD1 1 
ATOM   854  C CD2 . PHE A 1 99  ? -6.658  4.554   1.191   1.00 14.76 ? 105 PHE B CD2 1 
ATOM   855  C CE1 . PHE A 1 99  ? -8.570  6.527   1.074   1.00 15.03 ? 105 PHE B CE1 1 
ATOM   856  C CE2 . PHE A 1 99  ? -7.061  5.027   -0.047  1.00 15.29 ? 105 PHE B CE2 1 
ATOM   857  C CZ  . PHE A 1 99  ? -8.006  6.033   -0.091  1.00 14.31 ? 105 PHE B CZ  1 
ATOM   858  N N   . TRP A 1 100 ? -6.084  1.998   5.646   1.00 13.28 ? 106 TRP B N   1 
ATOM   859  C CA  . TRP A 1 100 ? -5.227  1.521   6.773   1.00 12.12 ? 106 TRP B CA  1 
ATOM   860  C C   . TRP A 1 100 ? -3.812  1.378   6.239   1.00 12.30 ? 106 TRP B C   1 
ATOM   861  O O   . TRP A 1 100 ? -3.505  0.402   5.530   1.00 12.98 ? 106 TRP B O   1 
ATOM   862  C CB  . TRP A 1 100 ? -5.820  0.233   7.370   1.00 12.34 ? 106 TRP B CB  1 
ATOM   863  C CG  . TRP A 1 100 ? -7.191  0.482   7.945   1.00 13.58 ? 106 TRP B CG  1 
ATOM   864  C CD1 . TRP A 1 100 ? -7.490  0.818   9.242   1.00 14.34 ? 106 TRP B CD1 1 
ATOM   865  C CD2 . TRP A 1 100 ? -8.451  0.433   7.244   1.00 13.31 ? 106 TRP B CD2 1 
ATOM   866  N NE1 . TRP A 1 100 ? -8.844  1.022   9.374   1.00 15.46 ? 106 TRP B NE1 1 
ATOM   867  C CE2 . TRP A 1 100 ? -9.455  0.794   8.172   1.00 15.23 ? 106 TRP B CE2 1 
ATOM   868  C CE3 . TRP A 1 100 ? -8.816  0.121   5.942   1.00 13.52 ? 106 TRP B CE3 1 
ATOM   869  C CZ2 . TRP A 1 100 ? -10.806 0.873   7.824   1.00 15.87 ? 106 TRP B CZ2 1 
ATOM   870  C CZ3 . TRP A 1 100 ? -10.153 0.210   5.598   1.00 14.71 ? 106 TRP B CZ3 1 
ATOM   871  C CH2 . TRP A 1 100 ? -11.117 0.612   6.515   1.00 15.63 ? 106 TRP B CH2 1 
ATOM   872  N N   . THR A 1 101 ? -3.004  2.427   6.452   1.00 13.29 ? 107 THR B N   1 
ATOM   873  C CA  . THR A 1 101 ? -1.748  2.600   5.673   1.00 12.47 ? 107 THR B CA  1 
ATOM   874  C C   . THR A 1 101 ? -0.632  3.101   6.608   1.00 12.66 ? 107 THR B C   1 
ATOM   875  O O   . THR A 1 101 ? -0.922  3.692   7.632   1.00 12.38 ? 107 THR B O   1 
ATOM   876  C CB  . THR A 1 101 ? -1.883  3.568   4.488   1.00 13.13 ? 107 THR B CB  1 
ATOM   877  O OG1 . THR A 1 101 ? -2.212  4.841   5.014   1.00 14.04 ? 107 THR B OG1 1 
ATOM   878  C CG2 . THR A 1 101 ? -2.930  3.095   3.497   1.00 13.24 ? 107 THR B CG2 1 
ATOM   879  N N   . ILE A 1 102 ? 0.585   2.854   6.181   1.00 12.45 ? 108 ILE B N   1 
ATOM   880  C CA  . ILE A 1 102 ? 1.790   3.568   6.690   1.00 12.87 ? 108 ILE B CA  1 
ATOM   881  C C   . ILE A 1 102 ? 2.494   4.220   5.496   1.00 14.95 ? 108 ILE B C   1 
ATOM   882  O O   . ILE A 1 102 ? 2.244   3.866   4.322   1.00 14.31 ? 108 ILE B O   1 
ATOM   883  C CB  . ILE A 1 102 ? 2.733   2.648   7.482   1.00 13.99 ? 108 ILE B CB  1 
ATOM   884  C CG1 . ILE A 1 102 ? 3.455   1.613   6.623   1.00 14.37 ? 108 ILE B CG1 1 
ATOM   885  C CG2 . ILE A 1 102 ? 2.014   1.987   8.642   1.00 14.02 ? 108 ILE B CG2 1 
ATOM   886  C CD1 . ILE A 1 102 ? 4.564   0.849   7.340   1.00 14.68 ? 108 ILE B CD1 1 
ATOM   887  N N   . TRP A 1 103 ? 3.448   5.074   5.804   1.00 14.38 ? 109 TRP B N   1 
ATOM   888  C CA  . TRP A 1 103 ? 4.189   5.738   4.731   1.00 14.20 ? 109 TRP B CA  1 
ATOM   889  C C   . TRP A 1 103 ? 5.545   6.220   5.183   1.00 14.72 ? 109 TRP B C   1 
ATOM   890  O O   . TRP A 1 103 ? 5.820   6.371   6.383   1.00 15.04 ? 109 TRP B O   1 
ATOM   891  C CB  . TRP A 1 103 ? 3.402   6.870   4.133   1.00 18.10 ? 109 TRP B CB  1 
ATOM   892  C CG  . TRP A 1 103 ? 3.124   8.026   5.026   1.00 21.03 ? 109 TRP B CG  1 
ATOM   893  C CD1 . TRP A 1 103 ? 3.996   9.002   5.427   1.00 21.35 ? 109 TRP B CD1 1 
ATOM   894  C CD2 . TRP A 1 103 ? 1.830   8.423   5.475   1.00 23.00 ? 109 TRP B CD2 1 
ATOM   895  N NE1 . TRP A 1 103 ? 3.333   9.981   6.095   1.00 24.26 ? 109 TRP B NE1 1 
ATOM   896  C CE2 . TRP A 1 103 ? 1.999   9.664   6.132   1.00 21.58 ? 109 TRP B CE2 1 
ATOM   897  C CE3 . TRP A 1 103 ? 0.552   7.873   5.345   1.00 22.98 ? 109 TRP B CE3 1 
ATOM   898  C CZ2 . TRP A 1 103 ? 0.937   10.332  6.730   1.00 23.88 ? 109 TRP B CZ2 1 
ATOM   899  C CZ3 . TRP A 1 103 ? -0.495  8.569   5.888   1.00 24.20 ? 109 TRP B CZ3 1 
ATOM   900  C CH2 . TRP A 1 103 ? -0.312  9.777   6.555   1.00 22.49 ? 109 TRP B CH2 1 
ATOM   901  N N   . LEU A 1 104 ? 6.369   6.463   4.153   1.00 15.91 ? 110 LEU B N   1 
ATOM   902  C CA  . LEU A 1 104 ? 7.640   7.169   4.290   1.00 12.94 ? 110 LEU B CA  1 
ATOM   903  C C   . LEU A 1 104 ? 7.535   8.511   3.573   1.00 14.02 ? 110 LEU B C   1 
ATOM   904  O O   . LEU A 1 104 ? 7.050   8.551   2.425   1.00 13.11 ? 110 LEU B O   1 
ATOM   905  C CB  . LEU A 1 104 ? 8.760   6.332   3.652   1.00 13.65 ? 110 LEU B CB  1 
ATOM   906  C CG  . LEU A 1 104 ? 10.110  7.047   3.525   1.00 13.93 ? 110 LEU B CG  1 
ATOM   907  C CD1 . LEU A 1 104 ? 10.720  7.432   4.867   1.00 14.92 ? 110 LEU B CD1 1 
ATOM   908  C CD2 . LEU A 1 104 ? 11.073  6.211   2.711   1.00 15.27 ? 110 LEU B CD2 1 
ATOM   909  N N   . TRP A 1 105 ? 7.992   9.578   4.233   1.00 15.57 ? 111 TRP B N   1 
ATOM   910  C CA  . TRP A 1 105 ? 7.968   10.944  3.680   1.00 16.50 ? 111 TRP B CA  1 
ATOM   911  C C   . TRP A 1 105 ? 9.031   11.795  4.372   1.00 19.55 ? 111 TRP B C   1 
ATOM   912  O O   . TRP A 1 105 ? 8.979   11.892  5.624   1.00 18.91 ? 111 TRP B O   1 
ATOM   913  C CB  . TRP A 1 105 ? 6.570   11.550  3.897   1.00 20.81 ? 111 TRP B CB  1 
ATOM   914  C CG  . TRP A 1 105 ? 6.475   12.959  3.453   1.00 22.52 ? 111 TRP B CG  1 
ATOM   915  C CD1 . TRP A 1 105 ? 6.331   14.085  4.223   1.00 23.16 ? 111 TRP B CD1 1 
ATOM   916  C CD2 . TRP A 1 105 ? 6.518   13.380  2.095   1.00 23.06 ? 111 TRP B CD2 1 
ATOM   917  N NE1 . TRP A 1 105 ? 6.278   15.181  3.413   1.00 24.49 ? 111 TRP B NE1 1 
ATOM   918  C CE2 . TRP A 1 105 ? 6.372   14.779  2.114   1.00 23.02 ? 111 TRP B CE2 1 
ATOM   919  C CE3 . TRP A 1 105 ? 6.643   12.707  0.882   1.00 23.08 ? 111 TRP B CE3 1 
ATOM   920  C CZ2 . TRP A 1 105 ? 6.378   15.519  0.944   1.00 28.10 ? 111 TRP B CZ2 1 
ATOM   921  C CZ3 . TRP A 1 105 ? 6.649   13.448  -0.275  1.00 28.01 ? 111 TRP B CZ3 1 
ATOM   922  C CH2 . TRP A 1 105 ? 6.535   14.834  -0.236  1.00 26.49 ? 111 TRP B CH2 1 
ATOM   923  N N   . GLN A 1 106 ? 9.955   12.383  3.593   1.00 17.97 ? 112 GLN B N   1 
ATOM   924  C CA  . GLN A 1 106 ? 10.963  13.310  4.165   1.00 19.25 ? 112 GLN B CA  1 
ATOM   925  C C   . GLN A 1 106 ? 11.635  12.689  5.374   1.00 19.44 ? 112 GLN B C   1 
ATOM   926  O O   . GLN A 1 106 ? 11.722  13.377  6.466   1.00 22.45 ? 112 GLN B O   1 
ATOM   927  C CB  . GLN A 1 106 ? 10.270  14.641  4.468   1.00 22.24 ? 112 GLN B CB  1 
ATOM   928  C CG  . GLN A 1 106 ? 9.808   15.342  3.193   1.00 21.77 ? 112 GLN B CG  1 
ATOM   929  C CD  . GLN A 1 106 ? 9.329   16.760  3.377   1.00 23.19 ? 112 GLN B CD  1 
ATOM   930  O OE1 . GLN A 1 106 ? 9.082   17.483  2.394   1.00 25.94 ? 112 GLN B OE1 1 
ATOM   931  N NE2 . GLN A 1 106 ? 9.175   17.161  4.628   1.00 21.19 ? 112 GLN B NE2 1 
ATOM   932  N N   . ASP A 1 107 ? 12.207  11.508  5.190   1.00 20.03 ? 113 ASP B N   1 
ATOM   933  C CA  . ASP A 1 107 ? 13.058  10.836  6.188   1.00 26.38 ? 113 ASP B CA  1 
ATOM   934  C C   . ASP A 1 107 ? 12.299  10.484  7.478   1.00 24.70 ? 113 ASP B C   1 
ATOM   935  O O   . ASP A 1 107 ? 12.959  10.139  8.464   1.00 29.05 ? 113 ASP B O   1 
ATOM   936  C CB  . ASP A 1 107 ? 14.194  11.787  6.569   1.00 30.41 ? 113 ASP B CB  1 
ATOM   937  C CG  . ASP A 1 107 ? 15.500  11.095  6.831   1.00 38.65 ? 113 ASP B CG  1 
ATOM   938  O OD1 . ASP A 1 107 ? 15.645  9.930   6.419   1.00 42.91 ? 113 ASP B OD1 1 
ATOM   939  O OD2 . ASP A 1 107 ? 16.377  11.759  7.432   1.00 57.72 ? 113 ASP B OD2 1 
ATOM   940  N N   . SER A 1 108 ? 10.975  10.474  7.487   1.00 21.09 ? 114 SER B N   1 
ATOM   941  C CA  . SER A 1 108 ? 10.227  9.943   8.662   1.00 22.33 ? 114 SER B CA  1 
ATOM   942  C C   . SER A 1 108 ? 9.132   8.962   8.217   1.00 19.15 ? 114 SER B C   1 
ATOM   943  O O   . SER A 1 108 ? 8.567   9.083   7.081   1.00 18.66 ? 114 SER B O   1 
ATOM   944  C CB  . SER A 1 108 ? 9.741   11.073  9.536   1.00 26.29 ? 114 SER B CB  1 
ATOM   945  O OG  . SER A 1 108 ? 8.595   11.678  9.000   1.00 35.35 ? 114 SER B OG  1 
ATOM   946  N N   . TYR A 1 109 ? 8.894   7.980   9.060   1.00 16.78 ? 115 TYR B N   1 
ATOM   947  C CA  . TYR A 1 109 ? 7.826   6.959   8.833   1.00 16.30 ? 115 TYR B CA  1 
ATOM   948  C C   . TYR A 1 109 ? 6.634   7.304   9.717   1.00 16.07 ? 115 TYR B C   1 
ATOM   949  O O   . TYR A 1 109 ? 6.812   7.653   10.887  1.00 15.90 ? 115 TYR B O   1 
ATOM   950  C CB  . TYR A 1 109 ? 8.345   5.563   9.119   1.00 14.86 ? 115 TYR B CB  1 
ATOM   951  C CG  . TYR A 1 109 ? 9.494   5.131   8.237   1.00 16.61 ? 115 TYR B CG  1 
ATOM   952  C CD1 . TYR A 1 109 ? 10.801  5.370   8.613   1.00 16.67 ? 115 TYR B CD1 1 
ATOM   953  C CD2 . TYR A 1 109 ? 9.290   4.408   7.075   1.00 15.63 ? 115 TYR B CD2 1 
ATOM   954  C CE1 . TYR A 1 109 ? 11.875  4.937   7.853   1.00 17.08 ? 115 TYR B CE1 1 
ATOM   955  C CE2 . TYR A 1 109 ? 10.356  3.989   6.293   1.00 16.34 ? 115 TYR B CE2 1 
ATOM   956  C CZ  . TYR A 1 109 ? 11.660  4.251   6.682   1.00 18.17 ? 115 TYR B CZ  1 
ATOM   957  O OH  . TYR A 1 109 ? 12.736  3.894   5.906   1.00 18.53 ? 115 TYR B OH  1 
ATOM   958  N N   A GLU A 1 110 ? 5.417   7.223   9.166   0.25 16.54 ? 116 GLU B N   1 
ATOM   959  N N   B GLU A 1 110 ? 5.423   7.242   9.146   0.25 15.90 ? 116 GLU B N   1 
ATOM   960  C CA  A GLU A 1 110 ? 4.184   7.583   9.920   0.25 17.51 ? 116 GLU B CA  1 
ATOM   961  C CA  B GLU A 1 110 ? 4.159   7.624   9.837   0.25 16.39 ? 116 GLU B CA  1 
ATOM   962  C C   A GLU A 1 110 ? 3.038   6.627   9.579   0.25 16.45 ? 116 GLU B C   1 
ATOM   963  C C   B GLU A 1 110 ? 3.097   6.538   9.605   0.25 15.75 ? 116 GLU B C   1 
ATOM   964  O O   A GLU A 1 110 ? 2.950   6.164   8.428   0.25 16.69 ? 116 GLU B O   1 
ATOM   965  O O   B GLU A 1 110 ? 3.147   5.861   8.562   0.25 15.40 ? 116 GLU B O   1 
ATOM   966  C CB  A GLU A 1 110 ? 3.765   9.028   9.656   0.25 19.10 ? 116 GLU B CB  1 
ATOM   967  C CB  B GLU A 1 110 ? 3.638   8.979   9.349   0.25 17.12 ? 116 GLU B CB  1 
ATOM   968  C CG  A GLU A 1 110 ? 4.760   10.033  10.214  0.25 21.24 ? 116 GLU B CG  1 
ATOM   969  C CG  B GLU A 1 110 ? 4.599   10.140  9.582   0.25 18.60 ? 116 GLU B CG  1 
ATOM   970  C CD  A GLU A 1 110 ? 4.416   11.483  9.939   0.25 23.45 ? 116 GLU B CD  1 
ATOM   971  C CD  B GLU A 1 110 ? 4.661   10.636  11.020  0.25 19.03 ? 116 GLU B CD  1 
ATOM   972  O OE1 A GLU A 1 110 ? 3.686   11.740  8.956   0.25 26.34 ? 116 GLU B OE1 1 
ATOM   973  O OE1 B GLU A 1 110 ? 3.604   10.755  11.668  0.25 21.37 ? 116 GLU B OE1 1 
ATOM   974  O OE2 A GLU A 1 110 ? 4.864   12.345  10.717  0.25 24.60 ? 116 GLU B OE2 1 
ATOM   975  O OE2 B GLU A 1 110 ? 5.769   10.909  11.481  0.25 22.90 ? 116 GLU B OE2 1 
ATOM   976  N N   . ALA A 1 111 ? 2.196   6.347   10.575  1.00 16.13 ? 117 ALA B N   1 
ATOM   977  C CA  . ALA A 1 111 ? 0.943   5.605   10.368  1.00 15.72 ? 117 ALA B CA  1 
ATOM   978  C C   . ALA A 1 111 ? -0.169  6.588   9.986   1.00 15.83 ? 117 ALA B C   1 
ATOM   979  O O   . ALA A 1 111 ? -0.322  7.678   10.595  1.00 16.56 ? 117 ALA B O   1 
ATOM   980  C CB  . ALA A 1 111 ? 0.572   4.787   11.587  1.00 16.13 ? 117 ALA B CB  1 
ATOM   981  N N   . GLY A 1 112 ? -0.955  6.204   8.979   1.00 16.16 ? 118 GLY B N   1 
ATOM   982  C CA  . GLY A 1 112 ? -2.101  6.958   8.431   1.00 16.33 ? 118 GLY B CA  1 
ATOM   983  C C   . GLY A 1 112 ? -3.307  6.985   9.365   1.00 18.37 ? 118 GLY B C   1 
ATOM   984  O O   . GLY A 1 112 ? -4.413  6.697   8.938   1.00 17.51 ? 118 GLY B O   1 
ATOM   985  N N   . THR A 1 113 ? -3.125  7.378   10.599  1.00 17.80 ? 119 THR B N   1 
ATOM   986  C CA  . THR A 1 113 ? -4.226  7.724   11.526  1.00 19.80 ? 119 THR B CA  1 
ATOM   987  C C   . THR A 1 113 ? -4.591  9.192   11.282  1.00 19.63 ? 119 THR B C   1 
ATOM   988  O O   . THR A 1 113 ? -3.844  9.885   10.566  1.00 22.59 ? 119 THR B O   1 
ATOM   989  C CB  . THR A 1 113 ? -3.785  7.412   12.956  1.00 17.61 ? 119 THR B CB  1 
ATOM   990  O OG1 . THR A 1 113 ? -2.553  8.105   13.199  1.00 18.54 ? 119 THR B OG1 1 
ATOM   991  C CG2 . THR A 1 113 ? -3.550  5.959   13.283  1.00 19.08 ? 119 THR B CG2 1 
ATOM   992  N N   . SER A 1 114 ? -5.642  9.688   11.937  1.00 23.06 ? 120 SER B N   1 
ATOM   993  C CA  . SER A 1 114 ? -6.046  11.106  11.825  1.00 26.15 ? 120 SER B CA  1 
ATOM   994  C C   . SER A 1 114 ? -6.092  11.729  13.216  1.00 27.41 ? 120 SER B C   1 
ATOM   995  O O   . SER A 1 114 ? -6.967  11.396  14.021  1.00 29.28 ? 120 SER B O   1 
ATOM   996  C CB  . SER A 1 114 ? -7.384  11.271  11.136  1.00 31.35 ? 120 SER B CB  1 
ATOM   997  O OG  . SER A 1 114 ? -7.559  12.652  10.823  1.00 37.54 ? 120 SER B OG  1 
ATOM   998  N N   . PRO A 1 115 ? -5.103  12.555  13.603  1.00 26.06 ? 121 PRO B N   1 
ATOM   999  C CA  . PRO A 1 115 ? -3.928  12.862  12.795  1.00 25.67 ? 121 PRO B CA  1 
ATOM   1000 C C   . PRO A 1 115 ? -2.876  11.743  12.803  1.00 21.58 ? 121 PRO B C   1 
ATOM   1001 O O   . PRO A 1 115 ? -2.991  10.769  13.574  1.00 19.92 ? 121 PRO B O   1 
ATOM   1002 C CB  . PRO A 1 115 ? -3.394  14.114  13.494  1.00 29.58 ? 121 PRO B CB  1 
ATOM   1003 C CG  . PRO A 1 115 ? -3.651  13.802  14.953  1.00 27.71 ? 121 PRO B CG  1 
ATOM   1004 C CD  . PRO A 1 115 ? -5.031  13.169  14.947  1.00 26.60 ? 121 PRO B CD  1 
ATOM   1005 N N   . GLN A 1 116 ? -1.913  11.848  11.913  1.00 22.18 ? 122 GLN B N   1 
ATOM   1006 C CA  . GLN A 1 116 ? -0.914  10.777  11.682  1.00 21.22 ? 122 GLN B CA  1 
ATOM   1007 C C   . GLN A 1 116 ? -0.094  10.512  12.951  1.00 20.16 ? 122 GLN B C   1 
ATOM   1008 O O   . GLN A 1 116 ? 0.066   11.413  13.770  1.00 19.51 ? 122 GLN B O   1 
ATOM   1009 C CB  . GLN A 1 116 ? 0.056   11.060  10.533  1.00 26.02 ? 122 GLN B CB  1 
ATOM   1010 C CG  . GLN A 1 116 ? 0.900   12.294  10.745  1.00 32.98 ? 122 GLN B CG  1 
ATOM   1011 C CD  . GLN A 1 116 ? 0.319   13.376  9.878   1.00 41.61 ? 122 GLN B CD  1 
ATOM   1012 O OE1 . GLN A 1 116 ? -0.643  14.066  10.245  1.00 47.86 ? 122 GLN B OE1 1 
ATOM   1013 N NE2 . GLN A 1 116 ? 0.813   13.405  8.660   1.00 41.44 ? 122 GLN B NE2 1 
ATOM   1014 N N   . THR A 1 117 ? 0.421   9.290   13.056  1.00 17.29 ? 123 THR B N   1 
ATOM   1015 C CA  . THR A 1 117 ? 1.193   8.830   14.213  1.00 16.01 ? 123 THR B CA  1 
ATOM   1016 C C   . THR A 1 117 ? 2.644   8.589   13.800  1.00 15.49 ? 123 THR B C   1 
ATOM   1017 O O   . THR A 1 117 ? 2.904   7.744   12.889  1.00 15.88 ? 123 THR B O   1 
ATOM   1018 C CB  . THR A 1 117 ? 0.524   7.572   14.792  1.00 15.78 ? 123 THR B CB  1 
ATOM   1019 O OG1 . THR A 1 117 ? -0.817  7.896   15.161  1.00 17.84 ? 123 THR B OG1 1 
ATOM   1020 C CG2 . THR A 1 117 ? 1.286   7.036   15.975  1.00 17.93 ? 123 THR B CG2 1 
ATOM   1021 N N   . THR A 1 118 ? 3.589   9.155   14.551  1.00 16.94 ? 124 THR B N   1 
ATOM   1022 C CA  . THR A 1 118 ? 5.038   8.881   14.414  1.00 18.35 ? 124 THR B CA  1 
ATOM   1023 C C   . THR A 1 118 ? 5.370   7.411   14.638  1.00 16.45 ? 124 THR B C   1 
ATOM   1024 O O   . THR A 1 118 ? 4.943   6.833   15.681  1.00 19.14 ? 124 THR B O   1 
ATOM   1025 C CB  . THR A 1 118 ? 5.807   9.743   15.431  1.00 20.09 ? 124 THR B CB  1 
ATOM   1026 O OG1 . THR A 1 118 ? 5.577   11.109  15.093  1.00 23.62 ? 124 THR B OG1 1 
ATOM   1027 C CG2 . THR A 1 118 ? 7.283   9.435   15.457  1.00 23.21 ? 124 THR B CG2 1 
ATOM   1028 N N   . LEU A 1 119 ? 6.147   6.790   13.740  1.00 14.62 ? 125 LEU B N   1 
ATOM   1029 C CA  . LEU A 1 119 ? 6.629   5.403   13.895  1.00 15.79 ? 125 LEU B CA  1 
ATOM   1030 C C   . LEU A 1 119 ? 8.085   5.492   14.359  1.00 18.28 ? 125 LEU B C   1 
ATOM   1031 O O   . LEU A 1 119 ? 8.777   6.490   14.053  1.00 21.19 ? 125 LEU B O   1 
ATOM   1032 C CB  . LEU A 1 119 ? 6.521   4.605   12.588  1.00 15.71 ? 125 LEU B CB  1 
ATOM   1033 C CG  . LEU A 1 119 ? 5.084   4.498   12.040  1.00 14.48 ? 125 LEU B CG  1 
ATOM   1034 C CD1 . LEU A 1 119 ? 5.073   3.873   10.645  1.00 14.54 ? 125 LEU B CD1 1 
ATOM   1035 C CD2 . LEU A 1 119 ? 4.178   3.705   12.975  1.00 15.88 ? 125 LEU B CD2 1 
ATOM   1036 N N   . HIS A 1 120 ? 8.511   4.491   15.087  1.00 17.37 ? 126 HIS B N   1 
ATOM   1037 C CA  . HIS A 1 120 ? 9.853   4.438   15.719  1.00 16.71 ? 126 HIS B CA  1 
ATOM   1038 C C   . HIS A 1 120 ? 10.613  3.314   15.029  1.00 18.45 ? 126 HIS B C   1 
ATOM   1039 O O   . HIS A 1 120 ? 10.496  2.163   15.449  1.00 23.56 ? 126 HIS B O   1 
ATOM   1040 C CB  . HIS A 1 120 ? 9.692   4.183   17.212  1.00 17.97 ? 126 HIS B CB  1 
ATOM   1041 C CG  . HIS A 1 120 ? 8.936   5.265   17.919  1.00 18.80 ? 126 HIS B CG  1 
ATOM   1042 N ND1 . HIS A 1 120 ? 7.596   5.152   18.237  1.00 21.87 ? 126 HIS B ND1 1 
ATOM   1043 C CD2 . HIS A 1 120 ? 9.314   6.494   18.316  1.00 20.45 ? 126 HIS B CD2 1 
ATOM   1044 C CE1 . HIS A 1 120 ? 7.197   6.266   18.818  1.00 22.09 ? 126 HIS B CE1 1 
ATOM   1045 N NE2 . HIS A 1 120 ? 8.241   7.097   18.919  1.00 19.98 ? 126 HIS B NE2 1 
ATOM   1046 N N   . ILE A 1 121 ? 11.350  3.612   13.987  1.00 20.62 ? 127 ILE B N   1 
ATOM   1047 C CA  . ILE A 1 121 ? 12.051  2.593   13.161  1.00 23.03 ? 127 ILE B CA  1 
ATOM   1048 C C   . ILE A 1 121 ? 13.575  2.841   13.260  1.00 23.73 ? 127 ILE B C   1 
ATOM   1049 O O   . ILE A 1 121 ? 14.026  3.884   12.840  1.00 29.12 ? 127 ILE B O   1 
ATOM   1050 C CB  . ILE A 1 121 ? 11.521  2.672   11.719  1.00 25.85 ? 127 ILE B CB  1 
ATOM   1051 C CG1 . ILE A 1 121 ? 10.040  2.252   11.676  1.00 25.67 ? 127 ILE B CG1 1 
ATOM   1052 C CG2 . ILE A 1 121 ? 12.408  1.832   10.810  1.00 29.65 ? 127 ILE B CG2 1 
ATOM   1053 C CD1 . ILE A 1 121 ? 9.449   2.072   10.285  1.00 28.14 ? 127 ILE B CD1 1 
ATOM   1054 N N   . GLN A 1 122 ? 14.322  1.900   13.814  1.00 28.68 ? 128 GLN B N   1 
ATOM   1055 C CA  . GLN A 1 122 ? 15.794  2.022   14.009  1.00 29.95 ? 128 GLN B CA  1 
ATOM   1056 C C   . GLN A 1 122 ? 16.505  1.531   12.734  1.00 26.98 ? 128 GLN B C   1 
ATOM   1057 O O   . GLN A 1 122 ? 17.541  2.122   12.378  1.00 25.51 ? 128 GLN B O   1 
ATOM   1058 C CB  . GLN A 1 122 ? 16.154  1.265   15.299  1.00 35.98 ? 128 GLN B CB  1 
ATOM   1059 C CG  . GLN A 1 122 ? 17.631  1.321   15.682  1.00 47.84 ? 128 GLN B CG  1 
ATOM   1060 C CD  . GLN A 1 122 ? 18.151  2.715   15.962  1.00 53.05 ? 128 GLN B CD  1 
ATOM   1061 O OE1 . GLN A 1 122 ? 17.398  3.676   16.116  1.00 57.87 ? 128 GLN B OE1 1 
ATOM   1062 N NE2 . GLN A 1 122 ? 19.468  2.846   15.994  1.00 57.65 ? 128 GLN B NE2 1 
ATOM   1063 N N   . VAL A 1 123 ? 15.931  0.561   12.026  1.00 23.69 ? 129 VAL B N   1 
ATOM   1064 C CA  . VAL A 1 123 ? 16.537  -0.051  10.800  1.00 22.44 ? 129 VAL B CA  1 
ATOM   1065 C C   . VAL A 1 123 ? 15.642  0.248   9.594   1.00 21.88 ? 129 VAL B C   1 
ATOM   1066 O O   . VAL A 1 123 ? 14.540  -0.300  9.512   1.00 21.47 ? 129 VAL B O   1 
ATOM   1067 C CB  . VAL A 1 123 ? 16.738  -1.561  10.999  1.00 24.26 ? 129 VAL B CB  1 
ATOM   1068 C CG1 . VAL A 1 123 ? 17.280  -2.247  9.756   1.00 25.08 ? 129 VAL B CG1 1 
ATOM   1069 C CG2 . VAL A 1 123 ? 17.636  -1.880  12.187  1.00 26.69 ? 129 VAL B CG2 1 
ATOM   1070 N N   . PRO A 1 124 ? 15.994  1.237   8.739   1.00 21.82 ? 130 PRO B N   1 
ATOM   1071 C CA  . PRO A 1 124 ? 15.155  1.581   7.587   1.00 21.38 ? 130 PRO B CA  1 
ATOM   1072 C C   . PRO A 1 124 ? 14.787  0.316   6.831   1.00 20.26 ? 130 PRO B C   1 
ATOM   1073 O O   . PRO A 1 124 ? 15.660  -0.408  6.414   1.00 19.97 ? 130 PRO B O   1 
ATOM   1074 C CB  . PRO A 1 124 ? 16.063  2.541   6.784   1.00 24.41 ? 130 PRO B CB  1 
ATOM   1075 C CG  . PRO A 1 124 ? 16.854  3.248   7.885   1.00 25.54 ? 130 PRO B CG  1 
ATOM   1076 C CD  . PRO A 1 124 ? 17.140  2.162   8.887   1.00 23.94 ? 130 PRO B CD  1 
ATOM   1077 N N   . PRO A 1 125 ? 13.495  -0.022  6.649   1.00 19.50 ? 131 PRO B N   1 
ATOM   1078 C CA  . PRO A 1 125 ? 13.134  -1.249  5.949   1.00 19.89 ? 131 PRO B CA  1 
ATOM   1079 C C   . PRO A 1 125 ? 13.375  -1.216  4.439   1.00 19.13 ? 131 PRO B C   1 
ATOM   1080 O O   . PRO A 1 125 ? 13.111  -0.192  3.834   1.00 19.48 ? 131 PRO B O   1 
ATOM   1081 C CB  . PRO A 1 125 ? 11.633  -1.434  6.230   1.00 19.99 ? 131 PRO B CB  1 
ATOM   1082 C CG  . PRO A 1 125 ? 11.154  -0.130  6.775   1.00 19.71 ? 131 PRO B CG  1 
ATOM   1083 C CD  . PRO A 1 125 ? 12.341  0.685   7.240   1.00 19.30 ? 131 PRO B CD  1 
ATOM   1084 N N   . CYS A 1 126 ? 13.912  -2.304  3.886   1.00 19.13 ? 132 CYS B N   1 
ATOM   1085 C CA  . CYS A 1 126 ? 13.939  -2.559  2.425   1.00 20.65 ? 132 CYS B CA  1 
ATOM   1086 C C   . CYS A 1 126 ? 12.713  -3.379  1.982   1.00 18.72 ? 132 CYS B C   1 
ATOM   1087 O O   . CYS A 1 126 ? 12.346  -3.326  0.804   1.00 17.05 ? 132 CYS B O   1 
ATOM   1088 C CB  . CYS A 1 126 ? 15.213  -3.279  2.033   1.00 22.25 ? 132 CYS B CB  1 
ATOM   1089 S SG  . CYS A 1 126 ? 16.640  -2.196  2.329   1.00 30.07 ? 132 CYS B SG  1 
ATOM   1090 N N   A GLN A 1 127 ? 12.109  -4.153  2.892   0.25 18.89 ? 133 GLN B N   1 
ATOM   1091 N N   B GLN A 1 127 ? 12.097  -4.115  2.914   0.25 19.39 ? 133 GLN B N   1 
ATOM   1092 C CA  A GLN A 1 127 ? 10.852  -4.898  2.599   0.25 19.44 ? 133 GLN B CA  1 
ATOM   1093 C CA  B GLN A 1 127 ? 10.881  -4.929  2.644   0.25 20.40 ? 133 GLN B CA  1 
ATOM   1094 C C   A GLN A 1 127 ? 9.902   -4.767  3.795   0.25 19.16 ? 133 GLN B C   1 
ATOM   1095 C C   B GLN A 1 127 ? 9.900   -4.767  3.814   0.25 19.67 ? 133 GLN B C   1 
ATOM   1096 O O   A GLN A 1 127 ? 10.380  -4.758  4.956   0.25 17.30 ? 133 GLN B O   1 
ATOM   1097 O O   B GLN A 1 127 ? 10.360  -4.730  4.980   0.25 17.68 ? 133 GLN B O   1 
ATOM   1098 C CB  A GLN A 1 127 ? 11.093  -6.377  2.285   0.25 20.86 ? 133 GLN B CB  1 
ATOM   1099 C CB  B GLN A 1 127 ? 11.227  -6.406  2.446   0.25 22.74 ? 133 GLN B CB  1 
ATOM   1100 C CG  A GLN A 1 127 ? 11.916  -6.628  1.032   0.25 22.41 ? 133 GLN B CG  1 
ATOM   1101 C CG  B GLN A 1 127 ? 11.847  -6.717  1.097   0.25 24.88 ? 133 GLN B CG  1 
ATOM   1102 C CD  A GLN A 1 127 ? 13.386  -6.724  1.348   0.25 22.94 ? 133 GLN B CD  1 
ATOM   1103 C CD  B GLN A 1 127 ? 12.043  -8.198  0.882   0.25 25.90 ? 133 GLN B CD  1 
ATOM   1104 O OE1 A GLN A 1 127 ? 13.775  -7.192  2.416   0.25 23.24 ? 133 GLN B OE1 1 
ATOM   1105 O OE1 B GLN A 1 127 ? 11.257  -9.036  1.337   0.25 28.50 ? 133 GLN B OE1 1 
ATOM   1106 N NE2 A GLN A 1 127 ? 14.212  -6.274  0.413   0.25 23.92 ? 133 GLN B NE2 1 
ATOM   1107 N NE2 B GLN A 1 127 ? 13.093  -8.528  0.155   0.25 27.59 ? 133 GLN B NE2 1 
ATOM   1108 N N   . ILE A 1 128 ? 8.607   -4.666  3.494   1.00 18.24 ? 134 ILE B N   1 
ATOM   1109 C CA  . ILE A 1 128 ? 7.518   -4.459  4.493   1.00 17.93 ? 134 ILE B CA  1 
ATOM   1110 C C   . ILE A 1 128 ? 6.592   -5.673  4.382   1.00 17.34 ? 134 ILE B C   1 
ATOM   1111 O O   . ILE A 1 128 ? 6.169   -6.040  3.250   1.00 16.38 ? 134 ILE B O   1 
ATOM   1112 C CB  . ILE A 1 128 ? 6.782   -3.143  4.218   1.00 18.09 ? 134 ILE B CB  1 
ATOM   1113 C CG1 . ILE A 1 128 ? 7.671   -1.894  4.287   1.00 19.45 ? 134 ILE B CG1 1 
ATOM   1114 C CG2 . ILE A 1 128 ? 5.570   -3.007  5.138   1.00 17.81 ? 134 ILE B CG2 1 
ATOM   1115 C CD1 . ILE A 1 128 ? 8.109   -1.542  5.649   1.00 18.36 ? 134 ILE B CD1 1 
ATOM   1116 N N   . GLY A 1 129 ? 6.248   -6.281  5.512   1.00 16.98 ? 135 GLY B N   1 
ATOM   1117 C CA  . GLY A 1 129 ? 5.186   -7.293  5.604   1.00 16.13 ? 135 GLY B CA  1 
ATOM   1118 C C   . GLY A 1 129 ? 3.892   -6.642  6.054   1.00 15.66 ? 135 GLY B C   1 
ATOM   1119 O O   . GLY A 1 129 ? 3.911   -5.825  6.974   1.00 15.26 ? 135 GLY B O   1 
ATOM   1120 N N   . ILE A 1 130 ? 2.788   -7.005  5.384   1.00 15.30 ? 136 ILE B N   1 
ATOM   1121 C CA  . ILE A 1 130 ? 1.434   -6.498  5.699   1.00 14.70 ? 136 ILE B CA  1 
ATOM   1122 C C   . ILE A 1 130 ? 0.562   -7.703  6.052   1.00 15.13 ? 136 ILE B C   1 
ATOM   1123 O O   . ILE A 1 130 ? 0.485   -8.644  5.253   1.00 15.81 ? 136 ILE B O   1 
ATOM   1124 C CB  . ILE A 1 130 ? 0.861   -5.720  4.504   1.00 16.51 ? 136 ILE B CB  1 
ATOM   1125 C CG1 . ILE A 1 130 ? 1.801   -4.574  4.167   1.00 18.52 ? 136 ILE B CG1 1 
ATOM   1126 C CG2 . ILE A 1 130 ? -0.586  -5.278  4.759   1.00 17.31 ? 136 ILE B CG2 1 
ATOM   1127 C CD1 . ILE A 1 130 ? 1.419   -3.760  2.962   1.00 20.86 ? 136 ILE B CD1 1 
ATOM   1128 N N   . PHE A 1 131 ? -0.016  -7.687  7.241   1.00 15.33 ? 137 PHE B N   1 
ATOM   1129 C CA  . PHE A 1 131 ? -0.916  -8.755  7.758   1.00 14.86 ? 137 PHE B CA  1 
ATOM   1130 C C   . PHE A 1 131 ? -2.307  -8.166  7.960   1.00 14.39 ? 137 PHE B C   1 
ATOM   1131 O O   . PHE A 1 131 ? -2.446  -7.132  8.637   1.00 14.59 ? 137 PHE B O   1 
ATOM   1132 C CB  . PHE A 1 131 ? -0.399  -9.304  9.085   1.00 16.38 ? 137 PHE B CB  1 
ATOM   1133 C CG  . PHE A 1 131 ? -1.288  -10.341 9.723   1.00 16.80 ? 137 PHE B CG  1 
ATOM   1134 C CD1 . PHE A 1 131 ? -1.478  -11.573 9.111   1.00 19.15 ? 137 PHE B CD1 1 
ATOM   1135 C CD2 . PHE A 1 131 ? -1.991  -10.053 10.886  1.00 19.07 ? 137 PHE B CD2 1 
ATOM   1136 C CE1 . PHE A 1 131 ? -2.273  -12.534 9.723   1.00 21.74 ? 137 PHE B CE1 1 
ATOM   1137 C CE2 . PHE A 1 131 ? -2.825  -11.004 11.462  1.00 20.20 ? 137 PHE B CE2 1 
ATOM   1138 C CZ  . PHE A 1 131 ? -2.972  -12.227 10.874  1.00 19.74 ? 137 PHE B CZ  1 
ATOM   1139 N N   . VAL A 1 132 ? -3.344  -8.820  7.420   1.00 14.70 ? 138 VAL B N   1 
ATOM   1140 C CA  . VAL A 1 132 ? -4.764  -8.437  7.668   1.00 15.04 ? 138 VAL B CA  1 
ATOM   1141 C C   . VAL A 1 132 ? -5.513  -9.630  8.276   1.00 14.80 ? 138 VAL B C   1 
ATOM   1142 O O   . VAL A 1 132 ? -5.491  -10.721 7.715   1.00 16.20 ? 138 VAL B O   1 
ATOM   1143 C CB  . VAL A 1 132 ? -5.460  -7.979  6.375   1.00 15.57 ? 138 VAL B CB  1 
ATOM   1144 C CG1 . VAL A 1 132 ? -6.907  -7.550  6.646   1.00 16.58 ? 138 VAL B CG1 1 
ATOM   1145 C CG2 . VAL A 1 132 ? -4.675  -6.835  5.752   1.00 16.95 ? 138 VAL B CG2 1 
ATOM   1146 N N   . ASP A 1 133 ? -6.162  -9.377  9.399   1.00 15.05 ? 139 ASP B N   1 
ATOM   1147 C CA  . ASP A 1 133 ? -7.134  -10.327 10.010  1.00 16.27 ? 139 ASP B CA  1 
ATOM   1148 C C   . ASP A 1 133 ? -8.515  -9.682  9.910   1.00 14.40 ? 139 ASP B C   1 
ATOM   1149 O O   . ASP A 1 133 ? -8.828  -8.740  10.660  1.00 15.41 ? 139 ASP B O   1 
ATOM   1150 C CB  . ASP A 1 133 ? -6.714  -10.703 11.414  1.00 16.39 ? 139 ASP B CB  1 
ATOM   1151 C CG  . ASP A 1 133 ? -7.610  -11.775 12.029  1.00 19.75 ? 139 ASP B CG  1 
ATOM   1152 O OD1 . ASP A 1 133 ? -8.798  -11.916 11.596  1.00 19.08 ? 139 ASP B OD1 1 
ATOM   1153 O OD2 . ASP A 1 133 ? -7.134  -12.387 13.012  1.00 22.52 ? 139 ASP B OD2 1 
ATOM   1154 N N   . TYR A 1 134 ? -9.301  -10.094 8.910   1.00 14.94 ? 140 TYR B N   1 
ATOM   1155 C CA  . TYR A 1 134 ? -10.590 -9.444  8.625   1.00 15.84 ? 140 TYR B CA  1 
ATOM   1156 C C   . TYR A 1 134 ? -11.522 -9.505  9.855   1.00 16.18 ? 140 TYR B C   1 
ATOM   1157 O O   . TYR A 1 134 ? -12.042 -8.493  10.342  1.00 18.39 ? 140 TYR B O   1 
ATOM   1158 C CB  . TYR A 1 134 ? -11.244 -10.050 7.379   1.00 16.35 ? 140 TYR B CB  1 
ATOM   1159 C CG  . TYR A 1 134 ? -12.280 -9.105  6.823   1.00 15.63 ? 140 TYR B CG  1 
ATOM   1160 C CD1 . TYR A 1 134 ? -13.485 -8.962  7.467   1.00 16.02 ? 140 TYR B CD1 1 
ATOM   1161 C CD2 . TYR A 1 134 ? -12.024 -8.253  5.748   1.00 16.23 ? 140 TYR B CD2 1 
ATOM   1162 C CE1 . TYR A 1 134 ? -14.439 -8.049  7.062   1.00 16.98 ? 140 TYR B CE1 1 
ATOM   1163 C CE2 . TYR A 1 134 ? -12.966 -7.324  5.334   1.00 15.42 ? 140 TYR B CE2 1 
ATOM   1164 C CZ  . TYR A 1 134 ? -14.196 -7.233  5.972   1.00 16.29 ? 140 TYR B CZ  1 
ATOM   1165 O OH  . TYR A 1 134 ? -15.152 -6.326  5.598   1.00 16.46 ? 140 TYR B OH  1 
ATOM   1166 N N   . GLU A 1 135 ? -11.700 -10.702 10.399  1.00 18.07 ? 141 GLU B N   1 
ATOM   1167 C CA  . GLU A 1 135 ? -12.673 -10.917 11.488  1.00 19.81 ? 141 GLU B CA  1 
ATOM   1168 C C   . GLU A 1 135 ? -12.218 -10.139 12.709  1.00 17.52 ? 141 GLU B C   1 
ATOM   1169 O O   . GLU A 1 135 ? -13.070 -9.480  13.343  1.00 19.33 ? 141 GLU B O   1 
ATOM   1170 C CB  . GLU A 1 135 ? -12.876 -12.404 11.781  1.00 21.42 ? 141 GLU B CB  1 
ATOM   1171 C CG  . GLU A 1 135 ? -13.901 -13.045 10.828  1.00 27.93 ? 141 GLU B CG  1 
ATOM   1172 C CD  . GLU A 1 135 ? -13.394 -13.152 9.414   1.00 30.09 ? 141 GLU B CD  1 
ATOM   1173 O OE1 . GLU A 1 135 ? -14.197 -13.142 8.504   1.00 32.00 ? 141 GLU B OE1 1 
ATOM   1174 O OE2 . GLU A 1 135 ? -12.160 -13.215 9.227   1.00 32.52 ? 141 GLU B OE2 1 
ATOM   1175 N N   . ALA A 1 136 ? -10.937 -10.181 13.069  1.00 18.05 ? 142 ALA B N   1 
ATOM   1176 C CA  . ALA A 1 136 ? -10.449 -9.484  14.267  1.00 19.13 ? 142 ALA B CA  1 
ATOM   1177 C C   . ALA A 1 136 ? -10.415 -7.953  14.090  1.00 19.27 ? 142 ALA B C   1 
ATOM   1178 O O   . ALA A 1 136 ? -10.365 -7.237  15.096  1.00 19.91 ? 142 ALA B O   1 
ATOM   1179 C CB  . ALA A 1 136 ? -9.080  -9.992  14.630  1.00 20.31 ? 142 ALA B CB  1 
ATOM   1180 N N   . GLY A 1 137 ? -10.469 -7.434  12.875  1.00 16.10 ? 143 GLY B N   1 
ATOM   1181 C CA  . GLY A 1 137 ? -10.346 -6.006  12.600  1.00 14.70 ? 143 GLY B CA  1 
ATOM   1182 C C   . GLY A 1 137 ? -8.929  -5.506  12.857  1.00 14.55 ? 143 GLY B C   1 
ATOM   1183 O O   . GLY A 1 137 ? -8.800  -4.502  13.605  1.00 14.88 ? 143 GLY B O   1 
ATOM   1184 N N   . VAL A 1 138 ? -7.943  -6.153  12.276  1.00 15.49 ? 144 VAL B N   1 
ATOM   1185 C CA  . VAL A 1 138 ? -6.497  -5.866  12.540  1.00 15.99 ? 144 VAL B CA  1 
ATOM   1186 C C   . VAL A 1 138 ? -5.763  -5.701  11.212  1.00 14.82 ? 144 VAL B C   1 
ATOM   1187 O O   . VAL A 1 138 ? -5.916  -6.587  10.324  1.00 16.72 ? 144 VAL B O   1 
ATOM   1188 C CB  . VAL A 1 138 ? -5.860  -6.997  13.364  1.00 17.21 ? 144 VAL B CB  1 
ATOM   1189 C CG1 . VAL A 1 138 ? -4.322  -6.859  13.461  1.00 18.76 ? 144 VAL B CG1 1 
ATOM   1190 C CG2 . VAL A 1 138 ? -6.501  -7.008  14.750  1.00 17.73 ? 144 VAL B CG2 1 
ATOM   1191 N N   . VAL A 1 139 ? -4.949  -4.644  11.115  1.00 14.81 ? 145 VAL B N   1 
ATOM   1192 C CA  . VAL A 1 139 ? -3.923  -4.512  10.051  1.00 13.61 ? 145 VAL B CA  1 
ATOM   1193 C C   . VAL A 1 139 ? -2.562  -4.238  10.715  1.00 12.93 ? 145 VAL B C   1 
ATOM   1194 O O   . VAL A 1 139 ? -2.467  -3.227  11.446  1.00 14.96 ? 145 VAL B O   1 
ATOM   1195 C CB  . VAL A 1 139 ? -4.273  -3.366  9.083   1.00 13.96 ? 145 VAL B CB  1 
ATOM   1196 C CG1 . VAL A 1 139 ? -3.277  -3.380  7.928   1.00 13.95 ? 145 VAL B CG1 1 
ATOM   1197 C CG2 . VAL A 1 139 ? -5.725  -3.489  8.597   1.00 13.76 ? 145 VAL B CG2 1 
ATOM   1198 N N   . SER A 1 140 ? -1.588  -5.096  10.464  1.00 13.75 ? 146 SER B N   1 
ATOM   1199 C CA  . SER A 1 140 ? -0.255  -4.978  11.088  1.00 14.73 ? 146 SER B CA  1 
ATOM   1200 C C   . SER A 1 140 ? 0.831   -4.912  10.017  1.00 14.81 ? 146 SER B C   1 
ATOM   1201 O O   . SER A 1 140 ? 0.743   -5.572  8.977   1.00 15.72 ? 146 SER B O   1 
ATOM   1202 C CB  . SER A 1 140 ? -0.027  -6.149  12.058  1.00 14.49 ? 146 SER B CB  1 
ATOM   1203 O OG  . SER A 1 140 ? -0.891  -6.057  13.196  1.00 16.30 ? 146 SER B OG  1 
ATOM   1204 N N   . PHE A 1 141 ? 1.885   -4.178  10.337  1.00 14.27 ? 147 PHE B N   1 
ATOM   1205 C CA  . PHE A 1 141 ? 3.015   -3.930  9.445   1.00 13.41 ? 147 PHE B CA  1 
ATOM   1206 C C   . PHE A 1 141 ? 4.266   -4.411  10.152  1.00 13.60 ? 147 PHE B C   1 
ATOM   1207 O O   . PHE A 1 141 ? 4.445   -4.035  11.325  1.00 15.05 ? 147 PHE B O   1 
ATOM   1208 C CB  . PHE A 1 141 ? 3.092   -2.432  9.070   1.00 14.00 ? 147 PHE B CB  1 
ATOM   1209 C CG  . PHE A 1 141 ? 1.887   -1.923  8.320   1.00 13.88 ? 147 PHE B CG  1 
ATOM   1210 C CD1 . PHE A 1 141 ? 0.744   -1.501  8.999   1.00 13.71 ? 147 PHE B CD1 1 
ATOM   1211 C CD2 . PHE A 1 141 ? 1.919   -1.817  6.938   1.00 14.13 ? 147 PHE B CD2 1 
ATOM   1212 C CE1 . PHE A 1 141 ? -0.377  -1.080  8.295   1.00 13.32 ? 147 PHE B CE1 1 
ATOM   1213 C CE2 . PHE A 1 141 ? 0.803   -1.370  6.237   1.00 13.20 ? 147 PHE B CE2 1 
ATOM   1214 C CZ  . PHE A 1 141 ? -0.326  -0.960  6.920   1.00 13.16 ? 147 PHE B CZ  1 
ATOM   1215 N N   . TYR A 1 142 ? 5.122   -5.088  9.401   1.00 14.85 ? 148 TYR B N   1 
ATOM   1216 C CA  . TYR A 1 142 ? 6.374   -5.713  9.909   1.00 16.99 ? 148 TYR B CA  1 
ATOM   1217 C C   . TYR A 1 142 ? 7.582   -5.262  9.075   1.00 18.01 ? 148 TYR B C   1 
ATOM   1218 O O   . TYR A 1 142 ? 7.531   -5.081  7.874   1.00 17.87 ? 148 TYR B O   1 
ATOM   1219 C CB  . TYR A 1 142 ? 6.241   -7.236  9.968   1.00 17.44 ? 148 TYR B CB  1 
ATOM   1220 C CG  . TYR A 1 142 ? 5.131   -7.669  10.887  1.00 18.11 ? 148 TYR B CG  1 
ATOM   1221 C CD1 . TYR A 1 142 ? 5.328   -7.775  12.256  1.00 18.84 ? 148 TYR B CD1 1 
ATOM   1222 C CD2 . TYR A 1 142 ? 3.854   -7.876  10.407  1.00 17.38 ? 148 TYR B CD2 1 
ATOM   1223 C CE1 . TYR A 1 142 ? 4.295   -8.130  13.105  1.00 19.43 ? 148 TYR B CE1 1 
ATOM   1224 C CE2 . TYR A 1 142 ? 2.819   -8.252  11.240  1.00 19.53 ? 148 TYR B CE2 1 
ATOM   1225 C CZ  . TYR A 1 142 ? 3.030   -8.395  12.595  1.00 19.73 ? 148 TYR B CZ  1 
ATOM   1226 O OH  . TYR A 1 142 ? 1.978   -8.735  13.414  1.00 20.46 ? 148 TYR B OH  1 
ATOM   1227 N N   . ASN A 1 143 ? 8.710   -5.061  9.765   1.00 18.33 ? 149 ASN B N   1 
ATOM   1228 C CA  . ASN A 1 143 ? 10.020  -4.691  9.156   1.00 17.94 ? 149 ASN B CA  1 
ATOM   1229 C C   . ASN A 1 143 ? 10.789  -5.974  8.803   1.00 19.77 ? 149 ASN B C   1 
ATOM   1230 O O   . ASN A 1 143 ? 11.441  -6.576  9.682   1.00 19.63 ? 149 ASN B O   1 
ATOM   1231 C CB  . ASN A 1 143 ? 10.773  -3.788  10.135  1.00 18.66 ? 149 ASN B CB  1 
ATOM   1232 C CG  . ASN A 1 143 ? 12.067  -3.259  9.550   1.00 18.24 ? 149 ASN B CG  1 
ATOM   1233 O OD1 . ASN A 1 143 ? 12.582  -3.827  8.575   1.00 18.37 ? 149 ASN B OD1 1 
ATOM   1234 N ND2 . ASN A 1 143 ? 12.569  -2.206  10.136  1.00 17.98 ? 149 ASN B ND2 1 
ATOM   1235 N N   . ILE A 1 144 ? 10.709  -6.451  7.573   1.00 18.27 ? 150 ILE B N   1 
ATOM   1236 C CA  . ILE A 1 144 ? 11.359  -7.726  7.167   1.00 19.18 ? 150 ILE B CA  1 
ATOM   1237 C C   . ILE A 1 144 ? 12.892  -7.589  7.319   1.00 21.24 ? 150 ILE B C   1 
ATOM   1238 O O   . ILE A 1 144 ? 13.533  -8.599  7.648   1.00 22.59 ? 150 ILE B O   1 
ATOM   1239 C CB  . ILE A 1 144 ? 10.938  -8.110  5.744   1.00 21.25 ? 150 ILE B CB  1 
ATOM   1240 C CG1 . ILE A 1 144 ? 9.416   -8.187  5.553   1.00 20.24 ? 150 ILE B CG1 1 
ATOM   1241 C CG2 . ILE A 1 144 ? 11.616  -9.400  5.296   1.00 22.74 ? 150 ILE B CG2 1 
ATOM   1242 C CD1 . ILE A 1 144 ? 8.681   -8.906  6.658   1.00 25.37 ? 150 ILE B CD1 1 
ATOM   1243 N N   . THR A 1 145 ? 13.445  -6.410  7.066   1.00 20.16 ? 151 THR B N   1 
ATOM   1244 C CA  . THR A 1 145 ? 14.921  -6.139  7.122   1.00 21.35 ? 151 THR B CA  1 
ATOM   1245 C C   . THR A 1 145 ? 15.424  -6.315  8.554   1.00 23.31 ? 151 THR B C   1 
ATOM   1246 O O   . THR A 1 145 ? 16.574  -6.756  8.734   1.00 26.60 ? 151 THR B O   1 
ATOM   1247 C CB  . THR A 1 145 ? 15.225  -4.716  6.622   1.00 21.31 ? 151 THR B CB  1 
ATOM   1248 O OG1 . THR A 1 145 ? 14.637  -4.591  5.327   1.00 21.00 ? 151 THR B OG1 1 
ATOM   1249 C CG2 . THR A 1 145 ? 16.702  -4.425  6.535   1.00 24.21 ? 151 THR B CG2 1 
ATOM   1250 N N   . ASP A 1 146 ? 14.594  -5.981  9.537   1.00 23.59 ? 152 ASP B N   1 
ATOM   1251 C CA  . ASP A 1 146 ? 14.906  -6.103  10.987  1.00 24.28 ? 152 ASP B CA  1 
ATOM   1252 C C   . ASP A 1 146 ? 14.223  -7.335  11.606  1.00 24.66 ? 152 ASP B C   1 
ATOM   1253 O O   . ASP A 1 146 ? 13.538  -7.183  12.616  1.00 24.64 ? 152 ASP B O   1 
ATOM   1254 C CB  . ASP A 1 146 ? 14.555  -4.800  11.672  1.00 23.89 ? 152 ASP B CB  1 
ATOM   1255 C CG  . ASP A 1 146 ? 14.947  -4.776  13.131  1.00 29.96 ? 152 ASP B CG  1 
ATOM   1256 O OD1 . ASP A 1 146 ? 16.071  -5.255  13.435  1.00 27.13 ? 152 ASP B OD1 1 
ATOM   1257 O OD2 . ASP A 1 146 ? 14.113  -4.284  13.947  1.00 27.26 ? 152 ASP B OD2 1 
ATOM   1258 N N   . HIS A 1 147 ? 14.436  -8.518  11.038  1.00 26.11 ? 153 HIS B N   1 
ATOM   1259 C CA  . HIS A 1 147 ? 13.963  -9.815  11.594  1.00 29.49 ? 153 HIS B CA  1 
ATOM   1260 C C   . HIS A 1 147 ? 12.446  -9.765  11.851  1.00 29.22 ? 153 HIS B C   1 
ATOM   1261 O O   . HIS A 1 147 ? 11.991  -10.404 12.796  1.00 27.62 ? 153 HIS B O   1 
ATOM   1262 C CB  . HIS A 1 147 ? 14.678  -10.145 12.913  1.00 35.19 ? 153 HIS B CB  1 
ATOM   1263 C CG  . HIS A 1 147 ? 16.172  -10.055 12.891  1.00 41.57 ? 153 HIS B CG  1 
ATOM   1264 N ND1 . HIS A 1 147 ? 16.958  -10.926 12.156  1.00 52.24 ? 153 HIS B ND1 1 
ATOM   1265 C CD2 . HIS A 1 147 ? 17.020  -9.239  13.556  1.00 48.91 ? 153 HIS B CD2 1 
ATOM   1266 C CE1 . HIS A 1 147 ? 18.233  -10.622 12.336  1.00 54.68 ? 153 HIS B CE1 1 
ATOM   1267 N NE2 . HIS A 1 147 ? 18.298  -9.589  13.197  1.00 51.38 ? 153 HIS B NE2 1 
ATOM   1268 N N   . GLY A 1 148 ? 11.677  -9.007  11.070  1.00 23.64 ? 154 GLY B N   1 
ATOM   1269 C CA  . GLY A 1 148 ? 10.206  -9.080  11.163  1.00 20.88 ? 154 GLY B CA  1 
ATOM   1270 C C   . GLY A 1 148 ? 9.635   -8.275  12.312  1.00 18.79 ? 154 GLY B C   1 
ATOM   1271 O O   . GLY A 1 148 ? 8.538   -8.619  12.745  1.00 20.56 ? 154 GLY B O   1 
ATOM   1272 N N   . SER A 1 149 ? 10.381  -7.320  12.869  1.00 18.81 ? 155 SER B N   1 
ATOM   1273 C CA  . SER A 1 149 ? 9.963   -6.520  14.041  1.00 18.77 ? 155 SER B CA  1 
ATOM   1274 C C   . SER A 1 149 ? 8.665   -5.761  13.727  1.00 18.55 ? 155 SER B C   1 
ATOM   1275 O O   . SER A 1 149 ? 8.486   -5.281  12.586  1.00 19.19 ? 155 SER B O   1 
ATOM   1276 C CB  . SER A 1 149 ? 11.059  -5.598  14.514  1.00 19.81 ? 155 SER B CB  1 
ATOM   1277 O OG  . SER A 1 149 ? 11.512  -4.676  13.512  1.00 20.23 ? 155 SER B OG  1 
ATOM   1278 N N   . LEU A 1 150 ? 7.783   -5.620  14.707  1.00 17.68 ? 156 LEU B N   1 
ATOM   1279 C CA  . LEU A 1 150 ? 6.523   -4.852  14.491  1.00 16.71 ? 156 LEU B CA  1 
ATOM   1280 C C   . LEU A 1 150 ? 6.789   -3.372  14.233  1.00 16.51 ? 156 LEU B C   1 
ATOM   1281 O O   . LEU A 1 150 ? 7.513   -2.696  15.018  1.00 16.56 ? 156 LEU B O   1 
ATOM   1282 C CB  . LEU A 1 150 ? 5.615   -4.998  15.716  1.00 16.64 ? 156 LEU B CB  1 
ATOM   1283 C CG  . LEU A 1 150 ? 4.257   -4.292  15.678  1.00 17.15 ? 156 LEU B CG  1 
ATOM   1284 C CD1 . LEU A 1 150 ? 3.308   -4.893  14.652  1.00 16.68 ? 156 LEU B CD1 1 
ATOM   1285 C CD2 . LEU A 1 150 ? 3.567   -4.377  17.059  1.00 18.82 ? 156 LEU B CD2 1 
ATOM   1286 N N   . ILE A 1 151 ? 6.165   -2.841  13.194  1.00 13.91 ? 157 ILE B N   1 
ATOM   1287 C CA  . ILE A 1 151 ? 6.145   -1.392  12.929  1.00 15.68 ? 157 ILE B CA  1 
ATOM   1288 C C   . ILE A 1 151 ? 4.891   -0.774  13.553  1.00 16.11 ? 157 ILE B C   1 
ATOM   1289 O O   . ILE A 1 151 ? 4.977   0.283   14.204  1.00 14.86 ? 157 ILE B O   1 
ATOM   1290 C CB  . ILE A 1 151 ? 6.236   -1.137  11.412  1.00 16.29 ? 157 ILE B CB  1 
ATOM   1291 C CG1 . ILE A 1 151 ? 7.565   -1.642  10.854  1.00 16.32 ? 157 ILE B CG1 1 
ATOM   1292 C CG2 . ILE A 1 151 ? 5.989   0.339   11.081  1.00 17.22 ? 157 ILE B CG2 1 
ATOM   1293 C CD1 . ILE A 1 151 ? 7.642   -1.704  9.344   1.00 18.52 ? 157 ILE B CD1 1 
ATOM   1294 N N   . TYR A 1 152 ? 3.711   -1.313  13.236  1.00 14.64 ? 158 TYR B N   1 
ATOM   1295 C CA  . TYR A 1 152 ? 2.447   -0.648  13.638  1.00 13.50 ? 158 TYR B CA  1 
ATOM   1296 C C   . TYR A 1 152 ? 1.300   -1.652  13.523  1.00 13.58 ? 158 TYR B C   1 
ATOM   1297 O O   . TYR A 1 152 ? 1.277   -2.427  12.553  1.00 13.82 ? 158 TYR B O   1 
ATOM   1298 C CB  . TYR A 1 152 ? 2.113   0.578   12.760  1.00 14.02 ? 158 TYR B CB  1 
ATOM   1299 C CG  . TYR A 1 152 ? 1.004   1.426   13.335  1.00 13.25 ? 158 TYR B CG  1 
ATOM   1300 C CD1 . TYR A 1 152 ? 1.249   2.355   14.336  1.00 14.43 ? 158 TYR B CD1 1 
ATOM   1301 C CD2 . TYR A 1 152 ? -0.304  1.269   12.929  1.00 12.32 ? 158 TYR B CD2 1 
ATOM   1302 C CE1 . TYR A 1 152 ? 0.213   3.072   14.924  1.00 13.57 ? 158 TYR B CE1 1 
ATOM   1303 C CE2 . TYR A 1 152 ? -1.338  2.020   13.473  1.00 13.31 ? 158 TYR B CE2 1 
ATOM   1304 C CZ  . TYR A 1 152 ? -1.088  2.897   14.498  1.00 13.84 ? 158 TYR B CZ  1 
ATOM   1305 O OH  . TYR A 1 152 ? -2.089  3.604   15.101  1.00 16.45 ? 158 TYR B OH  1 
ATOM   1306 N N   . THR A 1 153 ? 0.366   -1.560  14.470  1.00 13.66 ? 159 THR B N   1 
ATOM   1307 C CA  . THR A 1 153 ? -0.910  -2.315  14.450  1.00 14.06 ? 159 THR B CA  1 
ATOM   1308 C C   . THR A 1 153 ? -2.087  -1.349  14.541  1.00 15.26 ? 159 THR B C   1 
ATOM   1309 O O   . THR A 1 153 ? -2.252  -0.646  15.545  1.00 15.50 ? 159 THR B O   1 
ATOM   1310 C CB  . THR A 1 153 ? -0.964  -3.394  15.553  1.00 14.59 ? 159 THR B CB  1 
ATOM   1311 O OG1 . THR A 1 153 ? -0.071  -4.453  15.246  1.00 15.05 ? 159 THR B OG1 1 
ATOM   1312 C CG2 . THR A 1 153 ? -2.374  -3.953  15.688  1.00 15.74 ? 159 THR B CG2 1 
ATOM   1313 N N   . PHE A 1 154 ? -2.940  -1.343  13.502  1.00 14.20 ? 160 PHE B N   1 
ATOM   1314 C CA  . PHE A 1 154 ? -4.308  -0.774  13.564  1.00 13.94 ? 160 PHE B CA  1 
ATOM   1315 C C   . PHE A 1 154 ? -5.196  -1.873  14.147  1.00 14.31 ? 160 PHE B C   1 
ATOM   1316 O O   . PHE A 1 154 ? -5.299  -2.960  13.575  1.00 13.66 ? 160 PHE B O   1 
ATOM   1317 C CB  . PHE A 1 154 ? -4.852  -0.416  12.187  1.00 14.42 ? 160 PHE B CB  1 
ATOM   1318 C CG  . PHE A 1 154 ? -4.203  0.739   11.482  1.00 12.67 ? 160 PHE B CG  1 
ATOM   1319 C CD1 . PHE A 1 154 ? -3.102  0.507   10.664  1.00 12.59 ? 160 PHE B CD1 1 
ATOM   1320 C CD2 . PHE A 1 154 ? -4.751  2.016   11.512  1.00 13.55 ? 160 PHE B CD2 1 
ATOM   1321 C CE1 . PHE A 1 154 ? -2.543  1.562   9.959   1.00 12.38 ? 160 PHE B CE1 1 
ATOM   1322 C CE2 . PHE A 1 154 ? -4.203  3.056   10.769  1.00 12.73 ? 160 PHE B CE2 1 
ATOM   1323 C CZ  . PHE A 1 154 ? -3.080  2.815   10.003  1.00 12.72 ? 160 PHE B CZ  1 
ATOM   1324 N N   . SER A 1 155 ? -5.860  -1.569  15.237  1.00 14.91 ? 161 SER B N   1 
ATOM   1325 C CA  . SER A 1 155 ? -6.812  -2.513  15.832  1.00 16.59 ? 161 SER B CA  1 
ATOM   1326 C C   . SER A 1 155 ? -8.187  -1.835  15.956  1.00 16.72 ? 161 SER B C   1 
ATOM   1327 O O   . SER A 1 155 ? -8.308  -0.637  15.715  1.00 17.30 ? 161 SER B O   1 
ATOM   1328 C CB  . SER A 1 155 ? -6.238  -2.991  17.159  1.00 19.10 ? 161 SER B CB  1 
ATOM   1329 O OG  . SER A 1 155 ? -6.391  -1.997  18.144  1.00 20.89 ? 161 SER B OG  1 
ATOM   1330 N N   . GLU A 1 156 ? -9.223  -2.637  16.199  1.00 18.62 ? 162 GLU B N   1 
ATOM   1331 C CA  . GLU A 1 156 ? -10.639 -2.168  16.199  1.00 20.80 ? 162 GLU B CA  1 
ATOM   1332 C C   . GLU A 1 156 ? -10.969 -1.513  14.843  1.00 19.60 ? 162 GLU B C   1 
ATOM   1333 O O   . GLU A 1 156 ? -11.702 -0.500  14.826  1.00 19.79 ? 162 GLU B O   1 
ATOM   1334 C CB  . GLU A 1 156 ? -10.904 -1.127  17.284  1.00 24.42 ? 162 GLU B CB  1 
ATOM   1335 C CG  . GLU A 1 156 ? -10.243 -1.411  18.614  1.00 31.09 ? 162 GLU B CG  1 
ATOM   1336 C CD  . GLU A 1 156 ? -10.738 -0.474  19.708  1.00 41.82 ? 162 GLU B CD  1 
ATOM   1337 O OE1 . GLU A 1 156 ? -10.338 0.723   19.711  1.00 42.20 ? 162 GLU B OE1 1 
ATOM   1338 O OE2 . GLU A 1 156 ? -11.577 -0.921  20.514  1.00 49.78 ? 162 GLU B OE2 1 
ATOM   1339 N N   . CYS A 1 157 ? -10.414 -2.032  13.747  1.00 18.35 ? 163 CYS B N   1 
ATOM   1340 C CA  . CYS A 1 157 ? -10.693 -1.481  12.405  1.00 16.66 ? 163 CYS B CA  1 
ATOM   1341 C C   . CYS A 1 157 ? -12.164 -1.731  12.048  1.00 16.85 ? 163 CYS B C   1 
ATOM   1342 O O   . CYS A 1 157 ? -12.674 -2.868  12.295  1.00 18.44 ? 163 CYS B O   1 
ATOM   1343 C CB  . CYS A 1 157 ? -9.832  -2.122  11.328  1.00 15.98 ? 163 CYS B CB  1 
ATOM   1344 S SG  . CYS A 1 157 ? -8.053  -1.841  11.583  1.00 17.00 ? 163 CYS B SG  1 
ATOM   1345 N N   . VAL A 1 158 ? -12.783 -0.747  11.421  1.00 16.49 ? 164 VAL B N   1 
ATOM   1346 C CA  . VAL A 1 158 ? -14.167 -0.897  10.892  1.00 17.36 ? 164 VAL B CA  1 
ATOM   1347 C C   . VAL A 1 158 ? -14.085 -0.921  9.358   1.00 16.01 ? 164 VAL B C   1 
ATOM   1348 O O   . VAL A 1 158 ? -14.179 0.129   8.706   1.00 18.21 ? 164 VAL B O   1 
ATOM   1349 C CB  . VAL A 1 158 ? -15.104 0.173   11.496  1.00 20.83 ? 164 VAL B CB  1 
ATOM   1350 C CG1 . VAL A 1 158 ? -16.510 0.013   10.945  1.00 22.30 ? 164 VAL B CG1 1 
ATOM   1351 C CG2 . VAL A 1 158 ? -15.126 0.099   13.016  1.00 22.59 ? 164 VAL B CG2 1 
ATOM   1352 N N   . PHE A 1 159 ? -13.815 -2.091  8.774   1.00 16.10 ? 165 PHE B N   1 
ATOM   1353 C CA  . PHE A 1 159 ? -13.489 -2.198  7.334   1.00 15.54 ? 165 PHE B CA  1 
ATOM   1354 C C   . PHE A 1 159 ? -14.697 -1.714  6.516   1.00 18.32 ? 165 PHE B C   1 
ATOM   1355 O O   . PHE A 1 159 ? -14.540 -0.910  5.571   1.00 16.97 ? 165 PHE B O   1 
ATOM   1356 C CB  . PHE A 1 159 ? -13.012 -3.590  6.973   1.00 16.11 ? 165 PHE B CB  1 
ATOM   1357 C CG  . PHE A 1 159 ? -11.720 -3.979  7.653   1.00 14.90 ? 165 PHE B CG  1 
ATOM   1358 C CD1 . PHE A 1 159 ? -10.655 -3.103  7.666   1.00 15.11 ? 165 PHE B CD1 1 
ATOM   1359 C CD2 . PHE A 1 159 ? -11.574 -5.211  8.276   1.00 15.74 ? 165 PHE B CD2 1 
ATOM   1360 C CE1 . PHE A 1 159 ? -9.452  -3.463  8.267   1.00 14.49 ? 165 PHE B CE1 1 
ATOM   1361 C CE2 . PHE A 1 159 ? -10.386 -5.569  8.888   1.00 16.19 ? 165 PHE B CE2 1 
ATOM   1362 C CZ  . PHE A 1 159 ? -9.319  -4.695  8.866   1.00 15.68 ? 165 PHE B CZ  1 
ATOM   1363 N N   . ALA A 1 160 ? -15.868 -2.193  6.896   1.00 17.56 ? 166 ALA B N   1 
ATOM   1364 C CA  . ALA A 1 160 ? -17.166 -1.770  6.325   1.00 17.91 ? 166 ALA B CA  1 
ATOM   1365 C C   . ALA A 1 160 ? -17.264 -2.065  4.824   1.00 17.69 ? 166 ALA B C   1 
ATOM   1366 O O   . ALA A 1 160 ? -18.035 -1.333  4.134   1.00 18.58 ? 166 ALA B O   1 
ATOM   1367 C CB  . ALA A 1 160 ? -17.422 -0.327  6.586   1.00 18.03 ? 166 ALA B CB  1 
ATOM   1368 N N   . GLY A 1 161 ? -16.536 -3.048  4.324   1.00 18.63 ? 167 GLY B N   1 
ATOM   1369 C CA  . GLY A 1 161 ? -16.599 -3.477  2.925   1.00 18.80 ? 167 GLY B CA  1 
ATOM   1370 C C   . GLY A 1 161 ? -15.466 -4.406  2.574   1.00 17.32 ? 167 GLY B C   1 
ATOM   1371 O O   . GLY A 1 161 ? -14.595 -4.689  3.418   1.00 16.62 ? 167 GLY B O   1 
ATOM   1372 N N   . PRO A 1 162 ? -15.438 -4.911  1.341   1.00 16.57 ? 168 PRO B N   1 
ATOM   1373 C CA  . PRO A 1 162 ? -14.299 -5.669  0.855   1.00 15.00 ? 168 PRO B CA  1 
ATOM   1374 C C   . PRO A 1 162 ? -13.036 -4.790  0.903   1.00 15.54 ? 168 PRO B C   1 
ATOM   1375 O O   . PRO A 1 162 ? -13.112 -3.571  0.704   1.00 15.79 ? 168 PRO B O   1 
ATOM   1376 C CB  . PRO A 1 162 ? -14.657 -6.096  -0.575  1.00 15.96 ? 168 PRO B CB  1 
ATOM   1377 C CG  . PRO A 1 162 ? -16.151 -5.828  -0.675  1.00 15.92 ? 168 PRO B CG  1 
ATOM   1378 C CD  . PRO A 1 162 ? -16.486 -4.757  0.312   1.00 15.58 ? 168 PRO B CD  1 
ATOM   1379 N N   . LEU A 1 163 ? -11.895 -5.430  1.168   1.00 15.88 ? 169 LEU B N   1 
ATOM   1380 C CA  . LEU A 1 163 ? -10.587 -4.732  1.220   1.00 15.28 ? 169 LEU B CA  1 
ATOM   1381 C C   . LEU A 1 163 ? -9.783  -5.067  -0.026  1.00 15.72 ? 169 LEU B C   1 
ATOM   1382 O O   . LEU A 1 163 ? -9.796  -6.217  -0.493  1.00 17.01 ? 169 LEU B O   1 
ATOM   1383 C CB  . LEU A 1 163 ? -9.821  -5.172  2.465   1.00 15.28 ? 169 LEU B CB  1 
ATOM   1384 C CG  . LEU A 1 163 ? -10.358 -4.698  3.824   1.00 15.21 ? 169 LEU B CG  1 
ATOM   1385 C CD1 . LEU A 1 163 ? -9.507  -5.295  4.943   1.00 16.81 ? 169 LEU B CD1 1 
ATOM   1386 C CD2 . LEU A 1 163 ? -10.360 -3.176  3.901   1.00 17.32 ? 169 LEU B CD2 1 
ATOM   1387 N N   . ARG A 1 164 ? -8.997  -4.081  -0.490  1.00 15.05 ? 170 ARG B N   1 
ATOM   1388 C CA  . ARG A 1 164 ? -8.002  -4.277  -1.567  1.00 14.41 ? 170 ARG B CA  1 
ATOM   1389 C C   . ARG A 1 164 ? -6.618  -3.845  -1.076  1.00 12.75 ? 170 ARG B C   1 
ATOM   1390 O O   . ARG A 1 164 ? -6.501  -2.868  -0.348  1.00 14.24 ? 170 ARG B O   1 
ATOM   1391 C CB  . ARG A 1 164 ? -8.431  -3.522  -2.817  1.00 16.15 ? 170 ARG B CB  1 
ATOM   1392 C CG  . ARG A 1 164 ? -9.773  -4.057  -3.317  1.00 17.07 ? 170 ARG B CG  1 
ATOM   1393 C CD  . ARG A 1 164 ? -10.254 -3.411  -4.582  1.00 20.20 ? 170 ARG B CD  1 
ATOM   1394 N NE  . ARG A 1 164 ? -9.369  -3.785  -5.675  1.00 19.96 ? 170 ARG B NE  1 
ATOM   1395 C CZ  . ARG A 1 164 ? -9.555  -3.386  -6.924  1.00 20.75 ? 170 ARG B CZ  1 
ATOM   1396 N NH1 . ARG A 1 164 ? -10.656 -2.721  -7.208  1.00 19.79 ? 170 ARG B NH1 1 
ATOM   1397 N NH2 . ARG A 1 164 ? -8.702  -3.746  -7.873  1.00 19.47 ? 170 ARG B NH2 1 
ATOM   1398 N N   . PRO A 1 165 ? -5.560  -4.553  -1.495  1.00 13.85 ? 171 PRO B N   1 
ATOM   1399 C CA  . PRO A 1 165 ? -4.192  -4.083  -1.251  1.00 12.68 ? 171 PRO B CA  1 
ATOM   1400 C C   . PRO A 1 165 ? -4.065  -2.692  -1.899  1.00 12.75 ? 171 PRO B C   1 
ATOM   1401 O O   . PRO A 1 165 ? -4.599  -2.444  -2.989  1.00 14.90 ? 171 PRO B O   1 
ATOM   1402 C CB  . PRO A 1 165 ? -3.276  -5.106  -1.969  1.00 13.35 ? 171 PRO B CB  1 
ATOM   1403 C CG  . PRO A 1 165 ? -4.135  -6.350  -2.034  1.00 14.46 ? 171 PRO B CG  1 
ATOM   1404 C CD  . PRO A 1 165 ? -5.550  -5.819  -2.241  1.00 15.46 ? 171 PRO B CD  1 
ATOM   1405 N N   . PHE A 1 166 ? -3.336  -1.792  -1.240  1.00 12.46 ? 172 PHE B N   1 
ATOM   1406 C CA  . PHE A 1 166 ? -3.216  -0.367  -1.625  1.00 12.41 ? 172 PHE B CA  1 
ATOM   1407 C C   . PHE A 1 166 ? -1.730  0.012   -1.735  1.00 12.46 ? 172 PHE B C   1 
ATOM   1408 O O   . PHE A 1 166 ? -0.903  -0.370  -0.868  1.00 13.06 ? 172 PHE B O   1 
ATOM   1409 C CB  . PHE A 1 166 ? -3.906  0.526   -0.583  1.00 12.77 ? 172 PHE B CB  1 
ATOM   1410 C CG  . PHE A 1 166 ? -3.661  1.988   -0.828  1.00 13.70 ? 172 PHE B CG  1 
ATOM   1411 C CD1 . PHE A 1 166 ? -4.385  2.657   -1.812  1.00 14.03 ? 172 PHE B CD1 1 
ATOM   1412 C CD2 . PHE A 1 166 ? -2.667  2.677   -0.142  1.00 13.82 ? 172 PHE B CD2 1 
ATOM   1413 C CE1 . PHE A 1 166 ? -4.160  4.003   -2.061  1.00 14.18 ? 172 PHE B CE1 1 
ATOM   1414 C CE2 . PHE A 1 166 ? -2.425  4.012   -0.426  1.00 14.02 ? 172 PHE B CE2 1 
ATOM   1415 C CZ  . PHE A 1 166 ? -3.172  4.666   -1.374  1.00 14.21 ? 172 PHE B CZ  1 
ATOM   1416 N N   . PHE A 1 167 ? -1.391  0.765   -2.777  1.00 13.63 ? 173 PHE B N   1 
ATOM   1417 C CA  . PHE A 1 167 ? 0.010   1.142   -3.071  1.00 12.69 ? 173 PHE B CA  1 
ATOM   1418 C C   . PHE A 1 167 ? 0.071   2.592   -3.532  1.00 13.22 ? 173 PHE B C   1 
ATOM   1419 O O   . PHE A 1 167 ? -0.775  2.984   -4.344  1.00 14.28 ? 173 PHE B O   1 
ATOM   1420 C CB  . PHE A 1 167 ? 0.614   0.251   -4.179  1.00 13.14 ? 173 PHE B CB  1 
ATOM   1421 C CG  . PHE A 1 167 ? 0.487   -1.235  -3.946  1.00 13.54 ? 173 PHE B CG  1 
ATOM   1422 C CD1 . PHE A 1 167 ? -0.686  -1.887  -4.292  1.00 13.88 ? 173 PHE B CD1 1 
ATOM   1423 C CD2 . PHE A 1 167 ? 1.517   -1.955  -3.349  1.00 14.71 ? 173 PHE B CD2 1 
ATOM   1424 C CE1 . PHE A 1 167 ? -0.853  -3.233  -3.995  1.00 14.63 ? 173 PHE B CE1 1 
ATOM   1425 C CE2 . PHE A 1 167 ? 1.370   -3.307  -3.109  1.00 15.08 ? 173 PHE B CE2 1 
ATOM   1426 C CZ  . PHE A 1 167 ? 0.190   -3.941  -3.447  1.00 15.65 ? 173 PHE B CZ  1 
ATOM   1427 N N   . ASN A 1 168 ? 1.099   3.310   -3.096  1.00 12.19 ? 174 ASN B N   1 
ATOM   1428 C CA  . ASN A 1 168 ? 1.439   4.627   -3.695  1.00 12.52 ? 174 ASN B CA  1 
ATOM   1429 C C   . ASN A 1 168 ? 2.948   4.643   -3.924  1.00 14.17 ? 174 ASN B C   1 
ATOM   1430 O O   . ASN A 1 168 ? 3.674   4.519   -2.934  1.00 14.39 ? 174 ASN B O   1 
ATOM   1431 C CB  . ASN A 1 168 ? 1.000   5.762   -2.776  1.00 13.70 ? 174 ASN B CB  1 
ATOM   1432 C CG  . ASN A 1 168 ? 1.194   7.129   -3.387  1.00 15.76 ? 174 ASN B CG  1 
ATOM   1433 O OD1 . ASN A 1 168 ? 1.740   7.271   -4.462  1.00 15.72 ? 174 ASN B OD1 1 
ATOM   1434 N ND2 . ASN A 1 168 ? 0.751   8.157   -2.688  1.00 18.48 ? 174 ASN B ND2 1 
ATOM   1435 N N   . VAL A 1 169 ? 3.410   4.750   -5.190  1.00 13.87 ? 175 VAL B N   1 
ATOM   1436 C CA  . VAL A 1 169 ? 4.880   4.775   -5.472  1.00 14.52 ? 175 VAL B CA  1 
ATOM   1437 C C   . VAL A 1 169 ? 5.479   6.141   -5.094  1.00 16.04 ? 175 VAL B C   1 
ATOM   1438 O O   . VAL A 1 169 ? 6.728   6.244   -5.078  1.00 15.92 ? 175 VAL B O   1 
ATOM   1439 C CB  . VAL A 1 169 ? 5.191   4.437   -6.945  1.00 15.39 ? 175 VAL B CB  1 
ATOM   1440 C CG1 . VAL A 1 169 ? 4.721   3.049   -7.271  1.00 15.84 ? 175 VAL B CG1 1 
ATOM   1441 C CG2 . VAL A 1 169 ? 4.600   5.458   -7.920  1.00 15.48 ? 175 VAL B CG2 1 
ATOM   1442 N N   . GLY A 1 170 ? 4.635   7.130   -4.793  1.00 16.18 ? 176 GLY B N   1 
ATOM   1443 C CA  . GLY A 1 170 ? 5.071   8.510   -4.467  1.00 18.76 ? 176 GLY B CA  1 
ATOM   1444 C C   . GLY A 1 170 ? 5.477   9.330   -5.675  1.00 17.45 ? 176 GLY B C   1 
ATOM   1445 O O   . GLY A 1 170 ? 5.717   8.787   -6.752  1.00 17.77 ? 176 GLY B O   1 
ATOM   1446 N N   . PHE A 1 171 ? 5.570   10.642  -5.431  0.34 18.50 ? 177 PHE B N   1 
ATOM   1447 C CA  . PHE A 1 171 ? 6.043   11.700  -6.358  0.34 18.56 ? 177 PHE B CA  1 
ATOM   1448 C C   . PHE A 1 171 ? 7.532   11.468  -6.658  0.34 17.78 ? 177 PHE B C   1 
ATOM   1449 O O   . PHE A 1 171 ? 8.189   10.795  -5.843  0.34 16.74 ? 177 PHE B O   1 
ATOM   1450 C CB  . PHE A 1 171 ? 5.817   13.080  -5.723  0.34 19.04 ? 177 PHE B CB  1 
ATOM   1451 C CG  . PHE A 1 171 ? 4.400   13.422  -5.323  0.34 19.09 ? 177 PHE B CG  1 
ATOM   1452 C CD1 . PHE A 1 171 ? 3.323   13.085  -6.129  0.34 19.33 ? 177 PHE B CD1 1 
ATOM   1453 C CD2 . PHE A 1 171 ? 4.145   14.143  -4.162  0.34 20.12 ? 177 PHE B CD2 1 
ATOM   1454 C CE1 . PHE A 1 171 ? 2.029   13.427  -5.768  0.34 19.81 ? 177 PHE B CE1 1 
ATOM   1455 C CE2 . PHE A 1 171 ? 2.851   14.487  -3.800  0.34 20.34 ? 177 PHE B CE2 1 
ATOM   1456 C CZ  . PHE A 1 171 ? 1.794   14.128  -4.606  0.34 19.60 ? 177 PHE B CZ  1 
ATOM   1457 N N   . ASN A 1 172 ? 8.059   12.013  -7.762  1.00 17.94 ? 178 ASN B N   1 
ATOM   1458 C CA  . ASN A 1 172 ? 9.510   11.960  -8.026  1.00 17.31 ? 178 ASN B CA  1 
ATOM   1459 C C   . ASN A 1 172 ? 9.925   13.362  -8.479  1.00 15.95 ? 178 ASN B C   1 
ATOM   1460 O O   . ASN A 1 172 ? 10.654  13.463  -9.477  1.00 18.12 ? 178 ASN B O   1 
ATOM   1461 C CB  . ASN A 1 172 ? 9.831   10.884  -9.040  1.00 17.70 ? 178 ASN B CB  1 
ATOM   1462 C CG  . ASN A 1 172 ? 11.314  10.705  -9.196  1.00 17.63 ? 178 ASN B CG  1 
ATOM   1463 O OD1 . ASN A 1 172 ? 12.078  10.933  -8.260  1.00 17.48 ? 178 ASN B OD1 1 
ATOM   1464 N ND2 . ASN A 1 172 ? 11.765  10.342  -10.382 1.00 20.28 ? 178 ASN B ND2 1 
ATOM   1465 N N   . TYR A 1 173 ? 9.533   14.374  -7.731  1.00 18.17 ? 179 TYR B N   1 
ATOM   1466 C CA  . TYR A 1 173 ? 10.020  15.770  -7.944  1.00 17.94 ? 179 TYR B CA  1 
ATOM   1467 C C   . TYR A 1 173 ? 11.545  15.833  -7.756  1.00 19.11 ? 179 TYR B C   1 
ATOM   1468 O O   . TYR A 1 173 ? 12.237  16.672  -8.411  1.00 19.93 ? 179 TYR B O   1 
ATOM   1469 C CB  . TYR A 1 173 ? 9.289   16.718  -6.986  1.00 17.97 ? 179 TYR B CB  1 
ATOM   1470 C CG  . TYR A 1 173 ? 7.813   16.889  -7.228  1.00 19.58 ? 179 TYR B CG  1 
ATOM   1471 C CD1 . TYR A 1 173 ? 7.345   17.604  -8.314  1.00 23.91 ? 179 TYR B CD1 1 
ATOM   1472 C CD2 . TYR A 1 173 ? 6.889   16.378  -6.325  1.00 23.16 ? 179 TYR B CD2 1 
ATOM   1473 C CE1 . TYR A 1 173 ? 5.984   17.730  -8.569  1.00 24.41 ? 179 TYR B CE1 1 
ATOM   1474 C CE2 . TYR A 1 173 ? 5.524   16.516  -6.556  1.00 24.39 ? 179 TYR B CE2 1 
ATOM   1475 C CZ  . TYR A 1 173 ? 5.075   17.203  -7.666  1.00 25.24 ? 179 TYR B CZ  1 
ATOM   1476 O OH  . TYR A 1 173 ? 3.720   17.353  -7.854  1.00 26.01 ? 179 TYR B OH  1 
ATOM   1477 N N   . SER A 1 174 ? 12.100  15.020  -6.865  1.00 16.95 ? 180 SER B N   1 
ATOM   1478 C CA  . SER A 1 174 ? 13.523  15.103  -6.427  1.00 16.68 ? 180 SER B CA  1 
ATOM   1479 C C   . SER A 1 174 ? 14.444  14.398  -7.431  1.00 17.40 ? 180 SER B C   1 
ATOM   1480 O O   . SER A 1 174 ? 15.661  14.565  -7.304  1.00 17.72 ? 180 SER B O   1 
ATOM   1481 C CB  . SER A 1 174 ? 13.752  14.472  -5.072  1.00 17.97 ? 180 SER B CB  1 
ATOM   1482 O OG  . SER A 1 174 ? 13.453  13.085  -5.125  1.00 17.92 ? 180 SER B OG  1 
ATOM   1483 N N   . GLY A 1 175 ? 13.907  13.525  -8.275  1.00 17.46 ? 181 GLY B N   1 
ATOM   1484 C CA  . GLY A 1 175 ? 14.775  12.628  -9.060  1.00 17.04 ? 181 GLY B CA  1 
ATOM   1485 C C   . GLY A 1 175 ? 15.405  11.524  -8.252  1.00 17.80 ? 181 GLY B C   1 
ATOM   1486 O O   . GLY A 1 175 ? 16.228  10.759  -8.824  1.00 20.20 ? 181 GLY B O   1 
ATOM   1487 N N   . GLY A 1 176 ? 15.058  11.383  -6.976  1.00 17.16 ? 182 GLY B N   1 
ATOM   1488 C CA  . GLY A 1 176 ? 15.602  10.326  -6.119  1.00 16.96 ? 182 GLY B CA  1 
ATOM   1489 C C   . GLY A 1 176 ? 14.560  9.260   -5.761  1.00 16.84 ? 182 GLY B C   1 
ATOM   1490 O O   . GLY A 1 176 ? 14.923  8.369   -4.948  1.00 17.78 ? 182 GLY B O   1 
ATOM   1491 N N   . ASN A 1 177 ? 13.340  9.314   -6.311  1.00 14.37 ? 183 ASN B N   1 
ATOM   1492 C CA  . ASN A 1 177 ? 12.278  8.348   -5.963  1.00 14.53 ? 183 ASN B CA  1 
ATOM   1493 C C   . ASN A 1 177 ? 11.713  7.582   -7.172  1.00 14.50 ? 183 ASN B C   1 
ATOM   1494 O O   . ASN A 1 177 ? 10.553  7.144   -7.102  1.00 15.56 ? 183 ASN B O   1 
ATOM   1495 C CB  . ASN A 1 177 ? 11.150  9.070   -5.217  1.00 15.09 ? 183 ASN B CB  1 
ATOM   1496 C CG  . ASN A 1 177 ? 10.232  8.114   -4.497  1.00 15.21 ? 183 ASN B CG  1 
ATOM   1497 O OD1 . ASN A 1 177 ? 10.725  7.171   -3.905  1.00 16.16 ? 183 ASN B OD1 1 
ATOM   1498 N ND2 . ASN A 1 177 ? 8.939   8.391   -4.529  1.00 15.76 ? 183 ASN B ND2 1 
ATOM   1499 N N   . ALA A 1 178 ? 12.550  7.258   -8.154  1.00 16.09 ? 184 ALA B N   1 
ATOM   1500 C CA  . ALA A 1 178 ? 12.086  6.571   -9.382  1.00 16.63 ? 184 ALA B CA  1 
ATOM   1501 C C   . ALA A 1 178 ? 11.889  5.075   -9.128  1.00 16.85 ? 184 ALA B C   1 
ATOM   1502 O O   . ALA A 1 178 ? 11.162  4.447   -9.934  1.00 18.68 ? 184 ALA B O   1 
ATOM   1503 C CB  . ALA A 1 178 ? 13.081  6.791   -10.521 1.00 17.79 ? 184 ALA B CB  1 
ATOM   1504 N N   . ALA A 1 179 ? 12.529  4.519   -8.103  1.00 16.77 ? 185 ALA B N   1 
ATOM   1505 C CA  . ALA A 1 179 ? 12.571  3.047   -7.926  1.00 17.75 ? 185 ALA B CA  1 
ATOM   1506 C C   . ALA A 1 179 ? 11.154  2.502   -7.752  1.00 17.41 ? 185 ALA B C   1 
ATOM   1507 O O   . ALA A 1 179 ? 10.261  3.175   -7.209  1.00 16.10 ? 185 ALA B O   1 
ATOM   1508 C CB  . ALA A 1 179 ? 13.467  2.643   -6.791  1.00 17.04 ? 185 ALA B CB  1 
ATOM   1509 N N   . PRO A 1 180 ? 10.927  1.260   -8.231  1.00 16.44 ? 186 PRO B N   1 
ATOM   1510 C CA  . PRO A 1 180 ? 9.616   0.617   -8.159  1.00 16.49 ? 186 PRO B CA  1 
ATOM   1511 C C   . PRO A 1 180 ? 9.242   0.106   -6.756  1.00 15.89 ? 186 PRO B C   1 
ATOM   1512 O O   . PRO A 1 180 ? 10.128  -0.062  -5.916  1.00 16.07 ? 186 PRO B O   1 
ATOM   1513 C CB  . PRO A 1 180 ? 9.778   -0.619  -9.062  1.00 17.66 ? 186 PRO B CB  1 
ATOM   1514 C CG  . PRO A 1 180 ? 11.241  -0.955  -8.972  1.00 18.92 ? 186 PRO B CG  1 
ATOM   1515 C CD  . PRO A 1 180 ? 11.931  0.400   -8.883  1.00 18.07 ? 186 PRO B CD  1 
ATOM   1516 N N   . LEU A 1 181 ? 7.939   -0.064  -6.519  1.00 14.47 ? 187 LEU B N   1 
ATOM   1517 C CA  . LEU A 1 181 ? 7.412   -1.018  -5.511  1.00 14.00 ? 187 LEU B CA  1 
ATOM   1518 C C   . LEU A 1 181 ? 7.385   -2.406  -6.176  1.00 15.70 ? 187 LEU B C   1 
ATOM   1519 O O   . LEU A 1 181 ? 6.864   -2.515  -7.319  1.00 17.34 ? 187 LEU B O   1 
ATOM   1520 C CB  . LEU A 1 181 ? 6.033   -0.574  -5.047  1.00 15.74 ? 187 LEU B CB  1 
ATOM   1521 C CG  . LEU A 1 181 ? 5.964   0.739   -4.261  1.00 15.64 ? 187 LEU B CG  1 
ATOM   1522 C CD1 . LEU A 1 181 ? 4.533   1.124   -3.946  1.00 17.47 ? 187 LEU B CD1 1 
ATOM   1523 C CD2 . LEU A 1 181 ? 6.768   0.654   -2.967  1.00 18.31 ? 187 LEU B CD2 1 
ATOM   1524 N N   . LYS A 1 182 ? 7.782   -3.446  -5.456  1.00 15.72 ? 188 LYS B N   1 
ATOM   1525 C CA  . LYS A 1 182 ? 7.725   -4.822  -6.001  1.00 16.08 ? 188 LYS B CA  1 
ATOM   1526 C C   . LYS A 1 182 ? 7.068   -5.752  -4.997  1.00 15.60 ? 188 LYS B C   1 
ATOM   1527 O O   . LYS A 1 182 ? 7.534   -5.799  -3.842  1.00 17.09 ? 188 LYS B O   1 
ATOM   1528 C CB  . LYS A 1 182 ? 9.120   -5.365  -6.316  1.00 17.84 ? 188 LYS B CB  1 
ATOM   1529 C CG  . LYS A 1 182 ? 10.022  -4.493  -7.169  1.00 21.82 ? 188 LYS B CG  1 
ATOM   1530 C CD  . LYS A 1 182 ? 11.323  -5.207  -7.563  1.00 25.86 ? 188 LYS B CD  1 
ATOM   1531 C CE  . LYS A 1 182 ? 12.322  -4.255  -8.194  1.00 32.06 ? 188 LYS B CE  1 
ATOM   1532 N NZ  . LYS A 1 182 ? 13.648  -4.897  -8.370  1.00 35.36 ? 188 LYS B NZ  1 
ATOM   1533 N N   . LEU A 1 183 ? 6.128   -6.544  -5.452  1.00 16.29 ? 189 LEU B N   1 
ATOM   1534 C CA  . LEU A 1 183 ? 5.578   -7.646  -4.619  1.00 17.46 ? 189 LEU B CA  1 
ATOM   1535 C C   . LEU A 1 183 ? 6.604   -8.778  -4.589  1.00 19.87 ? 189 LEU B C   1 
ATOM   1536 O O   . LEU A 1 183 ? 6.957   -9.293  -5.679  1.00 21.15 ? 189 LEU B O   1 
ATOM   1537 C CB  . LEU A 1 183 ? 4.216   -8.050  -5.186  1.00 17.94 ? 189 LEU B CB  1 
ATOM   1538 C CG  . LEU A 1 183 ? 3.115   -7.048  -4.823  1.00 17.92 ? 189 LEU B CG  1 
ATOM   1539 C CD1 . LEU A 1 183 ? 1.958   -7.065  -5.810  1.00 22.68 ? 189 LEU B CD1 1 
ATOM   1540 C CD2 . LEU A 1 183 ? 2.650   -7.257  -3.379  1.00 17.73 ? 189 LEU B CD2 1 
ATOM   1541 N N   . CYS A 1 184 ? 7.090   -9.118  -3.386  1.00 22.10 ? 190 CYS B N   1 
ATOM   1542 C CA  . CYS A 1 184 ? 8.186   -10.108 -3.187  1.00 24.27 ? 190 CYS B CA  1 
ATOM   1543 C C   . CYS A 1 184 ? 7.623   -11.513 -3.243  1.00 28.01 ? 190 CYS B C   1 
ATOM   1544 O O   . CYS A 1 184 ? 6.532   -11.771 -2.774  1.00 27.12 ? 190 CYS B O   1 
ATOM   1545 C CB  . CYS A 1 184 ? 8.820   -10.077 -1.808  1.00 26.77 ? 190 CYS B CB  1 
ATOM   1546 S SG  . CYS A 1 184 ? 9.176   -8.432  -1.197  1.00 27.28 ? 190 CYS B SG  1 
ATOM   1547 N N   . PRO A 1 185 ? 8.395   -12.467 -3.789  1.00 34.01 ? 191 PRO B N   1 
ATOM   1548 C CA  . PRO A 1 185 ? 7.932   -13.837 -3.899  1.00 39.12 ? 191 PRO B CA  1 
ATOM   1549 C C   . PRO A 1 185 ? 7.755   -14.456 -2.512  1.00 37.19 ? 191 PRO B C   1 
ATOM   1550 O O   . PRO A 1 185 ? 8.447   -14.063 -1.574  1.00 38.22 ? 191 PRO B O   1 
ATOM   1551 C CB  . PRO A 1 185 ? 9.018   -14.507 -4.765  1.00 39.29 ? 191 PRO B CB  1 
ATOM   1552 C CG  . PRO A 1 185 ? 10.247  -13.664 -4.546  1.00 38.69 ? 191 PRO B CG  1 
ATOM   1553 C CD  . PRO A 1 185 ? 9.732   -12.258 -4.362  1.00 36.49 ? 191 PRO B CD  1 
ATOM   1554 N N   . LEU A 1 186 ? 6.765   -15.348 -2.455  1.00 43.47 ? 192 LEU B N   1 
ATOM   1555 C CA  . LEU A 1 186 ? 6.424   -16.311 -1.377  1.00 45.45 ? 192 LEU B CA  1 
ATOM   1556 C C   . LEU A 1 186 ? 7.546   -17.338 -1.244  1.00 47.32 ? 192 LEU B C   1 
ATOM   1557 O O   . LEU A 1 186 ? 7.617   -17.885 -0.153  1.00 56.64 ? 192 LEU B O   1 
ATOM   1558 C CB  . LEU A 1 186 ? 5.118   -17.008 -1.773  1.00 41.62 ? 192 LEU B CB  1 
HETATM 1559 C C10 . T9Q B 2 .   ? 0.286   12.100  -9.772  0.34 18.68 ? 201 T9Q B C10 1 
HETATM 1560 C C13 . T9Q B 2 .   ? 2.835   12.504  -10.750 0.34 18.89 ? 201 T9Q B C13 1 
HETATM 1561 C C01 . T9Q B 2 .   ? 7.854   13.085  -12.007 0.34 25.11 ? 201 T9Q B C01 1 
HETATM 1562 C C03 . T9Q B 2 .   ? 6.696   14.688  -10.649 0.34 22.29 ? 201 T9Q B C03 1 
HETATM 1563 C C04 . T9Q B 2 .   ? 5.542   14.311  -9.742  0.34 21.47 ? 201 T9Q B C04 1 
HETATM 1564 C C07 . T9Q B 2 .   ? 3.136   14.559  -9.315  0.34 19.76 ? 201 T9Q B C07 1 
HETATM 1565 C C08 . T9Q B 2 .   ? 2.323   13.388  -9.810  0.34 19.09 ? 201 T9Q B C08 1 
HETATM 1566 C C09 . T9Q B 2 .   ? 1.044   13.169  -9.320  0.34 19.25 ? 201 T9Q B C09 1 
HETATM 1567 C C11 . T9Q B 2 .   ? 0.804   11.235  -10.708 0.34 18.67 ? 201 T9Q B C11 1 
HETATM 1568 C C12 . T9Q B 2 .   ? 2.069   11.439  -11.202 0.34 19.04 ? 201 T9Q B C12 1 
HETATM 1569 N N06 . T9Q B 2 .   ? 4.354   14.800  -10.081 0.34 20.00 ? 201 T9Q B N06 1 
HETATM 1570 O O02 . T9Q B 2 .   ? 7.628   13.639  -10.716 0.34 24.14 ? 201 T9Q B O02 1 
HETATM 1571 O O05 . T9Q B 2 .   ? 5.743   13.580  -8.773  0.34 22.13 ? 201 T9Q B O05 1 
HETATM 1572 C C1  . EDO C 3 .   ? -9.206  21.328  -8.887  1.00 42.23 ? 202 EDO B C1  1 
HETATM 1573 O O1  . EDO C 3 .   ? -9.007  19.939  -8.973  1.00 34.19 ? 202 EDO B O1  1 
HETATM 1574 C C2  . EDO C 3 .   ? -8.088  22.022  -8.232  1.00 41.46 ? 202 EDO B C2  1 
HETATM 1575 O O2  . EDO C 3 .   ? -6.963  22.065  -9.078  1.00 48.52 ? 202 EDO B O2  1 
HETATM 1576 S S   . SO4 D 4 .   ? -9.974  14.759  3.769   1.00 43.62 ? 203 SO4 B S   1 
HETATM 1577 O O1  . SO4 D 4 .   ? -10.017 13.738  2.754   1.00 31.12 ? 203 SO4 B O1  1 
HETATM 1578 O O2  . SO4 D 4 .   ? -10.982 15.739  3.507   1.00 46.31 ? 203 SO4 B O2  1 
HETATM 1579 O O3  . SO4 D 4 .   ? -10.216 14.160  5.064   1.00 49.54 ? 203 SO4 B O3  1 
HETATM 1580 O O4  . SO4 D 4 .   ? -8.680  15.400  3.791   1.00 48.00 ? 203 SO4 B O4  1 
HETATM 1581 O O   . HOH E 5 .   ? -15.079 2.703   9.306   1.00 27.76 ? 301 HOH B O   1 
HETATM 1582 O O   . HOH E 5 .   ? 6.933   12.204  7.388   1.00 30.93 ? 302 HOH B O   1 
HETATM 1583 O O   . HOH E 5 .   ? 17.526  9.934   -1.800  1.00 38.12 ? 303 HOH B O   1 
HETATM 1584 O O   . HOH E 5 .   ? 3.233   10.943  -22.724 1.00 25.79 ? 304 HOH B O   1 
HETATM 1585 O O   . HOH E 5 .   ? 9.616   10.204  -12.731 1.00 41.33 ? 305 HOH B O   1 
HETATM 1586 O O   . HOH E 5 .   ? 15.897  1.289   -9.086  1.00 53.68 ? 306 HOH B O   1 
HETATM 1587 O O   . HOH E 5 .   ? 17.048  7.649   -3.943  1.00 39.00 ? 307 HOH B O   1 
HETATM 1588 O O   . HOH E 5 .   ? 12.882  10.256  -18.846 1.00 47.38 ? 308 HOH B O   1 
HETATM 1589 O O   . HOH E 5 .   ? -15.957 -11.851 7.292   1.00 18.72 ? 309 HOH B O   1 
HETATM 1590 O O   . HOH E 5 .   ? 17.224  3.701   -8.971  1.00 30.97 ? 310 HOH B O   1 
HETATM 1591 O O   . HOH E 5 .   ? 9.585   -12.806 5.625   1.00 34.89 ? 311 HOH B O   1 
HETATM 1592 O O   . HOH E 5 .   ? -11.704 -0.178  -9.018  1.00 24.68 ? 312 HOH B O   1 
HETATM 1593 O O   . HOH E 5 .   ? -7.440  -2.494  20.428  1.00 28.80 ? 313 HOH B O   1 
HETATM 1594 O O   . HOH E 5 .   ? 18.037  13.655  6.949   1.00 49.75 ? 314 HOH B O   1 
HETATM 1595 O O   . HOH E 5 .   ? 0.718   -0.455  -16.815 1.00 24.21 ? 315 HOH B O   1 
HETATM 1596 O O   . HOH E 5 .   ? 18.276  -5.969  12.285  1.00 49.84 ? 316 HOH B O   1 
HETATM 1597 O O   . HOH E 5 .   ? 17.448  14.374  -5.434  1.00 23.24 ? 317 HOH B O   1 
HETATM 1598 O O   . HOH E 5 .   ? 0.225   -6.261  17.082  1.00 19.88 ? 318 HOH B O   1 
HETATM 1599 O O   . HOH E 5 .   ? 0.265   -7.615  -17.605 1.00 38.63 ? 319 HOH B O   1 
HETATM 1600 O O   . HOH E 5 .   ? -17.564 -7.855  1.908   1.00 20.28 ? 320 HOH B O   1 
HETATM 1601 O O   . HOH E 5 .   ? -4.070  10.586  8.066   1.00 27.71 ? 321 HOH B O   1 
HETATM 1602 O O   . HOH E 5 .   ? -5.004  -11.747 14.373  1.00 30.23 ? 322 HOH B O   1 
HETATM 1603 O O   . HOH E 5 .   ? -14.663 7.526   -9.488  1.00 31.06 ? 323 HOH B O   1 
HETATM 1604 O O   . HOH E 5 .   ? -9.902  -14.050 10.576  1.00 32.69 ? 324 HOH B O   1 
HETATM 1605 O O   . HOH E 5 .   ? -9.226  11.948  7.358   1.00 37.02 ? 325 HOH B O   1 
HETATM 1606 O O   . HOH E 5 .   ? -12.666 1.799   15.683  1.00 40.39 ? 326 HOH B O   1 
HETATM 1607 O O   . HOH E 5 .   ? 12.871  -0.529  -5.304  1.00 29.07 ? 327 HOH B O   1 
HETATM 1608 O O   . HOH E 5 .   ? 10.048  14.321  8.280   1.00 31.90 ? 328 HOH B O   1 
HETATM 1609 O O   . HOH E 5 .   ? 10.387  5.175   -12.363 1.00 24.85 ? 329 HOH B O   1 
HETATM 1610 O O   . HOH E 5 .   ? -1.233  -8.489  14.218  1.00 27.90 ? 330 HOH B O   1 
HETATM 1611 O O   . HOH E 5 .   ? 12.022  2.405   3.811   1.00 18.52 ? 331 HOH B O   1 
HETATM 1612 O O   . HOH E 5 .   ? 16.872  -6.263  0.647   1.00 35.45 ? 332 HOH B O   1 
HETATM 1613 O O   . HOH E 5 .   ? -1.503  15.881  -6.449  1.00 39.91 ? 333 HOH B O   1 
HETATM 1614 O O   . HOH E 5 .   ? 17.447  -4.048  -0.845  1.00 30.94 ? 334 HOH B O   1 
HETATM 1615 O O   . HOH E 5 .   ? -17.356 -0.746  0.196   1.00 31.32 ? 335 HOH B O   1 
HETATM 1616 O O   . HOH E 5 .   ? 8.014   7.545   -7.903  1.00 18.95 ? 336 HOH B O   1 
HETATM 1617 O O   . HOH E 5 .   ? 8.544   -9.532  -10.561 1.00 30.28 ? 337 HOH B O   1 
HETATM 1618 O O   . HOH E 5 .   ? -16.927 -12.919 3.086   1.00 36.27 ? 338 HOH B O   1 
HETATM 1619 O O   . HOH E 5 .   ? -12.485 -16.110 8.097   1.00 47.95 ? 339 HOH B O   1 
HETATM 1620 O O   . HOH E 5 .   ? -9.298  -5.451  16.816  1.00 18.86 ? 340 HOH B O   1 
HETATM 1621 O O   . HOH E 5 .   ? 2.206   -12.693 -11.609 1.00 36.62 ? 341 HOH B O   1 
HETATM 1622 O O   . HOH E 5 .   ? -4.721  2.992   15.095  1.00 18.92 ? 342 HOH B O   1 
HETATM 1623 O O   . HOH E 5 .   ? -14.618 4.422   -5.732  1.00 37.85 ? 343 HOH B O   1 
HETATM 1624 O O   . HOH E 5 .   ? 12.534  10.100  2.661   1.00 19.16 ? 344 HOH B O   1 
HETATM 1625 O O   . HOH E 5 .   ? -4.453  4.995   6.829   1.00 14.66 ? 345 HOH B O   1 
HETATM 1626 O O   . HOH E 5 .   ? 0.389   13.788  15.046  1.00 46.60 ? 346 HOH B O   1 
HETATM 1627 O O   . HOH E 5 .   ? 5.936   3.233   17.266  1.00 20.03 ? 347 HOH B O   1 
HETATM 1628 O O   . HOH E 5 .   ? -8.265  18.431  -6.835  1.00 22.51 ? 348 HOH B O   1 
HETATM 1629 O O   . HOH E 5 .   ? -16.363 3.918   1.169   1.00 24.75 ? 349 HOH B O   1 
HETATM 1630 O O   . HOH E 5 .   ? -5.014  -18.198 5.731   1.00 37.49 ? 350 HOH B O   1 
HETATM 1631 O O   . HOH E 5 .   ? -3.880  16.904  -5.562  1.00 40.30 ? 351 HOH B O   1 
HETATM 1632 O O   . HOH E 5 .   ? 12.724  -11.111 8.390   1.00 36.78 ? 352 HOH B O   1 
HETATM 1633 O O   . HOH E 5 .   ? -12.726 7.433   0.487   1.00 20.52 ? 353 HOH B O   1 
HETATM 1634 O O   . HOH E 5 .   ? 3.415   -2.005  -18.824 1.00 25.82 ? 354 HOH B O   1 
HETATM 1635 O O   . HOH E 5 .   ? -12.630 9.963   0.851   1.00 40.24 ? 355 HOH B O   1 
HETATM 1636 O O   . HOH E 5 .   ? 4.403   -10.473 -1.598  1.00 20.74 ? 356 HOH B O   1 
HETATM 1637 O O   . HOH E 5 .   ? 12.692  0.570   15.943  1.00 35.62 ? 357 HOH B O   1 
HETATM 1638 O O   . HOH E 5 .   ? 8.436   -8.941  -7.984  1.00 33.31 ? 358 HOH B O   1 
HETATM 1639 O O   . HOH E 5 .   ? 2.139   -11.513 -2.867  1.00 19.75 ? 359 HOH B O   1 
HETATM 1640 O O   . HOH E 5 .   ? 3.756   4.475   16.531  1.00 21.12 ? 360 HOH B O   1 
HETATM 1641 O O   . HOH E 5 .   ? 7.019   1.964   15.042  1.00 21.02 ? 361 HOH B O   1 
HETATM 1642 O O   . HOH E 5 .   ? -1.089  3.563   -15.893 1.00 22.36 ? 362 HOH B O   1 
HETATM 1643 O O   . HOH E 5 .   ? -6.049  9.239   -19.770 1.00 26.78 ? 363 HOH B O   1 
HETATM 1644 O O   . HOH E 5 .   ? -17.501 -9.351  -0.464  1.00 32.95 ? 364 HOH B O   1 
HETATM 1645 O O   . HOH E 5 .   ? -17.712 -12.201 0.265   1.00 29.48 ? 365 HOH B O   1 
HETATM 1646 O O   . HOH E 5 .   ? 10.610  18.437  -9.850  1.00 41.79 ? 366 HOH B O   1 
HETATM 1647 O O   . HOH E 5 .   ? -8.975  -13.805 14.580  1.00 30.87 ? 367 HOH B O   1 
HETATM 1648 O O   . HOH E 5 .   ? -9.320  2.723   -19.115 1.00 24.34 ? 368 HOH B O   1 
HETATM 1649 O O   . HOH E 5 .   ? 12.971  13.202  -0.711  1.00 24.45 ? 369 HOH B O   1 
HETATM 1650 O O   . HOH E 5 .   ? 8.944   -3.654  17.239  1.00 18.99 ? 370 HOH B O   1 
HETATM 1651 O O   . HOH E 5 .   ? -7.042  11.264  -6.615  1.00 17.36 ? 371 HOH B O   1 
HETATM 1652 O O   . HOH E 5 .   ? 11.139  -1.958  12.852  1.00 19.65 ? 372 HOH B O   1 
HETATM 1653 O O   . HOH E 5 .   ? -0.023  10.133  1.043   1.00 38.88 ? 373 HOH B O   1 
HETATM 1654 O O   . HOH E 5 .   ? 12.066  3.149   1.144   1.00 16.84 ? 374 HOH B O   1 
HETATM 1655 O O   . HOH E 5 .   ? 16.428  -9.854  9.539   1.00 46.20 ? 375 HOH B O   1 
HETATM 1656 O O   . HOH E 5 .   ? -11.978 -16.875 5.911   1.00 53.14 ? 376 HOH B O   1 
HETATM 1657 O O   . HOH E 5 .   ? -7.599  -17.222 6.454   1.00 30.50 ? 377 HOH B O   1 
HETATM 1658 O O   . HOH E 5 .   ? 5.580   11.887  -2.872  1.00 25.06 ? 378 HOH B O   1 
HETATM 1659 O O   . HOH E 5 .   ? -12.364 -12.984 1.151   1.00 32.02 ? 379 HOH B O   1 
HETATM 1660 O O   . HOH E 5 .   ? -7.679  9.940   -13.820 1.00 36.17 ? 380 HOH B O   1 
HETATM 1661 O O   . HOH E 5 .   ? -0.232  -3.248  -0.007  1.00 15.18 ? 381 HOH B O   1 
HETATM 1662 O O   . HOH E 5 .   ? -11.291 1.714   11.227  1.00 19.48 ? 382 HOH B O   1 
HETATM 1663 O O   . HOH E 5 .   ? -13.048 -3.895  14.965  1.00 27.35 ? 383 HOH B O   1 
HETATM 1664 O O   . HOH E 5 .   ? -6.451  8.880   -17.049 1.00 34.86 ? 384 HOH B O   1 
HETATM 1665 O O   . HOH E 5 .   ? 18.006  6.555   -7.268  1.00 38.60 ? 385 HOH B O   1 
HETATM 1666 O O   . HOH E 5 .   ? -16.411 6.784   -3.009  1.00 47.28 ? 386 HOH B O   1 
HETATM 1667 O O   . HOH E 5 .   ? -18.636 -3.582  -2.116  1.00 24.84 ? 387 HOH B O   1 
HETATM 1668 O O   . HOH E 5 .   ? -1.829  13.436  -17.131 1.00 25.54 ? 388 HOH B O   1 
HETATM 1669 O O   . HOH E 5 .   ? 14.447  5.708   -6.002  1.00 20.17 ? 389 HOH B O   1 
HETATM 1670 O O   . HOH E 5 .   ? -6.280  2.270   -22.367 1.00 41.57 ? 390 HOH B O   1 
HETATM 1671 O O   . HOH E 5 .   ? 10.320  12.660  0.721   1.00 25.11 ? 391 HOH B O   1 
HETATM 1672 O O   . HOH E 5 .   ? -10.130 17.907  -4.649  1.00 30.94 ? 392 HOH B O   1 
HETATM 1673 O O   . HOH E 5 .   ? -14.936 -9.493  -1.605  1.00 29.68 ? 393 HOH B O   1 
HETATM 1674 O O   . HOH E 5 .   ? 10.127  7.593   11.675  1.00 23.16 ? 394 HOH B O   1 
HETATM 1675 O O   . HOH E 5 .   ? 7.260   -5.792  -18.053 1.00 33.52 ? 395 HOH B O   1 
HETATM 1676 O O   . HOH E 5 .   ? -2.709  -16.686 -3.150  1.00 34.93 ? 396 HOH B O   1 
HETATM 1677 O O   . HOH E 5 .   ? 13.846  -1.119  13.243  1.00 25.67 ? 397 HOH B O   1 
HETATM 1678 O O   . HOH E 5 .   ? 7.097   -1.653  -13.646 1.00 25.70 ? 398 HOH B O   1 
HETATM 1679 O O   . HOH E 5 .   ? 8.421   -6.534  17.441  1.00 24.60 ? 399 HOH B O   1 
HETATM 1680 O O   . HOH E 5 .   ? 11.295  -9.592  15.553  1.00 47.92 ? 400 HOH B O   1 
HETATM 1681 O O   . HOH E 5 .   ? -6.023  -7.425  -12.746 1.00 43.14 ? 401 HOH B O   1 
HETATM 1682 O O   . HOH E 5 .   ? 9.288   -0.442  14.281  1.00 18.04 ? 402 HOH B O   1 
HETATM 1683 O O   . HOH E 5 .   ? -4.776  0.357   -18.043 1.00 26.72 ? 403 HOH B O   1 
HETATM 1684 O O   . HOH E 5 .   ? 15.803  6.253   0.788   1.00 54.03 ? 404 HOH B O   1 
HETATM 1685 O O   . HOH E 5 .   ? 14.605  6.169   5.384   1.00 31.68 ? 405 HOH B O   1 
HETATM 1686 O O   . HOH E 5 .   ? 8.156   6.868   -18.970 1.00 31.72 ? 406 HOH B O   1 
HETATM 1687 O O   . HOH E 5 .   ? 1.437   11.051  -3.026  1.00 32.91 ? 407 HOH B O   1 
HETATM 1688 O O   . HOH E 5 .   ? -10.026 9.159   -21.778 1.00 27.25 ? 408 HOH B O   1 
HETATM 1689 O O   . HOH E 5 .   ? -15.128 -14.429 1.879   1.00 38.54 ? 409 HOH B O   1 
HETATM 1690 O O   . HOH E 5 .   ? 7.267   -9.138  15.437  1.00 33.75 ? 410 HOH B O   1 
HETATM 1691 O O   . HOH E 5 .   ? 9.318   -1.915  -12.266 1.00 26.64 ? 411 HOH B O   1 
HETATM 1692 O O   . HOH E 5 .   ? -5.006  8.981   -13.672 1.00 24.43 ? 412 HOH B O   1 
HETATM 1693 O O   . HOH E 5 .   ? 15.524  7.798   -8.437  1.00 20.64 ? 413 HOH B O   1 
HETATM 1694 O O   . HOH E 5 .   ? -10.236 -11.635 -5.253  1.00 27.87 ? 414 HOH B O   1 
HETATM 1695 O O   . HOH E 5 .   ? 8.267   4.961   -8.847  1.00 15.50 ? 415 HOH B O   1 
HETATM 1696 O O   . HOH E 5 .   ? 14.468  10.389  -11.803 1.00 25.31 ? 416 HOH B O   1 
HETATM 1697 O O   . HOH E 5 .   ? 14.808  7.321   7.788   1.00 44.37 ? 417 HOH B O   1 
HETATM 1698 O O   . HOH E 5 .   ? 7.228   -8.862  -15.697 1.00 32.16 ? 418 HOH B O   1 
HETATM 1699 O O   . HOH E 5 .   ? -12.997 3.716   10.313  1.00 38.11 ? 419 HOH B O   1 
HETATM 1700 O O   . HOH E 5 .   ? -3.919  23.236  -9.043  1.00 48.69 ? 420 HOH B O   1 
HETATM 1701 O O   . HOH E 5 .   ? 5.410   5.832   -22.546 1.00 35.41 ? 421 HOH B O   1 
HETATM 1702 O O   . HOH E 5 .   ? -18.561 1.448   -9.297  1.00 38.75 ? 422 HOH B O   1 
HETATM 1703 O O   . HOH E 5 .   ? 7.450   -12.234 -7.699  1.00 41.54 ? 423 HOH B O   1 
HETATM 1704 O O   . HOH E 5 .   ? 10.057  -11.459 8.533   1.00 31.68 ? 424 HOH B O   1 
HETATM 1705 O O   . HOH E 5 .   ? -15.365 6.218   0.657   1.00 37.30 ? 425 HOH B O   1 
HETATM 1706 O O   . HOH E 5 .   ? 14.436  8.208   3.716   1.00 32.16 ? 426 HOH B O   1 
HETATM 1707 O O   . HOH E 5 .   ? 1.947   14.037  -19.916 0.50 25.67 ? 427 HOH B O   1 
HETATM 1708 O O   . HOH E 5 .   ? -4.858  1.838   -24.142 1.00 52.24 ? 428 HOH B O   1 
HETATM 1709 O O   . HOH E 5 .   ? 4.448   -12.475 -16.907 1.00 38.59 ? 429 HOH B O   1 
HETATM 1710 O O   . HOH E 5 .   ? -10.228 2.811   13.668  1.00 40.80 ? 430 HOH B O   1 
HETATM 1711 O O   . HOH E 5 .   ? -13.286 9.738   -18.377 1.00 36.77 ? 431 HOH B O   1 
HETATM 1712 O O   . HOH E 5 .   ? -15.242 -16.723 9.547   1.00 34.75 ? 432 HOH B O   1 
HETATM 1713 O O   . HOH E 5 .   ? 10.806  -9.092  -7.015  1.00 40.09 ? 433 HOH B O   1 
HETATM 1714 O O   . HOH E 5 .   ? -15.625 9.177   -10.992 1.00 44.45 ? 434 HOH B O   1 
HETATM 1715 O O   . HOH E 5 .   ? -2.113  -7.817  16.788  1.00 34.14 ? 435 HOH B O   1 
HETATM 1716 O O   . HOH E 5 .   ? 12.828  6.581   -14.074 1.00 37.39 ? 436 HOH B O   1 
HETATM 1717 O O   . HOH E 5 .   ? -6.168  5.205   15.669  1.00 27.08 ? 437 HOH B O   1 
HETATM 1718 O O   . HOH E 5 .   ? -14.043 3.438   13.993  1.00 32.16 ? 438 HOH B O   1 
HETATM 1719 O O   . HOH E 5 .   ? -7.145  -6.765  18.440  1.00 37.87 ? 439 HOH B O   1 
HETATM 1720 O O   . HOH E 5 .   ? 0.543   13.589  -2.155  1.00 49.27 ? 440 HOH B O   1 
# 
